data_4ELH
#
_entry.id   4ELH
#
_cell.length_a   68.350
_cell.length_b   136.034
_cell.length_c   168.360
_cell.angle_alpha   90.00
_cell.angle_beta   90.00
_cell.angle_gamma   90.00
#
_symmetry.space_group_name_H-M   'P 21 21 21'
#
loop_
_entity.id
_entity.type
_entity.pdbx_description
1 polymer 'Dihydrofolate reductase'
2 non-polymer 'CALCIUM ION'
3 non-polymer '(2E)-3-{5-[(2,4-diaminopyrimidin-5-yl)methyl]-2,3-dimethoxyphenyl}-1-[(1R)-1-(2-methylprop-1-en-1-yl)phthalazin-2(1H)-y l]prop-2-en-1-one'
4 non-polymer 'CHLORIDE ION'
5 non-polymer '(2E)-3-{5-[(2,4-diaminopyrimidin-5-yl)methyl]-2,3-dimethoxyphenyl}-1-[(1S)-1-(2-methylprop-1-en-1-yl)phthalazin-2(1H)-y l]prop-2-en-1-one'
6 water water
#
_entity_poly.entity_id   1
_entity_poly.type   'polypeptide(L)'
_entity_poly.pdbx_seq_one_letter_code
;MIVSFMVAMDENRVIGKDNNLPWRLPSELQYVKKTTMGHPLIMGRKNYEAIGRPLPGRRNIIVTRNEGYHVEGCEVAHSV
EEVFELCKNEEEIFIFGGAQIYDLFLPYVDKLYITKIHHAFEGDTFFPEMDMTNWKEVFVEKGLTDEKNPYTYYYHVYEK
QQLVPR
;
_entity_poly.pdbx_strand_id   A,H,C,B,G,F,D,E
#
# COMPACT_ATOMS: atom_id res chain seq x y z
N MET A 1 -45.91 -12.72 -31.52
CA MET A 1 -44.80 -11.98 -30.93
C MET A 1 -43.47 -12.62 -31.30
N ILE A 2 -42.65 -11.89 -32.05
CA ILE A 2 -41.30 -12.38 -32.40
C ILE A 2 -40.36 -12.22 -31.20
N VAL A 3 -39.80 -13.33 -30.75
CA VAL A 3 -38.80 -13.30 -29.70
C VAL A 3 -37.41 -13.33 -30.34
N SER A 4 -36.67 -12.22 -30.22
CA SER A 4 -35.37 -12.11 -30.89
C SER A 4 -34.20 -11.99 -29.92
N PHE A 5 -33.16 -12.80 -30.12
CA PHE A 5 -31.91 -12.62 -29.40
C PHE A 5 -31.10 -11.50 -30.06
N MET A 6 -30.58 -10.59 -29.26
CA MET A 6 -29.65 -9.58 -29.78
C MET A 6 -28.32 -9.77 -29.07
N VAL A 7 -27.25 -9.98 -29.84
CA VAL A 7 -26.02 -10.48 -29.27
C VAL A 7 -24.77 -10.01 -30.03
N ALA A 8 -23.74 -9.67 -29.27
CA ALA A 8 -22.43 -9.37 -29.85
C ALA A 8 -21.42 -10.25 -29.16
N MET A 9 -20.73 -11.09 -29.93
CA MET A 9 -19.80 -12.01 -29.33
C MET A 9 -18.54 -12.15 -30.18
N ASP A 10 -17.47 -12.61 -29.56
CA ASP A 10 -16.18 -12.81 -30.25
C ASP A 10 -16.08 -14.25 -30.77
N GLU A 11 -14.91 -14.62 -31.28
CA GLU A 11 -14.77 -15.87 -32.01
C GLU A 11 -14.89 -17.08 -31.09
N ASN A 12 -14.93 -16.84 -29.78
CA ASN A 12 -15.13 -17.90 -28.81
C ASN A 12 -16.43 -17.70 -28.03
N ARG A 13 -17.35 -16.92 -28.61
CA ARG A 13 -18.66 -16.67 -28.00
C ARG A 13 -18.57 -15.80 -26.77
N VAL A 14 -17.42 -15.19 -26.51
CA VAL A 14 -17.31 -14.30 -25.36
C VAL A 14 -18.31 -13.17 -25.51
N ILE A 15 -19.12 -12.91 -24.49
CA ILE A 15 -20.01 -11.75 -24.52
C ILE A 15 -19.73 -10.77 -23.37
N GLY A 16 -18.80 -11.12 -22.48
CA GLY A 16 -18.50 -10.24 -21.36
C GLY A 16 -17.21 -10.55 -20.62
N LYS A 17 -16.71 -9.55 -19.90
CA LYS A 17 -15.54 -9.70 -19.03
C LYS A 17 -15.74 -8.81 -17.83
N ASP A 18 -15.83 -9.42 -16.65
CA ASP A 18 -16.09 -8.67 -15.42
C ASP A 18 -17.30 -7.76 -15.62
N ASN A 19 -18.35 -8.32 -16.22
CA ASN A 19 -19.60 -7.58 -16.47
C ASN A 19 -19.53 -6.47 -17.50
N ASN A 20 -18.43 -6.35 -18.23
CA ASN A 20 -18.40 -5.36 -19.31
C ASN A 20 -18.03 -5.94 -20.68
N LEU A 21 -18.16 -5.11 -21.71
CA LEU A 21 -17.73 -5.50 -23.06
C LEU A 21 -16.21 -5.40 -23.15
N PRO A 22 -15.55 -6.47 -23.61
CA PRO A 22 -14.10 -6.39 -23.76
C PRO A 22 -13.68 -5.54 -24.97
N TRP A 23 -14.65 -5.10 -25.78
CA TRP A 23 -14.37 -4.26 -26.94
C TRP A 23 -15.12 -2.94 -26.89
N ARG A 24 -14.68 -1.94 -27.65
CA ARG A 24 -15.41 -0.67 -27.77
C ARG A 24 -15.68 -0.40 -29.23
N LEU A 25 -16.90 -0.65 -29.67
CA LEU A 25 -17.27 -0.50 -31.06
C LEU A 25 -18.53 0.34 -31.12
N PRO A 26 -18.39 1.67 -31.08
CA PRO A 26 -19.58 2.52 -31.09
C PRO A 26 -20.50 2.25 -32.29
N SER A 27 -19.94 1.92 -33.44
CA SER A 27 -20.75 1.66 -34.62
C SER A 27 -21.66 0.44 -34.37
N GLU A 28 -21.14 -0.53 -33.64
CA GLU A 28 -21.93 -1.72 -33.32
C GLU A 28 -23.14 -1.34 -32.48
N LEU A 29 -22.94 -0.47 -31.49
CA LEU A 29 -24.05 -0.07 -30.65
C LEU A 29 -25.06 0.76 -31.44
N GLN A 30 -24.57 1.54 -32.41
CA GLN A 30 -25.45 2.31 -33.27
C GLN A 30 -26.37 1.36 -34.05
N TYR A 31 -25.84 0.19 -34.41
CA TYR A 31 -26.65 -0.83 -35.10
C TYR A 31 -27.70 -1.41 -34.17
N VAL A 32 -27.31 -1.69 -32.93
CA VAL A 32 -28.24 -2.16 -31.91
C VAL A 32 -29.37 -1.14 -31.73
N LYS A 33 -29.01 0.13 -31.67
CA LYS A 33 -30.00 1.16 -31.43
C LYS A 33 -31.00 1.21 -32.57
N LYS A 34 -30.48 1.24 -33.81
CA LYS A 34 -31.32 1.27 -35.00
C LYS A 34 -32.24 0.04 -35.07
N THR A 35 -31.69 -1.12 -34.77
CA THR A 35 -32.43 -2.37 -34.94
C THR A 35 -33.53 -2.52 -33.89
N THR A 36 -33.29 -1.99 -32.69
CA THR A 36 -34.23 -2.20 -31.58
C THR A 36 -35.20 -1.04 -31.32
N MET A 37 -35.01 0.06 -32.03
CA MET A 37 -35.88 1.24 -31.91
C MET A 37 -37.36 0.84 -31.90
N GLY A 38 -38.09 1.34 -30.92
CA GLY A 38 -39.53 1.09 -30.81
C GLY A 38 -39.90 -0.32 -30.38
N HIS A 39 -38.93 -1.07 -29.87
CA HIS A 39 -39.17 -2.43 -29.39
C HIS A 39 -38.60 -2.61 -27.99
N PRO A 40 -39.23 -3.47 -27.19
CA PRO A 40 -38.73 -3.74 -25.84
C PRO A 40 -37.33 -4.37 -25.87
N LEU A 41 -36.47 -3.92 -24.96
CA LEU A 41 -35.18 -4.55 -24.69
C LEU A 41 -35.31 -5.29 -23.37
N ILE A 42 -35.02 -6.58 -23.40
CA ILE A 42 -35.16 -7.42 -22.23
C ILE A 42 -33.76 -7.80 -21.78
N MET A 43 -33.41 -7.45 -20.55
CA MET A 43 -32.06 -7.72 -20.06
C MET A 43 -32.02 -8.00 -18.56
N GLY A 44 -31.04 -8.79 -18.14
CA GLY A 44 -30.83 -9.07 -16.73
C GLY A 44 -30.24 -7.89 -15.99
N ARG A 45 -30.33 -7.92 -14.65
CA ARG A 45 -29.87 -6.81 -13.83
C ARG A 45 -28.40 -6.47 -14.07
N LYS A 46 -27.55 -7.49 -14.07
CA LYS A 46 -26.10 -7.29 -14.18
C LYS A 46 -25.81 -6.58 -15.49
N ASN A 47 -26.49 -7.03 -16.54
CA ASN A 47 -26.35 -6.40 -17.83
C ASN A 47 -26.81 -4.96 -17.73
N TYR A 48 -28.01 -4.73 -17.22
CA TYR A 48 -28.50 -3.37 -17.07
C TYR A 48 -27.51 -2.48 -16.28
N GLU A 49 -27.09 -2.95 -15.11
CA GLU A 49 -26.17 -2.16 -14.29
C GLU A 49 -24.83 -1.88 -14.98
N ALA A 50 -24.40 -2.80 -15.86
CA ALA A 50 -23.15 -2.59 -16.59
C ALA A 50 -23.28 -1.45 -17.59
N ILE A 51 -24.49 -1.29 -18.15
CA ILE A 51 -24.77 -0.21 -19.08
C ILE A 51 -24.93 1.09 -18.30
N GLY A 52 -25.49 1.01 -17.11
CA GLY A 52 -25.52 2.15 -16.21
C GLY A 52 -26.80 2.96 -16.21
N ARG A 53 -27.52 2.93 -17.33
CA ARG A 53 -28.71 3.76 -17.45
C ARG A 53 -29.69 3.16 -18.44
N PRO A 54 -30.94 3.66 -18.44
CA PRO A 54 -31.94 3.24 -19.45
C PRO A 54 -31.51 3.67 -20.85
N LEU A 55 -31.77 2.84 -21.84
CA LEU A 55 -31.53 3.23 -23.22
C LEU A 55 -32.81 3.86 -23.78
N PRO A 56 -32.75 5.15 -24.14
CA PRO A 56 -33.93 5.93 -24.52
C PRO A 56 -34.60 5.42 -25.79
N GLY A 57 -35.84 5.83 -26.02
CA GLY A 57 -36.59 5.43 -27.19
C GLY A 57 -36.90 3.95 -27.19
N ARG A 58 -36.77 3.33 -26.02
CA ARG A 58 -36.94 1.88 -25.89
C ARG A 58 -37.65 1.52 -24.59
N ARG A 59 -38.50 0.49 -24.64
CA ARG A 59 -39.04 -0.08 -23.43
C ARG A 59 -37.96 -0.96 -22.78
N ASN A 60 -37.36 -0.46 -21.71
CA ASN A 60 -36.32 -1.21 -21.01
C ASN A 60 -36.99 -2.07 -19.95
N ILE A 61 -36.78 -3.38 -20.03
CA ILE A 61 -37.38 -4.29 -19.05
C ILE A 61 -36.28 -5.11 -18.40
N ILE A 62 -36.11 -4.95 -17.10
CA ILE A 62 -35.04 -5.65 -16.40
C ILE A 62 -35.57 -6.90 -15.73
N VAL A 63 -34.91 -8.02 -15.99
CA VAL A 63 -35.34 -9.29 -15.43
C VAL A 63 -34.50 -9.69 -14.22
N THR A 64 -35.11 -9.71 -13.05
CA THR A 64 -34.48 -10.23 -11.84
C THR A 64 -35.49 -10.97 -10.94
N ARG A 65 -34.99 -11.95 -10.17
CA ARG A 65 -35.80 -12.64 -9.17
C ARG A 65 -36.10 -11.75 -7.97
N ASN A 66 -35.34 -10.67 -7.86
CA ASN A 66 -35.46 -9.72 -6.75
C ASN A 66 -36.75 -8.91 -6.81
N GLU A 67 -37.67 -9.16 -5.88
CA GLU A 67 -38.98 -8.51 -5.91
C GLU A 67 -38.98 -7.04 -5.51
N GLY A 68 -37.91 -6.59 -4.88
CA GLY A 68 -37.82 -5.20 -4.46
C GLY A 68 -37.05 -4.32 -5.43
N TYR A 69 -36.46 -4.92 -6.44
CA TYR A 69 -35.70 -4.18 -7.43
C TYR A 69 -36.61 -3.25 -8.21
N HIS A 70 -36.30 -1.96 -8.17
CA HIS A 70 -36.93 -0.97 -9.03
C HIS A 70 -35.84 -0.03 -9.51
N VAL A 71 -35.95 0.45 -10.75
CA VAL A 71 -35.15 1.58 -11.19
C VAL A 71 -36.02 2.52 -12.01
N GLU A 72 -35.82 3.82 -11.80
CA GLU A 72 -36.62 4.79 -12.52
C GLU A 72 -36.36 4.72 -14.02
N GLY A 73 -37.42 4.82 -14.81
CA GLY A 73 -37.32 4.77 -16.26
C GLY A 73 -37.21 3.37 -16.83
N CYS A 74 -37.42 2.36 -15.99
CA CYS A 74 -37.37 0.97 -16.44
C CYS A 74 -38.53 0.19 -15.85
N GLU A 75 -38.91 -0.88 -16.53
CA GLU A 75 -39.85 -1.84 -15.96
C GLU A 75 -39.05 -3.01 -15.44
N VAL A 76 -39.55 -3.65 -14.38
CA VAL A 76 -38.90 -4.84 -13.84
C VAL A 76 -39.82 -6.06 -13.91
N ALA A 77 -39.27 -7.18 -14.34
CA ALA A 77 -40.06 -8.39 -14.49
C ALA A 77 -39.25 -9.49 -13.83
N HIS A 78 -39.93 -10.47 -13.25
CA HIS A 78 -39.27 -11.44 -12.40
C HIS A 78 -39.31 -12.87 -12.97
N SER A 79 -39.86 -13.00 -14.17
CA SER A 79 -39.96 -14.30 -14.80
C SER A 79 -40.21 -14.14 -16.29
N VAL A 80 -40.02 -15.23 -17.02
CA VAL A 80 -40.37 -15.24 -18.44
C VAL A 80 -41.85 -14.94 -18.60
N GLU A 81 -42.68 -15.56 -17.79
CA GLU A 81 -44.12 -15.39 -17.96
C GLU A 81 -44.48 -13.92 -17.76
N GLU A 82 -43.80 -13.25 -16.84
CA GLU A 82 -44.12 -11.86 -16.56
C GLU A 82 -43.69 -10.95 -17.71
N VAL A 83 -42.59 -11.30 -18.37
CA VAL A 83 -42.15 -10.57 -19.55
C VAL A 83 -43.13 -10.73 -20.70
N PHE A 84 -43.53 -11.96 -20.98
CA PHE A 84 -44.52 -12.19 -22.03
C PHE A 84 -45.84 -11.47 -21.72
N GLU A 85 -46.22 -11.43 -20.45
CA GLU A 85 -47.42 -10.68 -20.07
C GLU A 85 -47.26 -9.17 -20.28
N LEU A 86 -46.13 -8.61 -19.82
CA LEU A 86 -45.81 -7.20 -20.06
C LEU A 86 -45.78 -6.85 -21.55
N CYS A 87 -45.25 -7.76 -22.36
CA CYS A 87 -45.09 -7.48 -23.79
C CYS A 87 -46.21 -8.08 -24.64
N LYS A 88 -47.34 -8.36 -24.00
CA LYS A 88 -48.43 -9.10 -24.64
C LYS A 88 -48.84 -8.54 -26.00
N ASN A 89 -48.74 -7.23 -26.17
CA ASN A 89 -49.16 -6.60 -27.40
C ASN A 89 -48.00 -6.25 -28.35
N GLU A 90 -46.79 -6.65 -27.97
CA GLU A 90 -45.59 -6.30 -28.73
C GLU A 90 -45.41 -7.21 -29.94
N GLU A 91 -44.98 -6.62 -31.05
CA GLU A 91 -44.72 -7.37 -32.28
C GLU A 91 -43.40 -8.14 -32.18
N GLU A 92 -42.39 -7.50 -31.59
CA GLU A 92 -41.08 -8.12 -31.45
C GLU A 92 -40.38 -7.65 -30.17
N ILE A 93 -39.81 -8.58 -29.42
CA ILE A 93 -38.98 -8.20 -28.29
C ILE A 93 -37.53 -8.64 -28.50
N PHE A 94 -36.59 -7.88 -27.93
CA PHE A 94 -35.18 -8.21 -28.07
C PHE A 94 -34.55 -8.64 -26.75
N ILE A 95 -34.18 -9.91 -26.65
CA ILE A 95 -33.48 -10.43 -25.49
C ILE A 95 -32.03 -9.94 -25.58
N PHE A 96 -31.62 -9.15 -24.59
CA PHE A 96 -30.41 -8.36 -24.74
C PHE A 96 -29.27 -8.92 -23.93
N GLY A 97 -29.53 -10.00 -23.22
CA GLY A 97 -28.43 -10.73 -22.65
C GLY A 97 -28.27 -10.67 -21.16
N GLY A 98 -27.10 -11.18 -20.78
CA GLY A 98 -26.95 -12.02 -19.64
C GLY A 98 -27.06 -13.40 -20.29
N ALA A 99 -26.00 -14.19 -20.18
CA ALA A 99 -26.06 -15.60 -20.59
C ALA A 99 -27.34 -16.28 -20.04
N GLN A 100 -27.61 -16.06 -18.77
CA GLN A 100 -28.71 -16.73 -18.09
C GLN A 100 -30.05 -16.26 -18.65
N ILE A 101 -30.11 -14.99 -19.05
CA ILE A 101 -31.31 -14.44 -19.67
C ILE A 101 -31.58 -15.05 -21.05
N TYR A 102 -30.53 -15.21 -21.86
CA TYR A 102 -30.66 -15.92 -23.12
C TYR A 102 -31.22 -17.34 -22.87
N ASP A 103 -30.66 -18.02 -21.87
CA ASP A 103 -31.09 -19.38 -21.57
C ASP A 103 -32.57 -19.40 -21.21
N LEU A 104 -33.01 -18.41 -20.43
CA LEU A 104 -34.42 -18.36 -20.04
C LEU A 104 -35.34 -18.32 -21.26
N PHE A 105 -34.86 -17.74 -22.35
CA PHE A 105 -35.75 -17.45 -23.47
C PHE A 105 -35.51 -18.36 -24.68
N LEU A 106 -34.53 -19.25 -24.52
CA LEU A 106 -34.15 -20.20 -25.57
C LEU A 106 -35.32 -21.01 -26.11
N PRO A 107 -36.20 -21.48 -25.22
CA PRO A 107 -37.29 -22.33 -25.74
C PRO A 107 -38.28 -21.55 -26.59
N TYR A 108 -38.16 -20.23 -26.62
CA TYR A 108 -39.12 -19.38 -27.33
C TYR A 108 -38.56 -18.57 -28.50
N VAL A 109 -37.24 -18.59 -28.67
CA VAL A 109 -36.60 -17.66 -29.61
C VAL A 109 -36.99 -17.96 -31.06
N ASP A 110 -37.25 -16.91 -31.84
CA ASP A 110 -37.65 -17.05 -33.24
C ASP A 110 -36.64 -16.47 -34.23
N LYS A 111 -35.74 -15.61 -33.74
CA LYS A 111 -34.89 -14.83 -34.61
C LYS A 111 -33.58 -14.46 -33.89
N LEU A 112 -32.44 -14.62 -34.56
CA LEU A 112 -31.14 -14.29 -33.95
C LEU A 112 -30.44 -13.16 -34.69
N TYR A 113 -30.17 -12.08 -33.97
CA TYR A 113 -29.33 -11.01 -34.50
C TYR A 113 -27.97 -11.14 -33.82
N ILE A 114 -27.00 -11.67 -34.56
CA ILE A 114 -25.71 -11.99 -33.96
C ILE A 114 -24.61 -11.19 -34.62
N THR A 115 -23.93 -10.37 -33.84
CA THR A 115 -22.73 -9.69 -34.31
C THR A 115 -21.56 -10.57 -33.94
N LYS A 116 -20.75 -10.94 -34.93
CA LYS A 116 -19.57 -11.78 -34.70
C LYS A 116 -18.27 -11.00 -34.87
N ILE A 117 -17.52 -10.86 -33.79
CA ILE A 117 -16.32 -10.05 -33.82
C ILE A 117 -15.12 -10.95 -34.09
N HIS A 118 -14.35 -10.62 -35.13
CA HIS A 118 -13.28 -11.51 -35.56
C HIS A 118 -12.01 -11.33 -34.74
N HIS A 119 -12.08 -11.77 -33.50
CA HIS A 119 -11.00 -11.59 -32.55
C HIS A 119 -11.29 -12.46 -31.33
N ALA A 120 -10.24 -12.82 -30.60
CA ALA A 120 -10.40 -13.55 -29.35
C ALA A 120 -10.00 -12.62 -28.21
N PHE A 121 -10.97 -12.27 -27.36
CA PHE A 121 -10.69 -11.47 -26.18
C PHE A 121 -10.57 -12.35 -24.95
N GLU A 122 -10.19 -11.73 -23.84
CA GLU A 122 -10.28 -12.40 -22.54
C GLU A 122 -11.70 -12.22 -22.03
N GLY A 123 -12.36 -13.33 -21.68
CA GLY A 123 -13.75 -13.28 -21.28
C GLY A 123 -14.08 -14.23 -20.14
N ASP A 124 -15.21 -13.98 -19.49
CA ASP A 124 -15.63 -14.85 -18.40
C ASP A 124 -17.10 -15.26 -18.51
N THR A 125 -17.78 -14.82 -19.55
CA THR A 125 -19.17 -15.18 -19.79
C THR A 125 -19.44 -15.28 -21.30
N PHE A 126 -20.32 -16.21 -21.68
CA PHE A 126 -20.43 -16.66 -23.07
C PHE A 126 -21.86 -16.82 -23.56
N PHE A 127 -22.05 -16.55 -24.85
CA PHE A 127 -23.30 -16.89 -25.52
C PHE A 127 -23.39 -18.42 -25.60
N PRO A 128 -24.42 -19.00 -24.99
CA PRO A 128 -24.58 -20.47 -24.99
C PRO A 128 -24.51 -21.07 -26.39
N GLU A 129 -23.89 -22.24 -26.51
CA GLU A 129 -23.93 -22.99 -27.75
C GLU A 129 -25.36 -23.13 -28.26
N MET A 130 -25.51 -23.14 -29.59
CA MET A 130 -26.81 -23.36 -30.23
C MET A 130 -26.61 -24.17 -31.48
N ASP A 131 -27.44 -25.20 -31.66
CA ASP A 131 -27.44 -25.99 -32.88
C ASP A 131 -27.98 -25.12 -34.01
N MET A 132 -27.08 -24.68 -34.89
CA MET A 132 -27.43 -23.75 -35.95
C MET A 132 -28.03 -24.45 -37.17
N THR A 133 -28.14 -25.77 -37.11
CA THR A 133 -28.80 -26.49 -38.21
C THR A 133 -30.30 -26.18 -38.19
N ASN A 134 -30.81 -25.73 -37.05
CA ASN A 134 -32.20 -25.30 -36.94
C ASN A 134 -32.39 -23.88 -37.46
N TRP A 135 -31.28 -23.24 -37.83
CA TRP A 135 -31.32 -21.83 -38.23
C TRP A 135 -30.83 -21.62 -39.65
N LYS A 136 -31.30 -20.53 -40.25
CA LYS A 136 -30.95 -20.19 -41.63
C LYS A 136 -30.60 -18.71 -41.67
N GLU A 137 -29.46 -18.37 -42.25
CA GLU A 137 -29.11 -16.96 -42.36
C GLU A 137 -30.00 -16.25 -43.35
N VAL A 138 -30.48 -15.07 -42.99
CA VAL A 138 -31.31 -14.27 -43.89
C VAL A 138 -30.67 -12.92 -44.21
N PHE A 139 -29.63 -12.56 -43.47
CA PHE A 139 -28.93 -11.29 -43.73
C PHE A 139 -27.52 -11.30 -43.14
N VAL A 140 -26.58 -10.73 -43.88
CA VAL A 140 -25.23 -10.50 -43.37
C VAL A 140 -24.74 -9.15 -43.87
N GLU A 141 -23.89 -8.50 -43.08
CA GLU A 141 -23.26 -7.25 -43.47
C GLU A 141 -21.98 -7.04 -42.64
N LYS A 142 -20.87 -6.79 -43.31
CA LYS A 142 -19.61 -6.46 -42.63
C LYS A 142 -19.75 -5.13 -41.93
N GLY A 143 -19.40 -5.11 -40.65
CA GLY A 143 -19.48 -3.90 -39.86
C GLY A 143 -18.44 -2.87 -40.27
N LEU A 144 -18.62 -1.64 -39.79
CA LEU A 144 -17.69 -0.56 -40.08
C LEU A 144 -16.44 -0.70 -39.20
N THR A 145 -15.28 -0.93 -39.82
CA THR A 145 -14.00 -0.96 -39.12
C THR A 145 -13.20 0.31 -39.43
N ASP A 146 -12.77 1.04 -38.41
CA ASP A 146 -12.02 2.29 -38.58
C ASP A 146 -11.29 2.69 -37.29
N GLU A 147 -10.98 3.97 -37.13
CA GLU A 147 -10.21 4.44 -35.95
C GLU A 147 -10.94 4.20 -34.63
N LYS A 148 -12.26 4.37 -34.66
CA LYS A 148 -13.12 4.23 -33.47
C LYS A 148 -13.65 2.81 -33.25
N ASN A 149 -13.58 1.99 -34.30
CA ASN A 149 -14.07 0.62 -34.25
C ASN A 149 -12.96 -0.30 -34.74
N PRO A 150 -12.02 -0.64 -33.85
CA PRO A 150 -10.76 -1.22 -34.35
C PRO A 150 -10.90 -2.59 -35.01
N TYR A 151 -11.80 -3.41 -34.50
CA TYR A 151 -11.88 -4.81 -34.89
C TYR A 151 -12.73 -5.02 -36.14
N THR A 152 -12.56 -6.19 -36.72
CA THR A 152 -13.35 -6.61 -37.88
C THR A 152 -14.52 -7.43 -37.33
N TYR A 153 -15.73 -7.12 -37.77
CA TYR A 153 -16.92 -7.81 -37.26
C TYR A 153 -18.03 -7.77 -38.29
N TYR A 154 -18.98 -8.70 -38.12
CA TYR A 154 -20.07 -8.91 -39.08
C TYR A 154 -21.42 -9.03 -38.39
N TYR A 155 -22.41 -8.32 -38.92
CA TYR A 155 -23.80 -8.46 -38.49
C TYR A 155 -24.41 -9.65 -39.21
N HIS A 156 -24.97 -10.60 -38.45
CA HIS A 156 -25.68 -11.75 -39.02
C HIS A 156 -27.07 -11.80 -38.44
N VAL A 157 -28.03 -12.19 -39.26
CA VAL A 157 -29.41 -12.34 -38.78
C VAL A 157 -29.95 -13.69 -39.25
N TYR A 158 -30.53 -14.45 -38.32
CA TYR A 158 -30.97 -15.80 -38.63
C TYR A 158 -32.45 -15.98 -38.28
N GLU A 159 -33.14 -16.76 -39.11
CA GLU A 159 -34.49 -17.20 -38.81
C GLU A 159 -34.54 -18.73 -38.77
N LYS A 160 -35.67 -19.27 -38.29
CA LYS A 160 -35.84 -20.72 -38.18
C LYS A 160 -35.79 -21.41 -39.54
N GLN A 161 -35.05 -22.52 -39.60
CA GLN A 161 -34.97 -23.31 -40.80
C GLN A 161 -36.23 -24.15 -40.83
N GLN A 162 -37.01 -24.02 -41.91
CA GLN A 162 -38.19 -24.86 -42.05
C GLN A 162 -37.79 -26.27 -42.47
N LEU A 163 -38.47 -27.27 -41.92
CA LEU A 163 -38.21 -28.65 -42.31
C LEU A 163 -39.13 -29.07 -43.45
N VAL A 164 -38.58 -29.77 -44.44
CA VAL A 164 -39.40 -30.35 -45.49
C VAL A 164 -39.88 -31.73 -45.07
N PRO A 165 -41.20 -31.92 -45.00
CA PRO A 165 -41.78 -33.19 -44.55
C PRO A 165 -41.35 -34.39 -45.39
N ARG A 166 -41.23 -35.54 -44.74
CA ARG A 166 -40.92 -36.76 -45.45
C ARG A 166 -42.20 -37.33 -46.03
N MET B 1 40.90 28.05 -4.48
CA MET B 1 39.44 28.11 -4.47
C MET B 1 38.86 27.02 -5.35
N ILE B 2 38.02 26.17 -4.76
CA ILE B 2 37.34 25.12 -5.53
C ILE B 2 36.08 25.72 -6.11
N VAL B 3 36.01 25.82 -7.43
CA VAL B 3 34.78 26.26 -8.04
C VAL B 3 33.91 25.03 -8.26
N SER B 4 32.74 25.01 -7.62
CA SER B 4 31.83 23.87 -7.72
C SER B 4 30.50 24.22 -8.39
N PHE B 5 30.05 23.34 -9.28
CA PHE B 5 28.68 23.45 -9.79
C PHE B 5 27.78 22.64 -8.87
N MET B 6 26.66 23.24 -8.48
CA MET B 6 25.59 22.52 -7.80
C MET B 6 24.44 22.45 -8.79
N VAL B 7 24.05 21.23 -9.14
CA VAL B 7 23.07 21.00 -10.21
C VAL B 7 22.05 19.91 -9.87
N ALA B 8 20.79 20.15 -10.25
CA ALA B 8 19.76 19.11 -10.23
C ALA B 8 19.13 19.07 -11.62
N MET B 9 19.21 17.92 -12.28
CA MET B 9 18.69 17.81 -13.63
C MET B 9 18.01 16.46 -13.86
N ASP B 10 17.22 16.35 -14.93
CA ASP B 10 16.53 15.10 -15.23
C ASP B 10 17.30 14.28 -16.26
N GLU B 11 16.65 13.27 -16.84
CA GLU B 11 17.32 12.36 -17.76
C GLU B 11 17.81 13.06 -19.02
N ASN B 12 17.22 14.20 -19.33
CA ASN B 12 17.57 14.92 -20.54
C ASN B 12 18.20 16.27 -20.20
N ARG B 13 18.79 16.34 -19.00
CA ARG B 13 19.52 17.52 -18.53
C ARG B 13 18.62 18.74 -18.31
N VAL B 14 17.32 18.49 -18.16
CA VAL B 14 16.40 19.58 -17.82
C VAL B 14 16.71 20.09 -16.41
N ILE B 15 16.82 21.41 -16.29
CA ILE B 15 17.09 22.03 -14.99
C ILE B 15 16.04 23.04 -14.62
N GLY B 16 15.09 23.26 -15.53
CA GLY B 16 14.07 24.28 -15.32
C GLY B 16 12.96 24.23 -16.33
N LYS B 17 11.79 24.73 -15.92
CA LYS B 17 10.66 24.94 -16.81
C LYS B 17 9.91 26.17 -16.30
N ASP B 18 9.75 27.16 -17.16
CA ASP B 18 9.02 28.38 -16.81
C ASP B 18 9.52 28.99 -15.51
N ASN B 19 10.85 29.11 -15.39
CA ASN B 19 11.46 29.70 -14.21
C ASN B 19 11.05 29.00 -12.92
N ASN B 20 11.22 27.68 -12.90
CA ASN B 20 10.88 26.89 -11.72
C ASN B 20 11.25 25.45 -11.96
N LEU B 21 11.14 24.65 -10.91
CA LEU B 21 11.49 23.24 -11.01
C LEU B 21 10.25 22.44 -11.40
N PRO B 22 10.38 21.54 -12.39
CA PRO B 22 9.29 20.63 -12.80
C PRO B 22 9.01 19.58 -11.73
N TRP B 23 9.92 19.45 -10.76
CA TRP B 23 9.73 18.47 -9.70
C TRP B 23 9.72 19.17 -8.34
N ARG B 24 9.17 18.50 -7.32
CA ARG B 24 9.16 19.05 -5.97
C ARG B 24 9.74 17.97 -5.09
N LEU B 25 10.99 18.16 -4.70
CA LEU B 25 11.69 17.18 -3.90
C LEU B 25 12.34 17.93 -2.74
N PRO B 26 11.58 18.18 -1.67
CA PRO B 26 12.11 18.91 -0.50
C PRO B 26 13.41 18.28 0.01
N SER B 27 13.51 16.94 -0.05
CA SER B 27 14.71 16.28 0.44
C SER B 27 15.95 16.68 -0.37
N GLU B 28 15.83 16.75 -1.69
CA GLU B 28 16.92 17.22 -2.56
C GLU B 28 17.38 18.62 -2.13
N LEU B 29 16.44 19.49 -1.76
CA LEU B 29 16.81 20.84 -1.33
C LEU B 29 17.50 20.85 0.03
N GLN B 30 17.14 19.90 0.88
CA GLN B 30 17.81 19.71 2.16
C GLN B 30 19.26 19.31 1.92
N TYR B 31 19.49 18.50 0.89
CA TYR B 31 20.87 18.17 0.49
C TYR B 31 21.64 19.43 0.06
N VAL B 32 21.02 20.25 -0.79
CA VAL B 32 21.58 21.54 -1.16
C VAL B 32 21.94 22.38 0.07
N LYS B 33 21.01 22.46 1.01
CA LYS B 33 21.21 23.28 2.20
C LYS B 33 22.43 22.80 2.99
N LYS B 34 22.53 21.49 3.16
CA LYS B 34 23.59 20.86 3.93
C LYS B 34 24.94 21.01 3.25
N THR B 35 24.98 20.71 1.94
CA THR B 35 26.21 20.75 1.17
C THR B 35 26.81 22.15 1.03
N THR B 36 25.95 23.17 0.90
CA THR B 36 26.42 24.53 0.68
C THR B 36 26.54 25.35 1.96
N MET B 37 26.28 24.74 3.11
CA MET B 37 26.26 25.48 4.37
C MET B 37 27.61 26.17 4.64
N GLY B 38 27.57 27.49 4.83
CA GLY B 38 28.78 28.22 5.16
C GLY B 38 29.67 28.50 3.95
N HIS B 39 29.15 28.23 2.76
CA HIS B 39 29.90 28.54 1.55
C HIS B 39 29.13 29.51 0.66
N PRO B 40 29.85 30.25 -0.20
CA PRO B 40 29.16 31.22 -1.07
C PRO B 40 28.25 30.49 -2.05
N LEU B 41 27.04 31.01 -2.23
CA LEU B 41 26.09 30.45 -3.18
C LEU B 41 25.88 31.45 -4.32
N ILE B 42 26.37 31.11 -5.52
CA ILE B 42 26.34 32.06 -6.64
C ILE B 42 25.22 31.73 -7.64
N MET B 43 24.36 32.70 -7.92
CA MET B 43 23.21 32.42 -8.78
C MET B 43 22.79 33.62 -9.60
N GLY B 44 22.14 33.36 -10.73
CA GLY B 44 21.64 34.42 -11.58
C GLY B 44 20.39 35.02 -10.98
N ARG B 45 20.07 36.25 -11.38
CA ARG B 45 18.90 36.96 -10.90
C ARG B 45 17.61 36.17 -11.16
N LYS B 46 17.44 35.67 -12.39
CA LYS B 46 16.25 34.90 -12.73
C LYS B 46 16.12 33.72 -11.77
N ASN B 47 17.24 33.05 -11.51
CA ASN B 47 17.23 31.94 -10.56
C ASN B 47 16.87 32.41 -9.15
N TYR B 48 17.46 33.53 -8.72
CA TYR B 48 17.17 34.03 -7.38
C TYR B 48 15.71 34.45 -7.23
N GLU B 49 15.16 35.12 -8.23
CA GLU B 49 13.79 35.61 -8.15
C GLU B 49 12.78 34.46 -8.18
N ALA B 50 13.14 33.37 -8.84
CA ALA B 50 12.28 32.19 -8.85
C ALA B 50 12.16 31.59 -7.46
N ILE B 51 13.26 31.65 -6.69
CA ILE B 51 13.28 31.15 -5.32
C ILE B 51 12.52 32.10 -4.40
N GLY B 52 12.61 33.40 -4.68
CA GLY B 52 11.86 34.40 -3.96
C GLY B 52 12.67 35.19 -2.95
N ARG B 53 13.58 34.51 -2.27
CA ARG B 53 14.36 35.15 -1.20
C ARG B 53 15.59 34.31 -0.84
N PRO B 54 16.52 34.90 -0.09
CA PRO B 54 17.79 34.24 0.27
C PRO B 54 17.64 33.01 1.18
N LEU B 55 18.51 32.02 0.95
CA LEU B 55 18.63 30.89 1.84
C LEU B 55 19.69 31.22 2.88
N PRO B 56 19.27 31.49 4.12
CA PRO B 56 20.19 32.02 5.13
C PRO B 56 21.27 31.00 5.50
N GLY B 57 22.39 31.47 6.04
CA GLY B 57 23.44 30.58 6.51
C GLY B 57 24.46 30.22 5.44
N ARG B 58 24.43 30.98 4.35
CA ARG B 58 25.48 30.91 3.34
C ARG B 58 25.66 32.28 2.73
N ARG B 59 26.87 32.55 2.25
CA ARG B 59 27.16 33.80 1.58
C ARG B 59 26.47 33.79 0.21
N ASN B 60 25.30 34.42 0.15
CA ASN B 60 24.54 34.48 -1.10
C ASN B 60 25.11 35.55 -2.03
N ILE B 61 25.24 35.23 -3.32
CA ILE B 61 25.73 36.21 -4.29
C ILE B 61 24.92 36.14 -5.58
N ILE B 62 24.28 37.25 -5.94
CA ILE B 62 23.47 37.30 -7.16
C ILE B 62 24.26 37.93 -8.32
N VAL B 63 24.23 37.28 -9.47
CA VAL B 63 24.97 37.76 -10.63
C VAL B 63 24.05 38.36 -11.69
N THR B 64 24.33 39.61 -12.06
CA THR B 64 23.51 40.33 -13.03
C THR B 64 24.26 41.50 -13.66
N ARG B 65 23.85 41.91 -14.86
CA ARG B 65 24.43 43.07 -15.51
C ARG B 65 24.00 44.35 -14.80
N ASN B 66 22.70 44.50 -14.61
CA ASN B 66 22.11 45.56 -13.80
C ASN B 66 22.96 45.92 -12.57
N GLU B 67 23.64 47.07 -12.62
CA GLU B 67 24.50 47.55 -11.54
C GLU B 67 23.69 48.23 -10.45
N GLY B 68 22.36 48.16 -10.57
CA GLY B 68 21.48 48.79 -9.60
C GLY B 68 20.54 47.79 -8.95
N TYR B 69 20.94 46.53 -8.92
CA TYR B 69 20.17 45.50 -8.22
C TYR B 69 20.67 45.40 -6.78
N HIS B 70 19.72 45.32 -5.86
CA HIS B 70 20.06 45.20 -4.44
C HIS B 70 19.07 44.27 -3.74
N VAL B 71 19.56 43.52 -2.76
CA VAL B 71 18.72 42.62 -1.98
C VAL B 71 19.33 42.41 -0.60
N GLU B 72 18.54 42.67 0.44
CA GLU B 72 19.01 42.49 1.80
C GLU B 72 19.42 41.03 2.02
N GLY B 73 20.66 40.83 2.45
CA GLY B 73 21.16 39.49 2.73
C GLY B 73 21.92 38.87 1.58
N CYS B 74 22.23 39.66 0.57
CA CYS B 74 23.00 39.18 -0.57
C CYS B 74 24.02 40.21 -1.04
N GLU B 75 25.25 39.74 -1.29
CA GLU B 75 26.20 40.54 -2.04
C GLU B 75 25.80 40.45 -3.52
N VAL B 76 26.22 41.40 -4.34
CA VAL B 76 25.86 41.38 -5.75
C VAL B 76 27.06 41.61 -6.67
N ALA B 77 27.19 40.77 -7.69
CA ALA B 77 28.30 40.86 -8.63
C ALA B 77 27.81 40.99 -10.07
N HIS B 78 28.66 41.53 -10.95
CA HIS B 78 28.24 41.87 -12.30
C HIS B 78 29.16 41.27 -13.37
N SER B 79 30.01 40.34 -12.95
CA SER B 79 30.93 39.68 -13.87
C SER B 79 31.62 38.55 -13.13
N VAL B 80 32.30 37.66 -13.86
CA VAL B 80 33.08 36.60 -13.23
C VAL B 80 34.19 37.23 -12.37
N GLU B 81 34.87 38.20 -12.96
CA GLU B 81 35.90 38.95 -12.27
C GLU B 81 35.41 39.38 -10.88
N GLU B 82 34.33 40.14 -10.84
CA GLU B 82 33.78 40.58 -9.56
C GLU B 82 33.61 39.40 -8.60
N VAL B 83 33.04 38.31 -9.09
CA VAL B 83 32.79 37.15 -8.23
C VAL B 83 34.08 36.59 -7.63
N PHE B 84 35.11 36.42 -8.46
CA PHE B 84 36.37 35.82 -8.00
C PHE B 84 37.07 36.72 -6.98
N GLU B 85 36.94 38.03 -7.15
CA GLU B 85 37.50 38.98 -6.19
C GLU B 85 36.78 38.88 -4.84
N LEU B 86 35.45 38.76 -4.88
CA LEU B 86 34.66 38.60 -3.64
C LEU B 86 35.02 37.33 -2.88
N CYS B 87 35.25 36.25 -3.62
CA CYS B 87 35.55 34.96 -3.01
C CYS B 87 37.04 34.62 -3.03
N LYS B 88 37.88 35.64 -3.24
CA LYS B 88 39.32 35.42 -3.41
C LYS B 88 39.92 34.58 -2.30
N ASN B 89 39.28 34.63 -1.13
CA ASN B 89 39.72 33.87 0.03
C ASN B 89 39.09 32.48 0.12
N GLU B 90 37.79 32.41 -0.16
CA GLU B 90 36.97 31.21 0.04
C GLU B 90 37.64 29.91 -0.44
N GLU B 91 37.35 28.83 0.26
CA GLU B 91 37.95 27.53 -0.05
C GLU B 91 37.10 26.75 -1.05
N GLU B 92 35.82 27.09 -1.13
CA GLU B 92 34.91 26.46 -2.10
C GLU B 92 33.65 27.30 -2.33
N ILE B 93 33.32 27.54 -3.59
CA ILE B 93 32.10 28.27 -3.95
C ILE B 93 31.17 27.40 -4.81
N PHE B 94 29.87 27.62 -4.69
CA PHE B 94 28.86 26.81 -5.42
C PHE B 94 28.11 27.63 -6.45
N ILE B 95 28.28 27.27 -7.72
CA ILE B 95 27.55 27.92 -8.79
C ILE B 95 26.17 27.23 -8.85
N PHE B 96 25.11 28.01 -8.60
CA PHE B 96 23.78 27.43 -8.36
C PHE B 96 22.90 27.55 -9.58
N GLY B 97 23.48 28.13 -10.62
CA GLY B 97 22.85 28.06 -11.91
C GLY B 97 22.01 29.21 -12.37
N GLY B 98 21.10 28.82 -13.26
CA GLY B 98 20.78 29.56 -14.44
C GLY B 98 21.76 28.91 -15.43
N ALA B 99 21.27 28.39 -16.54
CA ALA B 99 22.14 27.83 -17.56
C ALA B 99 23.27 28.79 -17.88
N GLN B 100 22.94 30.07 -18.01
CA GLN B 100 23.92 31.07 -18.46
C GLN B 100 25.06 31.23 -17.45
N ILE B 101 24.70 31.16 -16.17
CA ILE B 101 25.65 31.27 -15.09
C ILE B 101 26.63 30.09 -15.09
N TYR B 102 26.13 28.90 -15.38
CA TYR B 102 27.01 27.74 -15.47
C TYR B 102 28.00 27.99 -16.61
N ASP B 103 27.49 28.45 -17.75
CA ASP B 103 28.34 28.73 -18.90
C ASP B 103 29.45 29.70 -18.50
N LEU B 104 29.11 30.72 -17.72
CA LEU B 104 30.10 31.75 -17.38
C LEU B 104 31.26 31.17 -16.57
N PHE B 105 30.98 30.15 -15.78
CA PHE B 105 31.96 29.63 -14.83
C PHE B 105 32.54 28.30 -15.27
N LEU B 106 32.17 27.88 -16.48
CA LEU B 106 32.64 26.61 -17.01
C LEU B 106 34.17 26.50 -17.17
N PRO B 107 34.84 27.58 -17.60
CA PRO B 107 36.31 27.46 -17.74
C PRO B 107 37.07 27.26 -16.43
N TYR B 108 36.38 27.44 -15.31
CA TYR B 108 37.01 27.43 -14.00
C TYR B 108 36.49 26.29 -13.12
N VAL B 109 35.56 25.48 -13.60
CA VAL B 109 34.94 24.49 -12.71
C VAL B 109 35.90 23.38 -12.26
N ASP B 110 35.88 23.05 -10.97
CA ASP B 110 36.74 22.03 -10.41
C ASP B 110 35.98 20.84 -9.82
N LYS B 111 34.70 21.02 -9.54
CA LYS B 111 33.94 19.97 -8.86
C LYS B 111 32.47 20.01 -9.29
N LEU B 112 31.85 18.85 -9.45
CA LEU B 112 30.47 18.83 -9.89
C LEU B 112 29.61 18.10 -8.86
N TYR B 113 28.62 18.79 -8.31
CA TYR B 113 27.63 18.15 -7.44
C TYR B 113 26.35 18.03 -8.25
N ILE B 114 26.11 16.85 -8.83
CA ILE B 114 24.99 16.74 -9.77
C ILE B 114 23.95 15.77 -9.24
N THR B 115 22.73 16.27 -9.04
CA THR B 115 21.62 15.38 -8.68
C THR B 115 20.96 14.96 -9.99
N LYS B 116 20.95 13.67 -10.26
CA LYS B 116 20.32 13.12 -11.46
C LYS B 116 18.94 12.51 -11.13
N ILE B 117 17.89 13.11 -11.64
CA ILE B 117 16.52 12.64 -11.42
C ILE B 117 16.10 11.69 -12.55
N HIS B 118 15.70 10.48 -12.18
CA HIS B 118 15.36 9.45 -13.16
C HIS B 118 13.93 9.57 -13.67
N HIS B 119 13.69 10.57 -14.50
CA HIS B 119 12.39 10.84 -15.11
C HIS B 119 12.65 11.83 -16.25
N ALA B 120 11.78 11.83 -17.25
CA ALA B 120 11.85 12.85 -18.29
C ALA B 120 10.71 13.86 -18.09
N PHE B 121 11.04 15.11 -17.78
CA PHE B 121 10.04 16.14 -17.56
C PHE B 121 9.92 17.01 -18.80
N GLU B 122 8.88 17.84 -18.84
CA GLU B 122 8.81 18.91 -19.84
C GLU B 122 9.69 20.07 -19.36
N GLY B 123 10.64 20.50 -20.18
CA GLY B 123 11.59 21.52 -19.75
C GLY B 123 11.96 22.53 -20.82
N ASP B 124 12.56 23.65 -20.41
CA ASP B 124 12.85 24.74 -21.34
C ASP B 124 14.21 25.38 -21.08
N THR B 125 14.93 24.87 -20.10
CA THR B 125 16.31 25.28 -19.87
C THR B 125 17.10 24.06 -19.43
N PHE B 126 18.36 23.99 -19.85
CA PHE B 126 19.14 22.74 -19.75
C PHE B 126 20.55 22.94 -19.24
N PHE B 127 21.03 21.98 -18.46
CA PHE B 127 22.42 21.96 -18.05
C PHE B 127 23.26 21.62 -19.27
N PRO B 128 24.20 22.52 -19.63
CA PRO B 128 25.05 22.33 -20.80
C PRO B 128 25.72 20.97 -20.76
N GLU B 129 25.97 20.37 -21.91
CA GLU B 129 26.62 19.07 -21.98
C GLU B 129 28.08 19.20 -21.58
N MET B 130 28.62 18.16 -20.94
CA MET B 130 30.02 18.19 -20.51
C MET B 130 30.77 16.92 -20.89
N ASP B 131 32.02 17.09 -21.35
CA ASP B 131 32.88 15.95 -21.61
C ASP B 131 33.31 15.35 -20.27
N MET B 132 32.62 14.30 -19.85
CA MET B 132 32.88 13.72 -18.54
C MET B 132 34.09 12.77 -18.50
N THR B 133 34.78 12.64 -19.63
CA THR B 133 35.94 11.75 -19.71
C THR B 133 37.11 12.27 -18.89
N ASN B 134 37.05 13.54 -18.49
CA ASN B 134 38.07 14.06 -17.61
C ASN B 134 37.57 14.29 -16.18
N TRP B 135 36.40 13.71 -15.89
CA TRP B 135 35.81 13.77 -14.57
C TRP B 135 35.74 12.40 -13.89
N LYS B 136 35.99 12.38 -12.58
CA LYS B 136 36.02 11.14 -11.82
C LYS B 136 34.95 11.18 -10.74
N GLU B 137 34.02 10.23 -10.80
CA GLU B 137 33.03 10.12 -9.72
C GLU B 137 33.71 9.68 -8.42
N VAL B 138 33.57 10.49 -7.38
CA VAL B 138 34.18 10.18 -6.09
C VAL B 138 33.12 9.81 -5.05
N PHE B 139 31.85 10.10 -5.35
CA PHE B 139 30.78 9.79 -4.41
C PHE B 139 29.44 9.71 -5.13
N VAL B 140 28.63 8.71 -4.76
CA VAL B 140 27.25 8.61 -5.22
C VAL B 140 26.36 8.17 -4.03
N GLU B 141 25.15 8.72 -3.97
CA GLU B 141 24.17 8.26 -2.99
C GLU B 141 22.75 8.34 -3.55
N LYS B 142 21.95 7.29 -3.34
CA LYS B 142 20.57 7.33 -3.82
C LYS B 142 19.77 8.26 -2.91
N GLY B 143 19.04 9.20 -3.49
CA GLY B 143 18.25 10.12 -2.72
C GLY B 143 16.99 9.49 -2.14
N LEU B 144 16.40 10.15 -1.15
CA LEU B 144 15.18 9.71 -0.48
C LEU B 144 13.92 9.85 -1.37
N THR B 145 13.34 8.71 -1.74
CA THR B 145 12.09 8.65 -2.49
C THR B 145 10.96 8.15 -1.57
N ASP B 146 9.91 8.96 -1.43
CA ASP B 146 8.79 8.67 -0.55
C ASP B 146 7.62 9.55 -0.95
N GLU B 147 6.62 9.67 -0.08
CA GLU B 147 5.37 10.39 -0.41
C GLU B 147 5.61 11.83 -0.84
N LYS B 148 6.54 12.51 -0.16
CA LYS B 148 6.78 13.91 -0.40
C LYS B 148 7.87 14.13 -1.46
N ASN B 149 8.66 13.09 -1.74
CA ASN B 149 9.68 13.11 -2.80
C ASN B 149 9.40 11.96 -3.79
N PRO B 150 8.48 12.18 -4.73
CA PRO B 150 7.97 11.03 -5.50
C PRO B 150 8.97 10.38 -6.46
N TYR B 151 9.81 11.17 -7.11
CA TYR B 151 10.69 10.65 -8.15
C TYR B 151 11.91 9.93 -7.57
N THR B 152 12.52 9.07 -8.38
CA THR B 152 13.78 8.43 -8.06
C THR B 152 14.95 9.33 -8.52
N TYR B 153 15.90 9.59 -7.62
CA TYR B 153 17.02 10.47 -7.97
C TYR B 153 18.27 10.07 -7.19
N TYR B 154 19.42 10.53 -7.70
CA TYR B 154 20.73 10.18 -7.17
C TYR B 154 21.69 11.38 -7.08
N TYR B 155 22.33 11.51 -5.93
CA TYR B 155 23.39 12.49 -5.76
C TYR B 155 24.69 11.93 -6.31
N HIS B 156 25.35 12.70 -7.19
CA HIS B 156 26.67 12.33 -7.70
C HIS B 156 27.65 13.47 -7.44
N VAL B 157 28.86 13.14 -7.03
CA VAL B 157 29.92 14.14 -6.92
C VAL B 157 31.11 13.77 -7.81
N TYR B 158 31.57 14.73 -8.60
CA TYR B 158 32.65 14.48 -9.53
C TYR B 158 33.81 15.46 -9.29
N GLU B 159 35.05 14.98 -9.44
CA GLU B 159 36.23 15.83 -9.40
C GLU B 159 37.04 15.62 -10.65
N LYS B 160 37.90 16.58 -10.99
CA LYS B 160 38.72 16.45 -12.18
C LYS B 160 39.68 15.28 -12.05
N GLN B 161 39.75 14.48 -13.11
CA GLN B 161 40.77 13.45 -13.18
C GLN B 161 42.13 14.14 -13.24
N GLN B 162 43.07 13.71 -12.40
CA GLN B 162 44.45 14.09 -12.67
C GLN B 162 44.94 13.15 -13.76
N LEU B 163 45.36 13.73 -14.88
CA LEU B 163 45.85 12.91 -15.98
C LEU B 163 47.23 12.35 -15.62
N VAL B 164 47.47 11.11 -16.03
CA VAL B 164 48.75 10.47 -15.84
C VAL B 164 49.61 10.89 -17.01
N PRO B 165 50.86 11.28 -16.75
CA PRO B 165 51.73 11.70 -17.87
C PRO B 165 52.08 10.51 -18.77
N ARG B 166 52.28 10.77 -20.06
CA ARG B 166 52.68 9.69 -20.97
C ARG B 166 54.19 9.58 -21.09
N MET C 1 -10.30 10.41 -33.02
CA MET C 1 -8.88 10.69 -32.83
C MET C 1 -8.29 11.26 -34.10
N ILE C 2 -7.36 12.20 -33.94
CA ILE C 2 -6.70 12.77 -35.11
C ILE C 2 -5.52 11.89 -35.47
N VAL C 3 -5.55 11.33 -36.67
CA VAL C 3 -4.40 10.57 -37.18
C VAL C 3 -3.48 11.50 -38.02
N SER C 4 -2.32 11.82 -37.47
CA SER C 4 -1.42 12.78 -38.11
C SER C 4 -0.16 12.12 -38.64
N PHE C 5 0.16 12.36 -39.90
CA PHE C 5 1.47 11.97 -40.43
C PHE C 5 2.49 13.01 -40.01
N MET C 6 3.64 12.54 -39.55
CA MET C 6 4.76 13.40 -39.22
C MET C 6 5.92 12.94 -40.07
N VAL C 7 6.43 13.84 -40.90
CA VAL C 7 7.46 13.45 -41.85
C VAL C 7 8.42 14.57 -42.23
N ALA C 8 9.67 14.19 -42.46
CA ALA C 8 10.67 15.10 -43.01
C ALA C 8 11.19 14.50 -44.32
N MET C 9 11.07 15.24 -45.42
CA MET C 9 11.43 14.69 -46.71
C MET C 9 12.13 15.73 -47.58
N ASP C 10 12.88 15.28 -48.58
CA ASP C 10 13.59 16.19 -49.48
C ASP C 10 12.79 16.52 -50.74
N GLU C 11 13.40 17.25 -51.67
CA GLU C 11 12.71 17.70 -52.87
C GLU C 11 12.09 16.58 -53.69
N ASN C 12 12.68 15.39 -53.56
CA ASN C 12 12.18 14.21 -54.26
C ASN C 12 11.44 13.22 -53.36
N ARG C 13 10.96 13.70 -52.22
CA ARG C 13 10.25 12.85 -51.25
C ARG C 13 11.13 11.79 -50.58
N VAL C 14 12.45 11.94 -50.66
CA VAL C 14 13.32 11.05 -49.89
C VAL C 14 13.08 11.21 -48.38
N ILE C 15 12.88 10.09 -47.69
CA ILE C 15 12.75 10.10 -46.24
C ILE C 15 13.81 9.23 -45.56
N GLY C 16 14.64 8.56 -46.35
CA GLY C 16 15.66 7.71 -45.75
C GLY C 16 16.67 7.12 -46.71
N LYS C 17 17.82 6.75 -46.13
CA LYS C 17 18.90 6.08 -46.84
C LYS C 17 19.51 5.08 -45.87
N ASP C 18 19.59 3.81 -46.27
CA ASP C 18 20.15 2.78 -45.41
C ASP C 18 19.59 2.86 -43.98
N ASN C 19 18.28 3.11 -43.87
CA ASN C 19 17.61 3.20 -42.58
C ASN C 19 17.93 4.44 -41.76
N ASN C 20 18.69 5.38 -42.32
CA ASN C 20 19.01 6.61 -41.59
C ASN C 20 18.51 7.85 -42.30
N LEU C 21 18.71 9.01 -41.66
CA LEU C 21 18.41 10.27 -42.32
C LEU C 21 19.64 10.64 -43.13
N PRO C 22 19.45 11.02 -44.41
CA PRO C 22 20.61 11.46 -45.20
C PRO C 22 21.12 12.83 -44.75
N TRP C 23 20.36 13.51 -43.90
CA TRP C 23 20.74 14.84 -43.41
C TRP C 23 20.84 14.81 -41.88
N ARG C 24 21.59 15.75 -41.33
CA ARG C 24 21.65 15.90 -39.88
C ARG C 24 21.13 17.28 -39.49
N LEU C 25 19.90 17.33 -39.00
CA LEU C 25 19.25 18.58 -38.67
C LEU C 25 18.68 18.55 -37.27
N PRO C 26 19.55 18.71 -36.25
CA PRO C 26 19.09 18.64 -34.87
C PRO C 26 17.92 19.59 -34.60
N SER C 27 17.88 20.72 -35.29
CA SER C 27 16.77 21.65 -35.08
C SER C 27 15.45 21.01 -35.55
N GLU C 28 15.47 20.37 -36.71
CA GLU C 28 14.28 19.66 -37.22
C GLU C 28 13.75 18.68 -36.18
N LEU C 29 14.65 17.96 -35.50
CA LEU C 29 14.21 17.01 -34.48
C LEU C 29 13.65 17.71 -33.24
N GLN C 30 14.15 18.90 -32.90
CA GLN C 30 13.56 19.65 -31.78
C GLN C 30 12.10 20.05 -32.09
N TYR C 31 11.85 20.43 -33.35
CA TYR C 31 10.47 20.62 -33.83
C TYR C 31 9.62 19.35 -33.63
N VAL C 32 10.15 18.19 -34.02
CA VAL C 32 9.45 16.93 -33.80
C VAL C 32 9.09 16.74 -32.32
N LYS C 33 10.09 16.96 -31.46
CA LYS C 33 9.90 16.77 -30.04
C LYS C 33 8.77 17.67 -29.54
N LYS C 34 8.83 18.95 -29.91
CA LYS C 34 7.87 19.94 -29.43
C LYS C 34 6.48 19.69 -29.97
N THR C 35 6.40 19.35 -31.25
CA THR C 35 5.12 19.17 -31.91
C THR C 35 4.36 17.95 -31.39
N THR C 36 5.09 16.88 -31.07
CA THR C 36 4.44 15.64 -30.64
C THR C 36 4.30 15.50 -29.11
N MET C 37 4.61 16.55 -28.37
CA MET C 37 4.53 16.47 -26.92
C MET C 37 3.12 16.10 -26.44
N GLY C 38 3.03 15.11 -25.55
CA GLY C 38 1.76 14.69 -25.01
C GLY C 38 0.96 13.81 -25.98
N HIS C 39 1.64 13.31 -27.01
CA HIS C 39 0.97 12.43 -27.97
C HIS C 39 1.84 11.24 -28.37
N PRO C 40 1.20 10.08 -28.60
CA PRO C 40 1.84 8.84 -29.06
C PRO C 40 2.55 9.01 -30.40
N LEU C 41 3.64 8.28 -30.58
CA LEU C 41 4.39 8.28 -31.82
C LEU C 41 4.28 6.84 -32.26
N ILE C 42 3.79 6.63 -33.48
CA ILE C 42 3.63 5.30 -34.04
C ILE C 42 4.70 5.09 -35.12
N MET C 43 5.52 4.05 -35.00
CA MET C 43 6.59 3.86 -35.99
C MET C 43 6.92 2.40 -36.23
N GLY C 44 7.50 2.12 -37.41
CA GLY C 44 7.87 0.76 -37.74
C GLY C 44 9.11 0.37 -36.98
N ARG C 45 9.35 -0.94 -36.87
CA ARG C 45 10.54 -1.43 -36.18
C ARG C 45 11.86 -0.81 -36.68
N LYS C 46 12.10 -0.81 -37.99
CA LYS C 46 13.38 -0.29 -38.52
C LYS C 46 13.59 1.16 -38.13
N ASN C 47 12.54 1.96 -38.25
CA ASN C 47 12.57 3.34 -37.80
C ASN C 47 12.95 3.45 -36.33
N TYR C 48 12.30 2.66 -35.48
CA TYR C 48 12.68 2.68 -34.07
C TYR C 48 14.14 2.30 -33.86
N GLU C 49 14.58 1.23 -34.50
CA GLU C 49 15.94 0.77 -34.27
C GLU C 49 16.95 1.81 -34.74
N ALA C 50 16.60 2.54 -35.79
CA ALA C 50 17.44 3.61 -36.29
C ALA C 50 17.60 4.67 -35.20
N ILE C 51 16.55 4.89 -34.42
CA ILE C 51 16.61 5.90 -33.36
C ILE C 51 17.36 5.40 -32.15
N GLY C 52 17.25 4.09 -31.88
CA GLY C 52 18.06 3.50 -30.83
C GLY C 52 17.40 3.41 -29.47
N ARG C 53 16.48 4.32 -29.17
CA ARG C 53 15.81 4.31 -27.87
C ARG C 53 14.47 5.04 -27.90
N PRO C 54 13.64 4.86 -26.86
CA PRO C 54 12.31 5.48 -26.85
C PRO C 54 12.42 6.99 -26.76
N LEU C 55 11.57 7.73 -27.49
CA LEU C 55 11.53 9.17 -27.34
C LEU C 55 10.98 9.49 -25.96
N PRO C 56 11.75 10.25 -25.16
CA PRO C 56 11.35 10.58 -23.79
C PRO C 56 9.98 11.25 -23.73
N GLY C 57 9.18 10.92 -22.72
CA GLY C 57 7.96 11.66 -22.42
C GLY C 57 6.76 11.45 -23.33
N ARG C 58 6.80 10.39 -24.14
CA ARG C 58 5.69 10.08 -25.05
C ARG C 58 5.47 8.57 -25.08
N ARG C 59 4.28 8.13 -25.48
CA ARG C 59 4.07 6.71 -25.76
C ARG C 59 4.74 6.34 -27.08
N ASN C 60 5.64 5.38 -27.05
CA ASN C 60 6.25 4.89 -28.27
C ASN C 60 5.63 3.57 -28.69
N ILE C 61 4.93 3.58 -29.81
CA ILE C 61 4.33 2.34 -30.29
C ILE C 61 5.06 1.84 -31.54
N ILE C 62 5.68 0.68 -31.43
CA ILE C 62 6.38 0.09 -32.54
C ILE C 62 5.44 -0.89 -33.22
N VAL C 63 5.37 -0.78 -34.55
CA VAL C 63 4.50 -1.60 -35.36
C VAL C 63 5.33 -2.65 -36.05
N THR C 64 5.05 -3.91 -35.75
CA THR C 64 5.72 -5.01 -36.42
C THR C 64 4.87 -6.28 -36.46
N ARG C 65 5.10 -7.07 -37.50
CA ARG C 65 4.40 -8.32 -37.71
C ARG C 65 4.82 -9.39 -36.69
N ASN C 66 6.05 -9.28 -36.18
CA ASN C 66 6.55 -10.30 -35.26
C ASN C 66 5.86 -10.24 -33.90
N GLU C 67 5.29 -11.37 -33.48
CA GLU C 67 4.51 -11.43 -32.25
C GLU C 67 5.38 -11.46 -30.98
N GLY C 68 6.57 -12.05 -31.08
CA GLY C 68 7.48 -12.10 -29.95
C GLY C 68 8.21 -10.79 -29.69
N TYR C 69 8.19 -9.89 -30.66
CA TYR C 69 8.92 -8.63 -30.54
C TYR C 69 8.53 -7.82 -29.28
N HIS C 70 9.55 -7.39 -28.54
CA HIS C 70 9.32 -6.55 -27.36
C HIS C 70 10.53 -5.67 -27.07
N VAL C 71 10.26 -4.48 -26.55
CA VAL C 71 11.33 -3.53 -26.21
C VAL C 71 10.94 -2.76 -24.97
N GLU C 72 11.80 -2.81 -23.96
CA GLU C 72 11.58 -2.05 -22.73
C GLU C 72 11.27 -0.59 -23.04
N GLY C 73 10.31 -0.03 -22.32
CA GLY C 73 9.94 1.37 -22.51
C GLY C 73 9.10 1.62 -23.75
N CYS C 74 8.77 0.56 -24.48
CA CYS C 74 7.96 0.68 -25.69
C CYS C 74 6.78 -0.29 -25.73
N GLU C 75 5.68 0.14 -26.34
CA GLU C 75 4.58 -0.75 -26.65
C GLU C 75 4.73 -1.26 -28.08
N VAL C 76 4.27 -2.49 -28.32
CA VAL C 76 4.31 -3.05 -29.65
C VAL C 76 2.89 -3.31 -30.13
N ALA C 77 2.62 -2.95 -31.38
CA ALA C 77 1.39 -3.30 -32.06
C ALA C 77 1.70 -4.07 -33.35
N HIS C 78 0.86 -5.02 -33.69
CA HIS C 78 1.12 -5.90 -34.84
C HIS C 78 0.20 -5.61 -36.03
N SER C 79 -0.62 -4.57 -35.92
CA SER C 79 -1.54 -4.26 -37.01
C SER C 79 -2.14 -2.88 -36.80
N VAL C 80 -2.77 -2.34 -37.84
CA VAL C 80 -3.50 -1.08 -37.73
C VAL C 80 -4.59 -1.14 -36.64
N GLU C 81 -5.30 -2.25 -36.63
CA GLU C 81 -6.37 -2.52 -35.67
C GLU C 81 -5.85 -2.39 -34.23
N GLU C 82 -4.75 -3.07 -33.94
CA GLU C 82 -4.11 -3.02 -32.64
C GLU C 82 -3.68 -1.62 -32.26
N VAL C 83 -3.19 -0.85 -33.22
CA VAL C 83 -2.76 0.52 -32.92
C VAL C 83 -3.96 1.34 -32.50
N PHE C 84 -5.06 1.16 -33.23
CA PHE C 84 -6.27 1.92 -32.95
C PHE C 84 -6.91 1.53 -31.62
N GLU C 85 -6.77 0.25 -31.22
CA GLU C 85 -7.18 -0.20 -29.89
C GLU C 85 -6.31 0.44 -28.80
N LEU C 86 -5.00 0.35 -28.97
CA LEU C 86 -4.07 0.96 -28.01
C LEU C 86 -4.28 2.45 -27.82
N CYS C 87 -4.69 3.14 -28.89
CA CYS C 87 -4.85 4.60 -28.85
C CYS C 87 -6.30 5.05 -28.79
N LYS C 88 -7.17 4.18 -28.32
CA LYS C 88 -8.61 4.42 -28.47
C LYS C 88 -9.03 5.67 -27.69
N ASN C 89 -8.27 6.01 -26.66
CA ASN C 89 -8.55 7.20 -25.87
C ASN C 89 -7.73 8.45 -26.28
N GLU C 90 -6.89 8.32 -27.32
CA GLU C 90 -5.99 9.42 -27.72
C GLU C 90 -6.65 10.51 -28.56
N GLU C 91 -6.35 11.75 -28.24
CA GLU C 91 -6.84 12.91 -28.96
C GLU C 91 -6.17 13.03 -30.35
N GLU C 92 -4.88 12.69 -30.42
CA GLU C 92 -4.10 12.79 -31.68
C GLU C 92 -2.90 11.86 -31.62
N ILE C 93 -2.64 11.15 -32.71
CA ILE C 93 -1.45 10.30 -32.75
C ILE C 93 -0.57 10.67 -33.95
N PHE C 94 0.72 10.40 -33.84
CA PHE C 94 1.66 10.72 -34.91
C PHE C 94 2.27 9.48 -35.51
N ILE C 95 1.87 9.21 -36.76
CA ILE C 95 2.52 8.19 -37.57
C ILE C 95 3.88 8.75 -37.97
N PHE C 96 4.95 8.09 -37.54
CA PHE C 96 6.28 8.68 -37.56
C PHE C 96 7.06 8.01 -38.66
N GLY C 97 6.38 7.09 -39.33
CA GLY C 97 6.86 6.61 -40.57
C GLY C 97 7.72 5.38 -40.59
N GLY C 98 8.52 5.33 -41.65
CA GLY C 98 8.77 4.15 -42.43
C GLY C 98 7.71 4.26 -43.52
N ALA C 99 8.13 4.29 -44.77
CA ALA C 99 7.20 4.36 -45.90
C ALA C 99 6.02 3.40 -45.73
N GLN C 100 6.31 2.16 -45.34
CA GLN C 100 5.26 1.14 -45.26
C GLN C 100 4.28 1.47 -44.14
N ILE C 101 4.74 2.16 -43.10
CA ILE C 101 3.85 2.56 -42.01
C ILE C 101 2.92 3.67 -42.46
N TYR C 102 3.44 4.65 -43.22
CA TYR C 102 2.59 5.67 -43.81
C TYR C 102 1.51 5.00 -44.69
N ASP C 103 1.93 4.05 -45.53
CA ASP C 103 0.98 3.34 -46.40
C ASP C 103 -0.18 2.75 -45.60
N LEU C 104 0.18 2.05 -44.52
CA LEU C 104 -0.81 1.44 -43.65
C LEU C 104 -1.85 2.43 -43.14
N PHE C 105 -1.45 3.64 -42.78
CA PHE C 105 -2.37 4.58 -42.14
C PHE C 105 -2.97 5.60 -43.08
N LEU C 106 -2.58 5.53 -44.34
CA LEU C 106 -3.11 6.40 -45.37
C LEU C 106 -4.66 6.48 -45.43
N PRO C 107 -5.36 5.34 -45.27
CA PRO C 107 -6.82 5.48 -45.36
C PRO C 107 -7.40 6.29 -44.20
N TYR C 108 -6.59 6.57 -43.18
CA TYR C 108 -7.09 7.18 -41.94
C TYR C 108 -6.54 8.59 -41.65
N VAL C 109 -5.60 9.04 -42.45
CA VAL C 109 -4.87 10.26 -42.13
C VAL C 109 -5.73 11.53 -42.14
N ASP C 110 -5.62 12.34 -41.09
CA ASP C 110 -6.39 13.57 -40.95
C ASP C 110 -5.58 14.85 -41.05
N LYS C 111 -4.27 14.74 -40.91
CA LYS C 111 -3.45 15.92 -40.73
C LYS C 111 -2.04 15.57 -41.13
N LEU C 112 -1.40 16.49 -41.85
CA LEU C 112 -0.06 16.26 -42.35
C LEU C 112 0.91 17.29 -41.77
N TYR C 113 1.94 16.80 -41.08
CA TYR C 113 3.01 17.67 -40.61
C TYR C 113 4.24 17.33 -41.44
N ILE C 114 4.55 18.17 -42.42
CA ILE C 114 5.56 17.81 -43.42
C ILE C 114 6.70 18.80 -43.38
N THR C 115 7.90 18.33 -43.08
CA THR C 115 9.09 19.17 -43.21
C THR C 115 9.66 18.93 -44.59
N LYS C 116 9.80 20.02 -45.36
CA LYS C 116 10.34 19.93 -46.72
C LYS C 116 11.73 20.53 -46.74
N ILE C 117 12.71 19.67 -47.04
CA ILE C 117 14.10 20.06 -47.11
C ILE C 117 14.48 20.38 -48.55
N HIS C 118 14.88 21.62 -48.79
CA HIS C 118 15.19 22.06 -50.15
C HIS C 118 16.54 21.56 -50.68
N HIS C 119 16.70 20.23 -50.70
CA HIS C 119 17.89 19.62 -51.28
C HIS C 119 17.47 18.30 -51.91
N ALA C 120 18.30 17.77 -52.80
CA ALA C 120 18.10 16.44 -53.36
C ALA C 120 19.19 15.51 -52.85
N PHE C 121 18.82 14.56 -52.00
CA PHE C 121 19.76 13.62 -51.41
C PHE C 121 19.75 12.30 -52.16
N GLU C 122 20.74 11.46 -51.86
CA GLU C 122 20.68 10.07 -52.25
C GLU C 122 19.82 9.31 -51.23
N GLY C 123 18.68 8.77 -51.67
CA GLY C 123 17.78 8.05 -50.79
C GLY C 123 17.38 6.69 -51.33
N ASP C 124 16.77 5.86 -50.50
CA ASP C 124 16.28 4.55 -50.96
C ASP C 124 14.86 4.24 -50.47
N THR C 125 14.21 5.25 -49.89
CA THR C 125 12.85 5.08 -49.40
C THR C 125 12.18 6.45 -49.44
N PHE C 126 10.90 6.49 -49.80
CA PHE C 126 10.25 7.75 -50.11
C PHE C 126 8.91 7.91 -49.39
N PHE C 127 8.53 9.16 -49.15
CA PHE C 127 7.18 9.46 -48.68
C PHE C 127 6.21 9.30 -49.85
N PRO C 128 5.25 8.40 -49.72
CA PRO C 128 4.31 8.14 -50.83
C PRO C 128 3.63 9.41 -51.31
N GLU C 129 3.26 9.42 -52.58
CA GLU C 129 2.62 10.57 -53.20
C GLU C 129 1.22 10.76 -52.65
N MET C 130 0.79 12.00 -52.54
CA MET C 130 -0.58 12.32 -52.12
C MET C 130 -1.11 13.48 -52.96
N ASP C 131 -2.43 13.50 -53.15
CA ASP C 131 -3.07 14.56 -53.91
C ASP C 131 -3.37 15.74 -53.00
N MET C 132 -2.54 16.78 -53.10
CA MET C 132 -2.58 17.91 -52.19
C MET C 132 -3.76 18.86 -52.43
N THR C 133 -4.52 18.65 -53.49
CA THR C 133 -5.73 19.43 -53.71
C THR C 133 -6.75 19.13 -52.61
N ASN C 134 -6.62 17.96 -51.99
CA ASN C 134 -7.49 17.59 -50.88
C ASN C 134 -7.10 18.27 -49.59
N TRP C 135 -5.92 18.88 -49.58
CA TRP C 135 -5.30 19.39 -48.37
C TRP C 135 -5.12 20.91 -48.38
N LYS C 136 -5.20 21.53 -47.21
CA LYS C 136 -5.06 22.97 -47.08
C LYS C 136 -3.98 23.29 -46.07
N GLU C 137 -3.06 24.16 -46.44
CA GLU C 137 -2.00 24.55 -45.53
C GLU C 137 -2.57 25.43 -44.44
N VAL C 138 -2.33 25.07 -43.18
CA VAL C 138 -2.81 25.88 -42.08
C VAL C 138 -1.64 26.55 -41.34
N PHE C 139 -0.43 26.02 -41.56
CA PHE C 139 0.76 26.59 -40.94
C PHE C 139 2.04 26.34 -41.74
N VAL C 140 2.95 27.32 -41.70
CA VAL C 140 4.24 27.20 -42.36
C VAL C 140 5.28 27.97 -41.54
N GLU C 141 6.51 27.44 -41.46
CA GLU C 141 7.62 28.13 -40.79
C GLU C 141 8.93 27.71 -41.44
N LYS C 142 9.77 28.68 -41.75
CA LYS C 142 11.10 28.39 -42.28
C LYS C 142 11.94 27.87 -41.12
N GLY C 143 12.54 26.70 -41.30
CA GLY C 143 13.33 26.08 -40.26
C GLY C 143 14.66 26.81 -40.07
N LEU C 144 15.35 26.49 -38.98
CA LEU C 144 16.62 27.12 -38.65
C LEU C 144 17.78 26.54 -39.44
N THR C 145 18.40 27.38 -40.27
CA THR C 145 19.58 27.00 -41.05
C THR C 145 20.83 27.69 -40.48
N ASP C 146 21.76 26.91 -39.97
CA ASP C 146 23.04 27.43 -39.43
C ASP C 146 24.11 26.36 -39.59
N GLU C 147 25.14 26.41 -38.73
CA GLU C 147 26.30 25.52 -38.80
C GLU C 147 25.98 24.04 -38.66
N LYS C 148 25.13 23.68 -37.70
CA LYS C 148 24.79 22.28 -37.50
C LYS C 148 23.48 21.86 -38.15
N ASN C 149 22.80 22.82 -38.77
CA ASN C 149 21.63 22.56 -39.60
C ASN C 149 21.90 23.14 -41.01
N PRO C 150 22.72 22.44 -41.79
CA PRO C 150 23.26 23.03 -43.03
C PRO C 150 22.17 23.45 -44.02
N TYR C 151 21.20 22.58 -44.23
CA TYR C 151 20.26 22.77 -45.32
C TYR C 151 19.15 23.77 -45.02
N THR C 152 18.49 24.20 -46.09
CA THR C 152 17.32 25.07 -46.00
C THR C 152 16.07 24.19 -45.99
N TYR C 153 15.21 24.37 -44.99
CA TYR C 153 13.99 23.58 -44.86
C TYR C 153 12.82 24.37 -44.25
N TYR C 154 11.61 23.89 -44.48
CA TYR C 154 10.40 24.54 -44.00
C TYR C 154 9.44 23.54 -43.37
N TYR C 155 8.88 23.92 -42.22
CA TYR C 155 7.81 23.18 -41.59
C TYR C 155 6.46 23.57 -42.21
N HIS C 156 5.73 22.59 -42.70
CA HIS C 156 4.39 22.80 -43.26
C HIS C 156 3.36 21.94 -42.50
N VAL C 157 2.17 22.51 -42.25
CA VAL C 157 1.07 21.74 -41.62
C VAL C 157 -0.20 21.84 -42.48
N TYR C 158 -0.81 20.69 -42.77
CA TYR C 158 -2.00 20.66 -43.62
C TYR C 158 -3.17 19.97 -42.93
N GLU C 159 -4.37 20.48 -43.12
CA GLU C 159 -5.59 19.77 -42.73
C GLU C 159 -6.44 19.56 -43.98
N LYS C 160 -7.49 18.74 -43.86
CA LYS C 160 -8.35 18.44 -45.00
C LYS C 160 -9.00 19.71 -45.54
N GLN C 161 -9.05 19.84 -46.87
CA GLN C 161 -9.71 20.99 -47.48
C GLN C 161 -11.22 20.80 -47.36
N GLN C 162 -11.91 21.78 -46.80
CA GLN C 162 -13.35 21.69 -46.67
C GLN C 162 -14.01 22.18 -47.94
N LEU C 163 -14.88 21.36 -48.50
CA LEU C 163 -15.61 21.73 -49.72
C LEU C 163 -16.92 22.44 -49.40
N VAL C 164 -17.27 23.39 -50.25
CA VAL C 164 -18.50 24.15 -50.12
C VAL C 164 -19.58 23.52 -50.99
N PRO C 165 -20.72 23.12 -50.39
CA PRO C 165 -21.75 22.43 -51.16
C PRO C 165 -22.28 23.26 -52.33
N ARG C 166 -22.68 22.60 -53.41
CA ARG C 166 -23.20 23.29 -54.59
C ARG C 166 -24.63 23.78 -54.34
N MET D 1 1.76 14.13 4.05
CA MET D 1 0.61 13.47 3.41
C MET D 1 0.29 12.19 4.15
N ILE D 2 -0.90 12.14 4.73
CA ILE D 2 -1.36 10.92 5.40
C ILE D 2 -1.85 9.89 4.37
N VAL D 3 -1.23 8.72 4.36
CA VAL D 3 -1.62 7.67 3.46
C VAL D 3 -2.48 6.68 4.22
N SER D 4 -3.76 6.63 3.86
CA SER D 4 -4.76 5.86 4.64
C SER D 4 -5.38 4.72 3.86
N PHE D 5 -5.41 3.54 4.46
CA PHE D 5 -6.16 2.44 3.88
C PHE D 5 -7.60 2.59 4.30
N MET D 6 -8.50 2.44 3.34
CA MET D 6 -9.94 2.37 3.65
C MET D 6 -10.37 0.97 3.24
N VAL D 7 -10.85 0.19 4.20
CA VAL D 7 -11.15 -1.22 3.96
C VAL D 7 -12.43 -1.69 4.66
N ALA D 8 -13.18 -2.57 4.00
CA ALA D 8 -14.24 -3.32 4.68
C ALA D 8 -14.05 -4.79 4.37
N MET D 9 -14.04 -5.62 5.40
CA MET D 9 -13.77 -7.04 5.19
C MET D 9 -14.54 -7.89 6.19
N ASP D 10 -14.68 -9.18 5.89
CA ASP D 10 -15.39 -10.09 6.78
C ASP D 10 -14.43 -10.74 7.77
N GLU D 11 -14.90 -11.71 8.54
CA GLU D 11 -14.07 -12.23 9.62
C GLU D 11 -12.85 -13.00 9.12
N ASN D 12 -12.83 -13.34 7.84
CA ASN D 12 -11.69 -14.02 7.23
C ASN D 12 -10.89 -13.13 6.26
N ARG D 13 -11.14 -11.82 6.34
CA ARG D 13 -10.46 -10.80 5.53
C ARG D 13 -10.93 -10.72 4.07
N VAL D 14 -12.05 -11.35 3.76
CA VAL D 14 -12.64 -11.23 2.45
C VAL D 14 -12.95 -9.77 2.15
N ILE D 15 -12.46 -9.26 1.02
CA ILE D 15 -12.83 -7.92 0.57
C ILE D 15 -13.60 -7.91 -0.75
N GLY D 16 -13.79 -9.09 -1.33
CA GLY D 16 -14.52 -9.15 -2.59
C GLY D 16 -14.89 -10.54 -3.04
N LYS D 17 -15.81 -10.59 -4.00
CA LYS D 17 -16.19 -11.81 -4.69
C LYS D 17 -16.68 -11.43 -6.07
N ASP D 18 -15.98 -11.89 -7.11
CA ASP D 18 -16.38 -11.57 -8.47
C ASP D 18 -16.44 -10.05 -8.65
N ASN D 19 -15.45 -9.37 -8.05
CA ASN D 19 -15.31 -7.92 -8.17
C ASN D 19 -16.46 -7.14 -7.53
N ASN D 20 -17.20 -7.77 -6.64
CA ASN D 20 -18.22 -7.08 -5.88
C ASN D 20 -18.20 -7.44 -4.39
N LEU D 21 -18.99 -6.72 -3.59
CA LEU D 21 -19.09 -6.99 -2.16
C LEU D 21 -20.10 -8.09 -1.89
N PRO D 22 -19.67 -9.13 -1.17
CA PRO D 22 -20.56 -10.23 -0.75
C PRO D 22 -21.72 -9.77 0.17
N TRP D 23 -21.61 -8.58 0.77
CA TRP D 23 -22.65 -8.05 1.65
C TRP D 23 -23.26 -6.78 1.07
N ARG D 24 -24.43 -6.39 1.57
CA ARG D 24 -25.01 -5.11 1.16
C ARG D 24 -25.23 -4.25 2.39
N LEU D 25 -24.32 -3.31 2.61
CA LEU D 25 -24.37 -2.49 3.81
C LEU D 25 -24.39 -1.02 3.44
N PRO D 26 -25.55 -0.53 3.02
CA PRO D 26 -25.68 0.86 2.59
C PRO D 26 -25.06 1.82 3.61
N SER D 27 -25.35 1.57 4.88
CA SER D 27 -24.86 2.44 5.96
C SER D 27 -23.34 2.52 5.98
N GLU D 28 -22.69 1.37 5.76
CA GLU D 28 -21.23 1.27 5.69
C GLU D 28 -20.66 2.13 4.57
N LEU D 29 -21.34 2.17 3.43
CA LEU D 29 -20.89 3.00 2.30
C LEU D 29 -21.07 4.49 2.63
N GLN D 30 -22.10 4.81 3.39
CA GLN D 30 -22.32 6.18 3.87
C GLN D 30 -21.19 6.64 4.79
N TYR D 31 -20.72 5.74 5.65
CA TYR D 31 -19.52 6.00 6.45
C TYR D 31 -18.29 6.26 5.53
N VAL D 32 -18.11 5.41 4.54
CA VAL D 32 -17.07 5.62 3.54
C VAL D 32 -17.17 7.03 2.96
N LYS D 33 -18.37 7.41 2.57
CA LYS D 33 -18.59 8.71 1.93
C LYS D 33 -18.20 9.87 2.85
N LYS D 34 -18.72 9.84 4.08
CA LYS D 34 -18.42 10.87 5.07
C LYS D 34 -16.92 10.95 5.36
N THR D 35 -16.29 9.79 5.45
CA THR D 35 -14.89 9.74 5.86
C THR D 35 -13.92 10.23 4.79
N THR D 36 -14.23 9.95 3.52
CA THR D 36 -13.30 10.26 2.44
C THR D 36 -13.66 11.55 1.74
N MET D 37 -14.68 12.24 2.24
CA MET D 37 -15.15 13.48 1.62
C MET D 37 -14.02 14.50 1.48
N GLY D 38 -13.74 14.91 0.24
CA GLY D 38 -12.78 15.96 -0.03
C GLY D 38 -11.36 15.46 -0.11
N HIS D 39 -11.21 14.13 -0.10
CA HIS D 39 -9.88 13.52 -0.20
C HIS D 39 -9.83 12.57 -1.39
N PRO D 40 -8.66 12.45 -2.02
CA PRO D 40 -8.52 11.51 -3.13
C PRO D 40 -8.81 10.08 -2.71
N LEU D 41 -9.55 9.37 -3.55
CA LEU D 41 -9.74 7.94 -3.44
C LEU D 41 -8.82 7.29 -4.46
N ILE D 42 -7.92 6.42 -4.01
CA ILE D 42 -6.99 5.76 -4.93
C ILE D 42 -7.47 4.32 -5.13
N MET D 43 -7.76 3.92 -6.37
CA MET D 43 -8.25 2.56 -6.61
C MET D 43 -7.74 1.93 -7.91
N GLY D 44 -7.68 0.60 -7.94
CA GLY D 44 -7.24 -0.11 -9.13
C GLY D 44 -8.37 -0.12 -10.13
N ARG D 45 -8.04 -0.34 -11.40
CA ARG D 45 -9.02 -0.34 -12.47
C ARG D 45 -10.21 -1.27 -12.19
N LYS D 46 -9.94 -2.53 -11.86
CA LYS D 46 -11.03 -3.51 -11.66
C LYS D 46 -12.02 -3.05 -10.59
N ASN D 47 -11.49 -2.50 -9.51
CA ASN D 47 -12.29 -1.95 -8.43
C ASN D 47 -13.17 -0.78 -8.91
N TYR D 48 -12.56 0.14 -9.66
CA TYR D 48 -13.31 1.27 -10.20
C TYR D 48 -14.39 0.83 -11.15
N GLU D 49 -14.07 -0.12 -12.01
CA GLU D 49 -15.03 -0.55 -13.02
C GLU D 49 -16.19 -1.32 -12.40
N ALA D 50 -15.95 -1.94 -11.25
CA ALA D 50 -17.00 -2.60 -10.48
C ALA D 50 -17.96 -1.59 -9.86
N ILE D 51 -17.44 -0.45 -9.41
CA ILE D 51 -18.30 0.63 -8.93
C ILE D 51 -19.00 1.30 -10.12
N GLY D 52 -18.31 1.36 -11.26
CA GLY D 52 -18.93 1.75 -12.50
C GLY D 52 -18.95 3.23 -12.86
N ARG D 53 -18.81 4.08 -11.85
CA ARG D 53 -18.77 5.52 -12.06
C ARG D 53 -18.02 6.21 -10.91
N PRO D 54 -17.56 7.47 -11.13
CA PRO D 54 -16.80 8.20 -10.11
C PRO D 54 -17.65 8.55 -8.90
N LEU D 55 -17.12 8.40 -7.70
CA LEU D 55 -17.79 8.88 -6.50
C LEU D 55 -17.59 10.38 -6.43
N PRO D 56 -18.70 11.14 -6.37
CA PRO D 56 -18.63 12.60 -6.44
C PRO D 56 -17.95 13.19 -5.21
N GLY D 57 -17.45 14.41 -5.32
CA GLY D 57 -16.87 15.12 -4.18
C GLY D 57 -15.47 14.65 -3.82
N ARG D 58 -14.88 13.80 -4.66
CA ARG D 58 -13.56 13.26 -4.40
C ARG D 58 -12.78 13.14 -5.70
N ARG D 59 -11.48 13.38 -5.66
CA ARG D 59 -10.63 12.97 -6.76
C ARG D 59 -10.63 11.45 -6.83
N ASN D 60 -11.10 10.92 -7.94
CA ASN D 60 -11.01 9.48 -8.18
C ASN D 60 -9.76 9.21 -9.02
N ILE D 61 -8.81 8.52 -8.43
CA ILE D 61 -7.57 8.24 -9.15
C ILE D 61 -7.47 6.76 -9.35
N ILE D 62 -7.36 6.36 -10.62
CA ILE D 62 -7.31 4.96 -10.98
C ILE D 62 -5.90 4.54 -11.31
N VAL D 63 -5.44 3.51 -10.61
CA VAL D 63 -4.11 2.96 -10.81
C VAL D 63 -4.13 1.79 -11.78
N THR D 64 -3.32 1.88 -12.83
CA THR D 64 -3.20 0.81 -13.82
C THR D 64 -1.90 1.00 -14.61
N ARG D 65 -1.27 -0.13 -14.95
CA ARG D 65 -0.09 -0.22 -15.80
C ARG D 65 -0.37 0.31 -17.22
N ASN D 66 -1.65 0.32 -17.59
CA ASN D 66 -2.07 0.60 -18.96
C ASN D 66 -1.94 2.07 -19.35
N GLU D 67 -0.97 2.39 -20.21
CA GLU D 67 -0.67 3.78 -20.56
C GLU D 67 -1.71 4.42 -21.50
N GLY D 68 -2.62 3.62 -22.04
CA GLY D 68 -3.68 4.13 -22.88
C GLY D 68 -4.98 4.33 -22.11
N TYR D 69 -4.99 3.94 -20.84
CA TYR D 69 -6.24 3.96 -20.06
C TYR D 69 -6.68 5.38 -19.70
N HIS D 70 -7.94 5.66 -19.96
CA HIS D 70 -8.54 6.93 -19.58
C HIS D 70 -10.03 6.75 -19.31
N VAL D 71 -10.53 7.46 -18.31
CA VAL D 71 -11.93 7.45 -17.93
C VAL D 71 -12.37 8.87 -17.60
N GLU D 72 -13.43 9.32 -18.24
CA GLU D 72 -13.96 10.65 -18.00
C GLU D 72 -14.20 10.87 -16.50
N GLY D 73 -13.81 12.03 -15.99
CA GLY D 73 -14.08 12.35 -14.60
C GLY D 73 -13.14 11.72 -13.59
N CYS D 74 -12.17 10.94 -14.08
CA CYS D 74 -11.14 10.36 -13.20
C CYS D 74 -9.74 10.77 -13.65
N GLU D 75 -8.76 10.66 -12.76
CA GLU D 75 -7.39 10.78 -13.21
C GLU D 75 -6.78 9.40 -13.14
N VAL D 76 -5.79 9.15 -13.99
CA VAL D 76 -5.12 7.85 -14.00
C VAL D 76 -3.65 7.97 -13.57
N ALA D 77 -3.19 7.02 -12.77
CA ALA D 77 -1.78 6.95 -12.41
C ALA D 77 -1.27 5.55 -12.71
N HIS D 78 -0.03 5.43 -13.14
CA HIS D 78 0.49 4.14 -13.59
C HIS D 78 1.50 3.58 -12.60
N SER D 79 1.68 4.29 -11.48
CA SER D 79 2.64 3.86 -10.48
C SER D 79 2.41 4.60 -9.16
N VAL D 80 3.02 4.06 -8.12
CA VAL D 80 3.03 4.71 -6.82
C VAL D 80 3.61 6.12 -6.91
N GLU D 81 4.72 6.23 -7.64
CA GLU D 81 5.34 7.52 -7.93
C GLU D 81 4.35 8.53 -8.50
N GLU D 82 3.58 8.13 -9.52
CA GLU D 82 2.62 9.04 -10.12
C GLU D 82 1.50 9.46 -9.18
N VAL D 83 1.05 8.54 -8.33
CA VAL D 83 0.03 8.85 -7.35
C VAL D 83 0.54 9.92 -6.39
N PHE D 84 1.78 9.76 -5.93
CA PHE D 84 2.33 10.71 -4.96
C PHE D 84 2.56 12.08 -5.61
N GLU D 85 2.97 12.07 -6.87
CA GLU D 85 3.09 13.31 -7.62
C GLU D 85 1.73 14.00 -7.77
N LEU D 86 0.73 13.24 -8.24
CA LEU D 86 -0.64 13.77 -8.37
C LEU D 86 -1.20 14.34 -7.05
N CYS D 87 -0.88 13.71 -5.94
CA CYS D 87 -1.44 14.09 -4.66
C CYS D 87 -0.47 14.91 -3.78
N LYS D 88 0.52 15.54 -4.43
CA LYS D 88 1.60 16.20 -3.69
C LYS D 88 1.10 17.30 -2.76
N ASN D 89 -0.06 17.84 -3.05
CA ASN D 89 -0.63 18.92 -2.24
C ASN D 89 -1.68 18.44 -1.25
N GLU D 90 -1.90 17.13 -1.20
CA GLU D 90 -2.98 16.55 -0.41
C GLU D 90 -2.62 16.24 1.05
N GLU D 91 -3.50 16.65 1.96
CA GLU D 91 -3.40 16.38 3.38
C GLU D 91 -3.49 14.86 3.67
N GLU D 92 -4.44 14.20 3.03
CA GLU D 92 -4.68 12.78 3.27
C GLU D 92 -5.31 12.13 2.05
N ILE D 93 -4.86 10.92 1.73
CA ILE D 93 -5.42 10.16 0.62
C ILE D 93 -5.87 8.79 1.12
N PHE D 94 -6.85 8.20 0.44
CA PHE D 94 -7.43 6.92 0.83
C PHE D 94 -7.25 5.84 -0.20
N ILE D 95 -6.44 4.84 0.12
CA ILE D 95 -6.29 3.67 -0.73
C ILE D 95 -7.56 2.81 -0.62
N PHE D 96 -8.31 2.73 -1.72
CA PHE D 96 -9.65 2.17 -1.70
C PHE D 96 -9.63 0.72 -2.16
N GLY D 97 -8.45 0.23 -2.48
CA GLY D 97 -8.35 -1.18 -2.68
C GLY D 97 -8.27 -1.67 -4.11
N GLY D 98 -8.59 -2.95 -4.22
CA GLY D 98 -7.80 -3.86 -4.99
C GLY D 98 -6.77 -4.32 -3.97
N ALA D 99 -6.77 -5.61 -3.64
CA ALA D 99 -5.72 -6.18 -2.80
C ALA D 99 -4.34 -5.80 -3.32
N GLN D 100 -4.16 -5.84 -4.64
CA GLN D 100 -2.87 -5.49 -5.22
C GLN D 100 -2.51 -4.02 -4.96
N ILE D 101 -3.54 -3.17 -4.92
CA ILE D 101 -3.34 -1.75 -4.69
C ILE D 101 -2.93 -1.50 -3.23
N TYR D 102 -3.55 -2.21 -2.29
CA TYR D 102 -3.11 -2.12 -0.89
C TYR D 102 -1.64 -2.56 -0.81
N ASP D 103 -1.31 -3.66 -1.49
CA ASP D 103 0.07 -4.14 -1.52
C ASP D 103 1.06 -3.06 -1.95
N LEU D 104 0.72 -2.31 -3.00
CA LEU D 104 1.61 -1.27 -3.51
C LEU D 104 1.86 -0.17 -2.50
N PHE D 105 0.86 0.13 -1.69
CA PHE D 105 0.98 1.27 -0.78
C PHE D 105 1.33 0.89 0.65
N LEU D 106 1.53 -0.40 0.89
CA LEU D 106 1.87 -0.90 2.21
C LEU D 106 3.10 -0.21 2.82
N PRO D 107 4.15 0.03 2.01
CA PRO D 107 5.34 0.66 2.59
C PRO D 107 5.08 2.07 3.09
N TYR D 108 3.94 2.64 2.70
CA TYR D 108 3.67 4.05 2.98
C TYR D 108 2.51 4.31 3.93
N VAL D 109 1.78 3.29 4.32
CA VAL D 109 0.49 3.54 4.98
C VAL D 109 0.69 4.08 6.40
N ASP D 110 -0.09 5.10 6.76
CA ASP D 110 0.01 5.74 8.07
C ASP D 110 -1.21 5.52 8.95
N LYS D 111 -2.32 5.10 8.33
CA LYS D 111 -3.58 5.07 9.07
C LYS D 111 -4.47 3.98 8.47
N LEU D 112 -5.16 3.22 9.33
CA LEU D 112 -6.05 2.16 8.83
C LEU D 112 -7.49 2.44 9.22
N TYR D 113 -8.38 2.57 8.23
CA TYR D 113 -9.80 2.65 8.53
C TYR D 113 -10.41 1.33 8.07
N ILE D 114 -10.69 0.46 9.02
CA ILE D 114 -11.12 -0.89 8.71
C ILE D 114 -12.51 -1.19 9.27
N THR D 115 -13.43 -1.53 8.38
CA THR D 115 -14.75 -2.00 8.80
C THR D 115 -14.69 -3.52 8.88
N LYS D 116 -14.98 -4.06 10.06
CA LYS D 116 -14.93 -5.49 10.27
C LYS D 116 -16.33 -6.04 10.41
N ILE D 117 -16.71 -6.91 9.49
CA ILE D 117 -18.06 -7.45 9.42
C ILE D 117 -18.05 -8.84 10.05
N HIS D 118 -18.94 -9.05 11.02
CA HIS D 118 -18.92 -10.25 11.86
C HIS D 118 -19.70 -11.40 11.23
N HIS D 119 -19.15 -11.95 10.15
CA HIS D 119 -19.81 -12.97 9.35
C HIS D 119 -18.77 -13.48 8.35
N ALA D 120 -18.93 -14.73 7.91
CA ALA D 120 -18.00 -15.33 6.95
C ALA D 120 -18.70 -15.54 5.62
N PHE D 121 -18.32 -14.73 4.63
CA PHE D 121 -18.93 -14.82 3.30
C PHE D 121 -18.06 -15.66 2.38
N GLU D 122 -18.56 -15.91 1.18
CA GLU D 122 -17.76 -16.53 0.13
C GLU D 122 -17.01 -15.42 -0.60
N GLY D 123 -15.71 -15.56 -0.74
CA GLY D 123 -14.93 -14.53 -1.43
C GLY D 123 -13.76 -15.10 -2.20
N ASP D 124 -13.18 -14.28 -3.06
CA ASP D 124 -12.04 -14.72 -3.85
C ASP D 124 -10.83 -13.80 -3.70
N THR D 125 -11.03 -12.63 -3.10
CA THR D 125 -9.93 -11.71 -2.86
C THR D 125 -9.94 -11.25 -1.39
N PHE D 126 -8.77 -10.92 -0.87
CA PHE D 126 -8.60 -10.76 0.57
C PHE D 126 -7.72 -9.57 0.97
N PHE D 127 -8.02 -8.95 2.10
CA PHE D 127 -7.17 -7.88 2.62
C PHE D 127 -5.90 -8.53 3.14
N PRO D 128 -4.73 -8.08 2.65
CA PRO D 128 -3.49 -8.77 3.06
C PRO D 128 -3.27 -8.70 4.56
N GLU D 129 -2.67 -9.75 5.11
CA GLU D 129 -2.35 -9.83 6.53
C GLU D 129 -1.46 -8.67 6.95
N MET D 130 -1.62 -8.19 8.19
CA MET D 130 -0.78 -7.10 8.69
C MET D 130 -0.44 -7.34 10.15
N ASP D 131 0.77 -6.95 10.54
CA ASP D 131 1.20 -7.07 11.94
C ASP D 131 0.60 -5.94 12.77
N MET D 132 -0.52 -6.23 13.44
CA MET D 132 -1.25 -5.21 14.16
C MET D 132 -0.56 -4.76 15.46
N THR D 133 0.58 -5.38 15.77
CA THR D 133 1.33 -4.97 16.95
C THR D 133 1.99 -3.62 16.72
N ASN D 134 2.16 -3.26 15.45
CA ASN D 134 2.69 -1.95 15.07
C ASN D 134 1.66 -0.84 15.17
N TRP D 135 0.41 -1.21 15.47
CA TRP D 135 -0.72 -0.30 15.29
C TRP D 135 -1.50 -0.07 16.57
N LYS D 136 -2.18 1.07 16.66
CA LYS D 136 -2.93 1.41 17.86
C LYS D 136 -4.30 1.89 17.45
N GLU D 137 -5.33 1.25 18.00
CA GLU D 137 -6.70 1.67 17.73
C GLU D 137 -6.95 3.01 18.39
N VAL D 138 -7.48 3.96 17.64
CA VAL D 138 -7.74 5.28 18.19
C VAL D 138 -9.23 5.55 18.13
N PHE D 139 -9.97 4.73 17.38
CA PHE D 139 -11.41 4.88 17.35
C PHE D 139 -12.11 3.56 17.01
N VAL D 140 -13.31 3.39 17.57
CA VAL D 140 -14.14 2.23 17.27
C VAL D 140 -15.61 2.62 17.40
N GLU D 141 -16.47 1.98 16.62
CA GLU D 141 -17.90 2.23 16.70
C GLU D 141 -18.65 1.07 16.04
N LYS D 142 -19.66 0.57 16.74
CA LYS D 142 -20.50 -0.50 16.20
C LYS D 142 -21.36 0.09 15.11
N GLY D 143 -21.33 -0.49 13.93
CA GLY D 143 -22.14 0.00 12.83
C GLY D 143 -23.62 -0.30 13.03
N LEU D 144 -24.45 0.42 12.28
CA LEU D 144 -25.89 0.23 12.32
C LEU D 144 -26.33 -1.11 11.71
N THR D 145 -26.96 -1.94 12.53
CA THR D 145 -27.56 -3.16 12.06
C THR D 145 -29.08 -3.01 12.04
N ASP D 146 -29.68 -3.07 10.85
CA ASP D 146 -31.13 -3.00 10.72
C ASP D 146 -31.62 -3.83 9.52
N GLU D 147 -32.84 -3.60 9.09
CA GLU D 147 -33.39 -4.27 7.94
C GLU D 147 -32.51 -4.09 6.68
N LYS D 148 -31.95 -2.91 6.54
CA LYS D 148 -31.18 -2.59 5.35
C LYS D 148 -29.70 -2.98 5.45
N ASN D 149 -29.25 -3.25 6.66
CA ASN D 149 -27.87 -3.60 6.94
C ASN D 149 -27.86 -4.78 7.88
N PRO D 150 -28.07 -5.98 7.32
CA PRO D 150 -28.45 -7.16 8.12
C PRO D 150 -27.26 -7.96 8.64
N TYR D 151 -26.16 -7.30 8.96
CA TYR D 151 -25.07 -8.00 9.62
C TYR D 151 -24.54 -7.13 10.73
N THR D 152 -23.81 -7.74 11.64
CA THR D 152 -23.13 -7.01 12.70
C THR D 152 -21.72 -6.64 12.19
N TYR D 153 -21.35 -5.37 12.33
CA TYR D 153 -20.03 -4.91 11.87
C TYR D 153 -19.58 -3.72 12.69
N TYR D 154 -18.27 -3.49 12.71
CA TYR D 154 -17.67 -2.44 13.53
C TYR D 154 -16.70 -1.56 12.72
N TYR D 155 -16.76 -0.26 12.94
CA TYR D 155 -15.76 0.68 12.42
C TYR D 155 -14.58 0.69 13.38
N HIS D 156 -13.40 0.51 12.81
CA HIS D 156 -12.15 0.61 13.58
C HIS D 156 -11.21 1.57 12.85
N VAL D 157 -10.51 2.43 13.60
CA VAL D 157 -9.48 3.27 13.00
C VAL D 157 -8.16 3.06 13.76
N TYR D 158 -7.06 2.85 13.02
CA TYR D 158 -5.77 2.58 13.65
C TYR D 158 -4.70 3.59 13.20
N GLU D 159 -3.81 3.96 14.13
CA GLU D 159 -2.63 4.74 13.80
C GLU D 159 -1.37 4.02 14.30
N LYS D 160 -0.20 4.39 13.78
CA LYS D 160 1.05 3.77 14.19
C LYS D 160 1.27 3.91 15.70
N GLN D 161 1.61 2.80 16.35
CA GLN D 161 1.99 2.84 17.75
C GLN D 161 3.26 3.67 17.85
N GLN D 162 3.24 4.71 18.69
CA GLN D 162 4.42 5.55 18.84
C GLN D 162 5.53 4.73 19.49
N LEU D 163 6.76 4.96 19.03
CA LEU D 163 7.90 4.23 19.56
C LEU D 163 8.48 4.94 20.79
N VAL D 164 8.65 4.19 21.87
CA VAL D 164 9.34 4.68 23.05
C VAL D 164 10.79 4.17 23.06
N PRO D 165 11.78 5.09 23.02
CA PRO D 165 13.21 4.77 22.91
C PRO D 165 13.74 3.90 24.05
N ARG D 166 14.62 2.96 23.73
CA ARG D 166 15.28 2.16 24.77
C ARG D 166 16.36 2.99 25.46
N MET E 1 -25.76 -36.60 7.07
CA MET E 1 -24.56 -35.95 7.62
C MET E 1 -23.32 -36.60 7.04
N ILE E 2 -22.40 -35.79 6.52
CA ILE E 2 -21.16 -36.33 5.97
C ILE E 2 -20.12 -36.40 7.08
N VAL E 3 -19.59 -37.58 7.30
CA VAL E 3 -18.55 -37.74 8.31
C VAL E 3 -17.18 -37.75 7.63
N SER E 4 -16.47 -36.63 7.73
CA SER E 4 -15.20 -36.47 7.04
C SER E 4 -14.01 -36.53 7.96
N PHE E 5 -12.96 -37.23 7.50
CA PHE E 5 -11.66 -37.23 8.16
C PHE E 5 -10.82 -36.08 7.57
N MET E 6 -10.18 -35.30 8.44
CA MET E 6 -9.25 -34.27 8.02
C MET E 6 -7.91 -34.65 8.66
N VAL E 7 -6.92 -34.93 7.83
CA VAL E 7 -5.65 -35.42 8.34
C VAL E 7 -4.48 -34.90 7.52
N ALA E 8 -3.35 -34.68 8.19
CA ALA E 8 -2.10 -34.34 7.53
C ALA E 8 -1.07 -35.34 8.00
N MET E 9 -0.40 -36.03 7.08
CA MET E 9 0.46 -37.13 7.49
C MET E 9 1.63 -37.24 6.56
N ASP E 10 2.72 -37.86 7.01
CA ASP E 10 3.91 -37.95 6.17
C ASP E 10 3.95 -39.29 5.44
N GLU E 11 5.11 -39.62 4.89
CA GLU E 11 5.24 -40.79 4.03
C GLU E 11 4.95 -42.10 4.75
N ASN E 12 5.16 -42.10 6.07
CA ASN E 12 4.90 -43.29 6.87
C ASN E 12 3.67 -43.15 7.76
N ARG E 13 2.78 -42.24 7.39
CA ARG E 13 1.49 -42.01 8.08
C ARG E 13 1.64 -41.27 9.41
N VAL E 14 2.83 -40.73 9.68
CA VAL E 14 3.03 -39.99 10.92
C VAL E 14 2.10 -38.78 10.95
N ILE E 15 1.39 -38.58 12.08
CA ILE E 15 0.50 -37.42 12.23
C ILE E 15 0.81 -36.58 13.48
N GLY E 16 1.83 -36.96 14.23
CA GLY E 16 2.18 -36.22 15.42
C GLY E 16 3.48 -36.70 16.04
N LYS E 17 4.03 -35.88 16.92
CA LYS E 17 5.22 -36.21 17.68
C LYS E 17 5.16 -35.37 18.94
N ASP E 18 5.16 -36.02 20.10
CA ASP E 18 5.03 -35.33 21.37
C ASP E 18 3.85 -34.36 21.34
N ASN E 19 2.75 -34.81 20.73
CA ASN E 19 1.51 -34.04 20.63
C ASN E 19 1.53 -32.86 19.66
N ASN E 20 2.64 -32.65 18.97
CA ASN E 20 2.68 -31.57 17.98
C ASN E 20 3.02 -31.99 16.56
N LEU E 21 2.95 -31.05 15.63
CA LEU E 21 3.26 -31.32 14.24
C LEU E 21 4.76 -31.29 14.05
N PRO E 22 5.33 -32.34 13.42
CA PRO E 22 6.77 -32.35 13.16
C PRO E 22 7.18 -31.37 12.06
N TRP E 23 6.20 -30.91 11.28
CA TRP E 23 6.49 -29.95 10.20
C TRP E 23 5.85 -28.63 10.57
N ARG E 24 6.24 -27.57 9.88
CA ARG E 24 5.61 -26.27 10.05
C ARG E 24 5.24 -25.72 8.69
N LEU E 25 3.98 -25.91 8.34
CA LEU E 25 3.43 -25.57 7.05
C LEU E 25 2.21 -24.69 7.25
N PRO E 26 2.43 -23.40 7.49
CA PRO E 26 1.31 -22.45 7.64
C PRO E 26 0.28 -22.53 6.49
N SER E 27 0.73 -22.77 5.26
CA SER E 27 -0.20 -22.87 4.14
C SER E 27 -1.17 -24.05 4.32
N GLU E 28 -0.66 -25.17 4.83
CA GLU E 28 -1.48 -26.36 5.08
C GLU E 28 -2.58 -26.06 6.11
N LEU E 29 -2.23 -25.32 7.14
CA LEU E 29 -3.21 -24.97 8.16
C LEU E 29 -4.24 -24.01 7.60
N GLN E 30 -3.83 -23.15 6.66
CA GLN E 30 -4.80 -22.27 5.99
C GLN E 30 -5.78 -23.07 5.13
N TYR E 31 -5.31 -24.16 4.53
CA TYR E 31 -6.20 -25.09 3.81
C TYR E 31 -7.22 -25.72 4.78
N VAL E 32 -6.73 -26.20 5.93
CA VAL E 32 -7.61 -26.69 6.99
C VAL E 32 -8.69 -25.68 7.36
N LYS E 33 -8.28 -24.43 7.54
CA LYS E 33 -9.19 -23.36 7.94
C LYS E 33 -10.28 -23.12 6.91
N LYS E 34 -9.89 -22.98 5.65
CA LYS E 34 -10.83 -22.75 4.57
C LYS E 34 -11.76 -23.95 4.35
N THR E 35 -11.18 -25.15 4.32
CA THR E 35 -11.95 -26.35 4.02
C THR E 35 -13.05 -26.61 5.08
N THR E 36 -12.73 -26.35 6.35
CA THR E 36 -13.64 -26.64 7.46
C THR E 36 -14.49 -25.45 7.93
N MET E 37 -14.36 -24.31 7.24
CA MET E 37 -15.14 -23.13 7.60
C MET E 37 -16.60 -23.49 7.72
N GLY E 38 -17.19 -23.14 8.86
CA GLY E 38 -18.62 -23.35 9.08
C GLY E 38 -19.03 -24.78 9.34
N HIS E 39 -18.06 -25.64 9.63
CA HIS E 39 -18.34 -27.04 9.96
C HIS E 39 -17.62 -27.41 11.24
N PRO E 40 -18.23 -28.29 12.05
CA PRO E 40 -17.63 -28.68 13.33
C PRO E 40 -16.27 -29.32 13.15
N LEU E 41 -15.35 -29.02 14.06
CA LEU E 41 -14.08 -29.74 14.16
C LEU E 41 -14.20 -30.66 15.35
N ILE E 42 -14.07 -31.96 15.11
CA ILE E 42 -14.16 -32.93 16.20
C ILE E 42 -12.76 -33.46 16.49
N MET E 43 -12.28 -33.26 17.71
CA MET E 43 -10.93 -33.67 18.04
C MET E 43 -10.79 -34.19 19.47
N GLY E 44 -9.77 -35.01 19.70
CA GLY E 44 -9.46 -35.48 21.04
C GLY E 44 -8.87 -34.36 21.90
N ARG E 45 -8.90 -34.59 23.21
CA ARG E 45 -8.43 -33.60 24.18
C ARG E 45 -6.96 -33.23 24.01
N LYS E 46 -6.07 -34.22 23.92
CA LYS E 46 -4.65 -33.93 23.75
C LYS E 46 -4.44 -33.06 22.52
N ASN E 47 -5.14 -33.39 21.45
CA ASN E 47 -5.05 -32.62 20.22
C ASN E 47 -5.51 -31.18 20.41
N TYR E 48 -6.62 -31.00 21.11
CA TYR E 48 -7.09 -29.65 21.39
C TYR E 48 -6.12 -28.88 22.28
N GLU E 49 -5.65 -29.51 23.35
CA GLU E 49 -4.74 -28.83 24.27
C GLU E 49 -3.43 -28.46 23.56
N ALA E 50 -3.11 -29.19 22.51
CA ALA E 50 -1.91 -28.91 21.72
C ALA E 50 -2.12 -27.63 20.91
N ILE E 51 -3.31 -27.49 20.32
CA ILE E 51 -3.66 -26.26 19.62
C ILE E 51 -3.82 -25.12 20.61
N GLY E 52 -4.44 -25.42 21.75
CA GLY E 52 -4.52 -24.51 22.87
C GLY E 52 -5.60 -23.45 22.79
N ARG E 53 -6.41 -23.51 21.76
CA ARG E 53 -7.36 -22.43 21.49
C ARG E 53 -8.41 -22.90 20.50
N PRO E 54 -9.68 -22.51 20.69
CA PRO E 54 -10.65 -22.93 19.67
C PRO E 54 -10.30 -22.28 18.33
N LEU E 55 -10.55 -22.95 17.21
CA LEU E 55 -10.46 -22.29 15.90
C LEU E 55 -11.81 -21.61 15.65
N PRO E 56 -11.79 -20.27 15.49
CA PRO E 56 -13.04 -19.51 15.48
C PRO E 56 -13.87 -19.77 14.22
N GLY E 57 -15.15 -19.40 14.26
CA GLY E 57 -16.02 -19.61 13.12
C GLY E 57 -16.39 -21.06 12.86
N ARG E 58 -16.07 -21.95 13.80
CA ARG E 58 -16.42 -23.38 13.72
C ARG E 58 -16.86 -23.84 15.10
N ARG E 59 -17.75 -24.82 15.17
CA ARG E 59 -17.98 -25.48 16.45
C ARG E 59 -16.77 -26.35 16.74
N ASN E 60 -16.12 -26.11 17.87
CA ASN E 60 -15.04 -26.99 18.30
C ASN E 60 -15.55 -28.01 19.33
N ILE E 61 -15.63 -29.27 18.93
CA ILE E 61 -16.13 -30.30 19.84
C ILE E 61 -14.99 -31.20 20.28
N ILE E 62 -14.75 -31.25 21.58
CA ILE E 62 -13.70 -32.09 22.12
C ILE E 62 -14.27 -33.42 22.59
N VAL E 63 -13.60 -34.50 22.22
CA VAL E 63 -14.04 -35.85 22.61
C VAL E 63 -13.13 -36.36 23.70
N THR E 64 -13.72 -36.69 24.84
CA THR E 64 -12.98 -37.19 25.99
C THR E 64 -13.90 -38.05 26.88
N ARG E 65 -13.34 -39.12 27.43
CA ARG E 65 -14.06 -40.01 28.33
C ARG E 65 -14.39 -39.29 29.63
N ASN E 66 -13.81 -38.10 29.78
CA ASN E 66 -13.85 -37.37 31.04
C ASN E 66 -15.11 -36.51 31.18
N GLU E 67 -16.08 -37.01 31.93
CA GLU E 67 -17.39 -36.36 32.08
C GLU E 67 -17.30 -34.96 32.69
N GLY E 68 -16.27 -34.74 33.49
CA GLY E 68 -16.06 -33.44 34.10
C GLY E 68 -15.26 -32.48 33.22
N TYR E 69 -14.82 -32.93 32.07
CA TYR E 69 -14.01 -32.06 31.22
C TYR E 69 -14.83 -30.91 30.64
N HIS E 70 -14.34 -29.69 30.81
CA HIS E 70 -14.96 -28.50 30.21
C HIS E 70 -13.91 -27.49 29.79
N VAL E 71 -14.20 -26.75 28.72
CA VAL E 71 -13.43 -25.57 28.37
C VAL E 71 -14.30 -24.57 27.64
N GLU E 72 -14.13 -23.29 27.97
CA GLU E 72 -14.94 -22.24 27.37
C GLU E 72 -14.65 -22.17 25.87
N GLY E 73 -15.70 -21.90 25.08
CA GLY E 73 -15.56 -21.80 23.65
C GLY E 73 -15.67 -23.13 22.91
N CYS E 74 -15.66 -24.24 23.65
CA CYS E 74 -15.79 -25.57 23.05
C CYS E 74 -16.93 -26.37 23.68
N GLU E 75 -17.50 -27.29 22.90
CA GLU E 75 -18.45 -28.24 23.47
C GLU E 75 -17.70 -29.54 23.69
N VAL E 76 -18.22 -30.37 24.58
CA VAL E 76 -17.56 -31.61 24.95
C VAL E 76 -18.51 -32.80 24.76
N ALA E 77 -18.00 -33.86 24.15
CA ALA E 77 -18.73 -35.13 24.04
C ALA E 77 -17.85 -36.24 24.59
N HIS E 78 -18.44 -37.39 24.86
CA HIS E 78 -17.72 -38.46 25.53
C HIS E 78 -17.89 -39.80 24.80
N SER E 79 -18.64 -39.77 23.71
CA SER E 79 -18.81 -40.96 22.89
C SER E 79 -19.09 -40.55 21.46
N VAL E 80 -18.92 -41.49 20.56
CA VAL E 80 -19.32 -41.31 19.18
C VAL E 80 -20.78 -40.89 19.14
N GLU E 81 -21.60 -41.61 19.89
CA GLU E 81 -23.02 -41.32 19.95
C GLU E 81 -23.33 -39.89 20.39
N GLU E 82 -22.64 -39.39 21.40
CA GLU E 82 -22.85 -37.99 21.79
C GLU E 82 -22.41 -36.99 20.70
N VAL E 83 -21.34 -37.31 19.97
CA VAL E 83 -20.95 -36.45 18.84
C VAL E 83 -22.07 -36.40 17.79
N PHE E 84 -22.62 -37.55 17.45
CA PHE E 84 -23.70 -37.59 16.46
C PHE E 84 -24.96 -36.88 16.98
N GLU E 85 -25.18 -36.91 18.29
CA GLU E 85 -26.30 -36.14 18.86
C GLU E 85 -26.06 -34.63 18.76
N LEU E 86 -24.91 -34.18 19.24
CA LEU E 86 -24.54 -32.76 19.13
C LEU E 86 -24.59 -32.26 17.67
N CYS E 87 -24.22 -33.12 16.73
CA CYS E 87 -24.16 -32.71 15.34
C CYS E 87 -25.34 -33.21 14.52
N LYS E 88 -26.45 -33.53 15.17
CA LYS E 88 -27.55 -34.17 14.45
C LYS E 88 -28.08 -33.34 13.30
N ASN E 89 -27.87 -32.02 13.37
CA ASN E 89 -28.36 -31.12 12.34
C ASN E 89 -27.25 -30.61 11.39
N GLU E 90 -26.06 -31.20 11.46
CA GLU E 90 -24.91 -30.73 10.67
C GLU E 90 -24.81 -31.44 9.32
N GLU E 91 -24.53 -30.70 8.25
CA GLU E 91 -24.36 -31.34 6.95
C GLU E 91 -23.03 -32.10 6.80
N GLU E 92 -21.96 -31.56 7.36
CA GLU E 92 -20.65 -32.23 7.32
C GLU E 92 -19.88 -31.91 8.58
N ILE E 93 -19.19 -32.90 9.12
CA ILE E 93 -18.32 -32.68 10.28
C ILE E 93 -16.96 -33.25 9.99
N PHE E 94 -15.94 -32.69 10.63
CA PHE E 94 -14.57 -33.07 10.37
C PHE E 94 -13.89 -33.68 11.59
N ILE E 95 -13.54 -34.96 11.49
CA ILE E 95 -12.79 -35.60 12.54
C ILE E 95 -11.36 -35.11 12.40
N PHE E 96 -10.88 -34.37 13.39
CA PHE E 96 -9.63 -33.64 13.28
C PHE E 96 -8.50 -34.38 13.96
N GLY E 97 -8.84 -35.53 14.52
CA GLY E 97 -7.79 -36.44 14.91
C GLY E 97 -7.36 -36.50 16.35
N GLY E 98 -6.16 -37.05 16.48
CA GLY E 98 -5.83 -37.99 17.51
C GLY E 98 -6.11 -39.31 16.78
N ALA E 99 -5.12 -40.20 16.77
CA ALA E 99 -5.24 -41.51 16.16
C ALA E 99 -6.42 -42.29 16.73
N GLN E 100 -6.62 -42.18 18.03
CA GLN E 100 -7.72 -42.87 18.70
C GLN E 100 -9.06 -42.33 18.25
N ILE E 101 -9.12 -41.00 18.03
CA ILE E 101 -10.35 -40.38 17.55
C ILE E 101 -10.71 -40.81 16.11
N TYR E 102 -9.71 -40.92 15.24
CA TYR E 102 -9.99 -41.48 13.92
C TYR E 102 -10.52 -42.92 14.08
N ASP E 103 -9.86 -43.71 14.93
CA ASP E 103 -10.32 -45.09 15.10
C ASP E 103 -11.78 -45.16 15.52
N LEU E 104 -12.19 -44.28 16.43
CA LEU E 104 -13.59 -44.28 16.90
C LEU E 104 -14.60 -44.02 15.79
N PHE E 105 -14.21 -43.23 14.80
CA PHE E 105 -15.17 -42.79 13.79
C PHE E 105 -15.04 -43.55 12.49
N LEU E 106 -14.10 -44.50 12.44
CA LEU E 106 -13.86 -45.31 11.24
C LEU E 106 -15.10 -46.01 10.67
N PRO E 107 -15.97 -46.55 11.55
CA PRO E 107 -17.16 -47.24 11.01
C PRO E 107 -18.09 -46.28 10.32
N TYR E 108 -17.88 -44.98 10.51
CA TYR E 108 -18.85 -44.00 10.03
C TYR E 108 -18.35 -43.09 8.91
N VAL E 109 -17.07 -43.16 8.58
CA VAL E 109 -16.48 -42.13 7.73
C VAL E 109 -16.96 -42.20 6.28
N ASP E 110 -17.23 -41.04 5.70
CA ASP E 110 -17.78 -40.95 4.35
C ASP E 110 -16.87 -40.24 3.39
N LYS E 111 -15.92 -39.49 3.91
CA LYS E 111 -15.08 -38.68 3.04
C LYS E 111 -13.70 -38.49 3.68
N LEU E 112 -12.66 -38.46 2.86
CA LEU E 112 -11.31 -38.35 3.36
C LEU E 112 -10.59 -37.11 2.79
N TYR E 113 -10.19 -36.19 3.66
CA TYR E 113 -9.36 -35.06 3.25
C TYR E 113 -7.97 -35.30 3.80
N ILE E 114 -7.08 -35.77 2.95
CA ILE E 114 -5.79 -36.24 3.39
C ILE E 114 -4.70 -35.45 2.69
N THR E 115 -3.89 -34.75 3.48
CA THR E 115 -2.70 -34.06 2.99
C THR E 115 -1.53 -35.00 3.16
N LYS E 116 -0.86 -35.32 2.06
CA LYS E 116 0.26 -36.23 2.08
C LYS E 116 1.57 -35.46 1.93
N ILE E 117 2.37 -35.47 2.98
CA ILE E 117 3.64 -34.73 3.00
C ILE E 117 4.76 -35.69 2.58
N HIS E 118 5.50 -35.30 1.55
CA HIS E 118 6.51 -36.16 0.94
C HIS E 118 7.85 -36.08 1.68
N HIS E 119 7.83 -36.55 2.92
CA HIS E 119 9.02 -36.56 3.77
C HIS E 119 8.80 -37.55 4.90
N ALA E 120 9.89 -38.08 5.45
CA ALA E 120 9.83 -38.99 6.59
C ALA E 120 10.30 -38.29 7.85
N PHE E 121 9.37 -37.95 8.74
CA PHE E 121 9.71 -37.25 9.99
C PHE E 121 9.88 -38.24 11.11
N GLU E 122 10.37 -37.74 12.25
CA GLU E 122 10.34 -38.52 13.47
C GLU E 122 9.00 -38.28 14.16
N GLY E 123 8.24 -39.36 14.35
CA GLY E 123 6.90 -39.27 14.90
C GLY E 123 6.63 -40.34 15.96
N ASP E 124 5.54 -40.18 16.71
CA ASP E 124 5.18 -41.18 17.70
C ASP E 124 3.69 -41.56 17.63
N THR E 125 2.99 -41.01 16.65
CA THR E 125 1.59 -41.36 16.45
C THR E 125 1.25 -41.35 14.96
N PHE E 126 0.30 -42.21 14.55
CA PHE E 126 0.07 -42.51 13.14
C PHE E 126 -1.39 -42.53 12.71
N PHE E 127 -1.64 -42.13 11.47
CA PHE E 127 -2.97 -42.32 10.87
C PHE E 127 -3.16 -43.80 10.58
N PRO E 128 -4.24 -44.39 11.11
CA PRO E 128 -4.48 -45.83 10.87
C PRO E 128 -4.53 -46.21 9.37
N GLU E 129 -4.14 -47.44 9.07
CA GLU E 129 -4.25 -47.99 7.73
C GLU E 129 -5.70 -48.01 7.28
N MET E 130 -5.89 -47.88 5.97
CA MET E 130 -7.20 -47.96 5.34
C MET E 130 -7.04 -48.58 3.96
N ASP E 131 -7.82 -49.61 3.67
CA ASP E 131 -7.90 -50.13 2.31
C ASP E 131 -8.43 -49.02 1.41
N MET E 132 -7.56 -48.42 0.61
CA MET E 132 -7.99 -47.33 -0.27
C MET E 132 -8.73 -47.84 -1.53
N THR E 133 -8.79 -49.15 -1.72
CA THR E 133 -9.57 -49.70 -2.83
C THR E 133 -11.09 -49.46 -2.71
N ASN E 134 -11.55 -49.07 -1.53
CA ASN E 134 -12.96 -48.71 -1.31
C ASN E 134 -13.21 -47.22 -1.54
N TRP E 135 -12.17 -46.49 -1.90
CA TRP E 135 -12.25 -45.05 -1.99
C TRP E 135 -11.85 -44.58 -3.39
N LYS E 136 -12.27 -43.38 -3.75
CA LYS E 136 -12.03 -42.85 -5.08
C LYS E 136 -11.65 -41.40 -4.96
N GLU E 137 -10.55 -41.02 -5.60
CA GLU E 137 -10.10 -39.64 -5.46
C GLU E 137 -10.98 -38.74 -6.32
N VAL E 138 -11.49 -37.65 -5.74
CA VAL E 138 -12.31 -36.71 -6.49
C VAL E 138 -11.60 -35.37 -6.71
N PHE E 139 -10.52 -35.14 -5.97
CA PHE E 139 -9.77 -33.90 -6.11
C PHE E 139 -8.35 -34.05 -5.59
N VAL E 140 -7.41 -33.34 -6.22
CA VAL E 140 -6.01 -33.30 -5.80
C VAL E 140 -5.40 -31.92 -6.11
N GLU E 141 -4.47 -31.48 -5.26
CA GLU E 141 -3.80 -30.20 -5.46
C GLU E 141 -2.46 -30.24 -4.77
N LYS E 142 -1.41 -29.85 -5.50
CA LYS E 142 -0.09 -29.74 -4.90
C LYS E 142 -0.11 -28.53 -3.96
N GLY E 143 0.36 -28.73 -2.74
CA GLY E 143 0.38 -27.63 -1.79
C GLY E 143 1.48 -26.64 -2.12
N LEU E 144 1.40 -25.45 -1.53
CA LEU E 144 2.42 -24.42 -1.71
C LEU E 144 3.73 -24.77 -0.99
N THR E 145 4.78 -25.04 -1.77
CA THR E 145 6.13 -25.22 -1.23
C THR E 145 6.94 -23.95 -1.47
N ASP E 146 7.48 -23.40 -0.38
CA ASP E 146 8.31 -22.17 -0.43
C ASP E 146 9.12 -22.04 0.87
N GLU E 147 9.60 -20.82 1.14
CA GLU E 147 10.45 -20.56 2.33
C GLU E 147 9.76 -20.90 3.63
N LYS E 148 8.50 -20.50 3.74
CA LYS E 148 7.69 -20.73 4.94
C LYS E 148 7.08 -22.12 5.00
N ASN E 149 7.02 -22.80 3.87
CA ASN E 149 6.50 -24.17 3.82
C ASN E 149 7.48 -25.06 3.07
N PRO E 150 8.53 -25.51 3.77
CA PRO E 150 9.68 -26.06 3.04
C PRO E 150 9.36 -27.36 2.31
N TYR E 151 8.46 -28.16 2.87
CA TYR E 151 8.26 -29.51 2.32
C TYR E 151 7.34 -29.54 1.12
N THR E 152 7.42 -30.65 0.39
CA THR E 152 6.53 -30.91 -0.72
C THR E 152 5.35 -31.74 -0.20
N TYR E 153 4.13 -31.25 -0.41
CA TYR E 153 2.92 -31.95 0.05
C TYR E 153 1.75 -31.77 -0.91
N TYR E 154 0.77 -32.65 -0.83
CA TYR E 154 -0.39 -32.62 -1.73
C TYR E 154 -1.71 -32.82 -0.97
N TYR E 155 -2.71 -32.01 -1.33
CA TYR E 155 -4.05 -32.18 -0.85
C TYR E 155 -4.75 -33.20 -1.72
N HIS E 156 -5.34 -34.22 -1.08
CA HIS E 156 -6.12 -35.25 -1.75
C HIS E 156 -7.51 -35.30 -1.07
N VAL E 157 -8.55 -35.53 -1.86
CA VAL E 157 -9.89 -35.71 -1.29
C VAL E 157 -10.52 -36.96 -1.89
N TYR E 158 -11.06 -37.83 -1.03
CA TYR E 158 -11.62 -39.10 -1.48
C TYR E 158 -13.06 -39.28 -1.02
N GLU E 159 -13.84 -39.96 -1.84
CA GLU E 159 -15.22 -40.32 -1.53
C GLU E 159 -15.34 -41.83 -1.70
N LYS E 160 -16.43 -42.41 -1.22
CA LYS E 160 -16.61 -43.85 -1.36
C LYS E 160 -16.72 -44.21 -2.82
N GLN E 161 -16.04 -45.28 -3.21
CA GLN E 161 -16.21 -45.84 -4.55
C GLN E 161 -17.65 -46.35 -4.68
N GLN E 162 -18.33 -45.95 -5.76
CA GLN E 162 -19.68 -46.46 -6.00
C GLN E 162 -19.56 -47.81 -6.67
N LEU E 163 -20.26 -48.81 -6.13
CA LEU E 163 -20.14 -50.14 -6.70
C LEU E 163 -21.16 -50.37 -7.80
N VAL E 164 -20.70 -51.01 -8.86
CA VAL E 164 -21.59 -51.45 -9.92
C VAL E 164 -22.03 -52.87 -9.57
N PRO E 165 -23.35 -53.13 -9.58
CA PRO E 165 -23.92 -54.45 -9.23
C PRO E 165 -23.51 -55.56 -10.20
N ARG E 166 -23.42 -56.79 -9.70
CA ARG E 166 -23.06 -57.94 -10.53
C ARG E 166 -24.20 -58.33 -11.47
N MET F 1 10.51 -14.71 5.30
CA MET F 1 11.95 -14.90 5.29
C MET F 1 12.51 -14.25 4.04
N ILE F 2 13.44 -13.32 4.19
CA ILE F 2 14.07 -12.69 3.04
C ILE F 2 15.23 -13.55 2.55
N VAL F 3 15.19 -13.94 1.27
CA VAL F 3 16.27 -14.71 0.67
C VAL F 3 17.12 -13.78 -0.20
N SER F 4 18.33 -13.49 0.26
CA SER F 4 19.18 -12.49 -0.37
C SER F 4 20.40 -13.15 -1.03
N PHE F 5 20.66 -12.80 -2.28
CA PHE F 5 21.94 -13.17 -2.89
C PHE F 5 22.99 -12.17 -2.42
N MET F 6 24.18 -12.67 -2.08
CA MET F 6 25.32 -11.79 -1.82
C MET F 6 26.44 -12.16 -2.78
N VAL F 7 26.86 -11.22 -3.60
CA VAL F 7 27.82 -11.52 -4.65
C VAL F 7 28.77 -10.37 -4.94
N ALA F 8 29.97 -10.72 -5.33
CA ALA F 8 30.94 -9.74 -5.85
C ALA F 8 31.38 -10.17 -7.23
N MET F 9 31.21 -9.32 -8.22
CA MET F 9 31.61 -9.72 -9.57
C MET F 9 32.30 -8.62 -10.35
N ASP F 10 33.01 -9.02 -11.41
CA ASP F 10 33.70 -8.05 -12.25
C ASP F 10 32.82 -7.60 -13.43
N GLU F 11 33.37 -6.86 -14.36
CA GLU F 11 32.55 -6.25 -15.41
C GLU F 11 31.95 -7.29 -16.38
N ASN F 12 32.49 -8.51 -16.36
CA ASN F 12 31.98 -9.62 -17.15
C ASN F 12 31.30 -10.70 -16.30
N ARG F 13 30.94 -10.34 -15.08
CA ARG F 13 30.28 -11.29 -14.17
C ARG F 13 31.18 -12.38 -13.62
N VAL F 14 32.49 -12.22 -13.77
CA VAL F 14 33.41 -13.13 -13.09
C VAL F 14 33.18 -13.08 -11.58
N ILE F 15 33.07 -14.26 -10.96
CA ILE F 15 32.94 -14.38 -9.50
C ILE F 15 34.01 -15.32 -8.94
N GLY F 16 34.83 -15.87 -9.81
CA GLY F 16 35.86 -16.79 -9.34
C GLY F 16 36.85 -17.26 -10.39
N LYS F 17 38.00 -17.69 -9.91
CA LYS F 17 39.06 -18.25 -10.73
C LYS F 17 39.82 -19.25 -9.87
N ASP F 18 39.75 -20.52 -10.26
CA ASP F 18 40.40 -21.59 -9.51
C ASP F 18 39.90 -21.59 -8.07
N ASN F 19 38.59 -21.36 -7.94
CA ASN F 19 37.91 -21.35 -6.65
C ASN F 19 38.29 -20.17 -5.74
N ASN F 20 39.10 -19.26 -6.24
CA ASN F 20 39.43 -18.06 -5.48
C ASN F 20 38.96 -16.79 -6.17
N LEU F 21 39.14 -15.66 -5.50
CA LEU F 21 38.78 -14.37 -6.07
C LEU F 21 39.96 -13.84 -6.88
N PRO F 22 39.70 -13.35 -8.09
CA PRO F 22 40.80 -12.75 -8.87
C PRO F 22 41.30 -11.42 -8.29
N TRP F 23 40.56 -10.87 -7.34
CA TRP F 23 40.93 -9.59 -6.73
C TRP F 23 41.14 -9.75 -5.24
N ARG F 24 41.94 -8.86 -4.66
CA ARG F 24 42.07 -8.82 -3.21
C ARG F 24 41.55 -7.48 -2.73
N LEU F 25 40.33 -7.49 -2.19
CA LEU F 25 39.67 -6.28 -1.75
C LEU F 25 39.21 -6.40 -0.30
N PRO F 26 40.15 -6.30 0.65
CA PRO F 26 39.81 -6.46 2.07
C PRO F 26 38.63 -5.61 2.48
N SER F 27 38.54 -4.39 1.96
CA SER F 27 37.40 -3.54 2.32
C SER F 27 36.07 -4.14 1.84
N GLU F 28 36.06 -4.77 0.66
CA GLU F 28 34.85 -5.44 0.18
C GLU F 28 34.41 -6.50 1.18
N LEU F 29 35.35 -7.31 1.66
CA LEU F 29 34.98 -8.38 2.59
C LEU F 29 34.49 -7.84 3.94
N GLN F 30 35.00 -6.68 4.35
CA GLN F 30 34.48 -6.05 5.56
C GLN F 30 33.02 -5.66 5.36
N TYR F 31 32.65 -5.29 4.14
CA TYR F 31 31.26 -4.97 3.87
C TYR F 31 30.44 -6.25 3.94
N VAL F 32 30.99 -7.34 3.42
CA VAL F 32 30.32 -8.63 3.51
C VAL F 32 30.06 -8.95 4.98
N LYS F 33 31.10 -8.77 5.80
CA LYS F 33 31.02 -9.06 7.22
C LYS F 33 29.95 -8.23 7.94
N LYS F 34 29.98 -6.92 7.75
CA LYS F 34 28.97 -6.05 8.34
C LYS F 34 27.55 -6.45 7.92
N THR F 35 27.37 -6.61 6.61
CA THR F 35 26.03 -6.81 6.08
C THR F 35 25.44 -8.11 6.59
N THR F 36 26.26 -9.16 6.67
CA THR F 36 25.75 -10.49 7.01
C THR F 36 25.84 -10.85 8.49
N MET F 37 26.39 -9.97 9.32
CA MET F 37 26.50 -10.25 10.74
C MET F 37 25.16 -10.64 11.35
N GLY F 38 25.14 -11.79 12.03
CA GLY F 38 23.96 -12.24 12.74
C GLY F 38 22.93 -12.88 11.84
N HIS F 39 23.30 -13.18 10.59
CA HIS F 39 22.40 -13.88 9.67
C HIS F 39 23.06 -15.12 9.06
N PRO F 40 22.25 -16.14 8.76
CA PRO F 40 22.83 -17.31 8.09
C PRO F 40 23.55 -16.93 6.80
N LEU F 41 24.66 -17.60 6.56
CA LEU F 41 25.44 -17.42 5.35
C LEU F 41 25.34 -18.78 4.69
N ILE F 42 24.74 -18.84 3.49
CA ILE F 42 24.51 -20.11 2.82
C ILE F 42 25.52 -20.35 1.67
N MET F 43 26.29 -21.43 1.75
CA MET F 43 27.27 -21.66 0.69
C MET F 43 27.55 -23.12 0.31
N GLY F 44 27.95 -23.32 -0.95
CA GLY F 44 28.36 -24.62 -1.43
C GLY F 44 29.65 -25.11 -0.80
N ARG F 45 29.83 -26.43 -0.79
CA ARG F 45 31.00 -27.03 -0.17
C ARG F 45 32.31 -26.49 -0.73
N LYS F 46 32.38 -26.33 -2.05
CA LYS F 46 33.58 -25.79 -2.72
C LYS F 46 33.90 -24.38 -2.28
N ASN F 47 32.87 -23.55 -2.21
CA ASN F 47 33.03 -22.16 -1.79
C ASN F 47 33.51 -22.10 -0.33
N TYR F 48 32.88 -22.91 0.52
CA TYR F 48 33.29 -22.97 1.91
C TYR F 48 34.73 -23.45 2.05
N GLU F 49 35.08 -24.55 1.37
CA GLU F 49 36.43 -25.08 1.49
C GLU F 49 37.48 -24.08 0.99
N ALA F 50 37.06 -23.20 0.08
CA ALA F 50 37.93 -22.15 -0.44
C ALA F 50 38.18 -21.04 0.60
N ILE F 51 37.17 -20.76 1.42
CA ILE F 51 37.35 -19.79 2.51
C ILE F 51 38.21 -20.40 3.63
N GLY F 52 38.01 -21.69 3.90
CA GLY F 52 38.90 -22.43 4.76
C GLY F 52 38.40 -22.67 6.17
N ARG F 53 37.51 -21.80 6.64
CA ARG F 53 36.99 -21.90 8.00
C ARG F 53 35.71 -21.08 8.12
N PRO F 54 34.94 -21.34 9.18
CA PRO F 54 33.66 -20.64 9.34
C PRO F 54 33.89 -19.15 9.54
N LEU F 55 32.93 -18.33 9.10
CA LEU F 55 32.94 -16.90 9.43
C LEU F 55 32.25 -16.69 10.77
N PRO F 56 33.00 -16.24 11.79
CA PRO F 56 32.39 -16.11 13.12
C PRO F 56 31.23 -15.11 13.18
N GLY F 57 30.35 -15.25 14.17
CA GLY F 57 29.23 -14.34 14.31
C GLY F 57 28.06 -14.60 13.36
N ARG F 58 28.07 -15.75 12.69
CA ARG F 58 27.00 -16.08 11.75
C ARG F 58 26.82 -17.57 11.67
N ARG F 59 25.58 -18.01 11.42
CA ARG F 59 25.34 -19.40 11.11
C ARG F 59 25.93 -19.70 9.74
N ASN F 60 26.87 -20.63 9.70
CA ASN F 60 27.48 -21.04 8.44
C ASN F 60 26.79 -22.31 7.97
N ILE F 61 26.04 -22.22 6.87
CA ILE F 61 25.31 -23.37 6.38
C ILE F 61 25.87 -23.81 5.03
N ILE F 62 26.40 -25.02 5.00
CA ILE F 62 27.05 -25.54 3.82
C ILE F 62 26.09 -26.47 3.07
N VAL F 63 25.89 -26.20 1.78
CA VAL F 63 24.98 -26.98 0.96
C VAL F 63 25.73 -28.01 0.12
N THR F 64 25.38 -29.28 0.32
CA THR F 64 26.00 -30.36 -0.43
C THR F 64 25.07 -31.58 -0.49
N ARG F 65 25.15 -32.30 -1.60
CA ARG F 65 24.41 -33.54 -1.82
C ARG F 65 24.90 -34.64 -0.89
N ASN F 66 26.16 -34.53 -0.46
CA ASN F 66 26.79 -35.51 0.40
C ASN F 66 26.12 -35.58 1.77
N GLU F 67 25.39 -36.66 2.01
CA GLU F 67 24.62 -36.81 3.25
C GLU F 67 25.50 -37.02 4.48
N GLY F 68 26.72 -37.49 4.29
CA GLY F 68 27.64 -37.71 5.39
C GLY F 68 28.65 -36.60 5.59
N TYR F 69 28.44 -35.46 4.94
CA TYR F 69 29.38 -34.35 5.06
C TYR F 69 29.22 -33.62 6.39
N HIS F 70 30.34 -33.32 7.04
CA HIS F 70 30.34 -32.66 8.35
C HIS F 70 31.55 -31.75 8.55
N VAL F 71 31.33 -30.59 9.15
CA VAL F 71 32.40 -29.63 9.41
C VAL F 71 32.17 -28.95 10.75
N GLU F 72 33.16 -29.04 11.65
CA GLU F 72 33.07 -28.35 12.93
C GLU F 72 32.71 -26.91 12.68
N GLY F 73 31.81 -26.37 13.50
CA GLY F 73 31.43 -24.98 13.41
C GLY F 73 30.41 -24.64 12.33
N CYS F 74 30.04 -25.62 11.51
CA CYS F 74 29.05 -25.37 10.45
C CYS F 74 27.88 -26.33 10.52
N GLU F 75 26.72 -25.87 10.05
CA GLU F 75 25.59 -26.75 9.83
C GLU F 75 25.60 -27.16 8.37
N VAL F 76 25.12 -28.36 8.08
CA VAL F 76 25.10 -28.85 6.70
C VAL F 76 23.68 -29.13 6.27
N ALA F 77 23.28 -28.59 5.12
CA ALA F 77 21.99 -28.89 4.51
C ALA F 77 22.20 -29.59 3.16
N HIS F 78 21.18 -30.29 2.68
CA HIS F 78 21.33 -31.13 1.49
C HIS F 78 20.34 -30.78 0.40
N SER F 79 19.64 -29.67 0.57
CA SER F 79 18.64 -29.27 -0.41
C SER F 79 18.06 -27.93 -0.02
N VAL F 80 17.37 -27.29 -0.95
CA VAL F 80 16.77 -26.01 -0.63
C VAL F 80 15.78 -26.23 0.52
N GLU F 81 14.98 -27.27 0.37
CA GLU F 81 14.02 -27.68 1.39
C GLU F 81 14.65 -27.64 2.80
N GLU F 82 15.74 -28.38 2.99
CA GLU F 82 16.38 -28.46 4.29
C GLU F 82 16.95 -27.12 4.76
N VAL F 83 17.41 -26.28 3.84
CA VAL F 83 17.86 -24.94 4.20
C VAL F 83 16.69 -24.11 4.76
N PHE F 84 15.57 -24.12 4.05
CA PHE F 84 14.41 -23.37 4.54
C PHE F 84 13.89 -23.93 5.88
N GLU F 85 14.01 -25.24 6.05
CA GLU F 85 13.74 -25.88 7.34
C GLU F 85 14.69 -25.34 8.44
N LEU F 86 16.00 -25.41 8.22
CA LEU F 86 16.96 -24.90 9.21
C LEU F 86 16.77 -23.42 9.50
N CYS F 87 16.36 -22.66 8.50
CA CYS F 87 16.22 -21.21 8.66
C CYS F 87 14.80 -20.75 8.98
N LYS F 88 13.98 -21.70 9.41
CA LYS F 88 12.60 -21.49 9.81
C LYS F 88 12.37 -20.12 10.43
N ASN F 89 13.19 -19.77 11.41
CA ASN F 89 12.92 -18.58 12.23
C ASN F 89 13.68 -17.33 11.82
N GLU F 90 14.51 -17.46 10.78
CA GLU F 90 15.38 -16.37 10.33
C GLU F 90 14.61 -15.29 9.58
N GLU F 91 14.98 -14.03 9.81
CA GLU F 91 14.38 -12.93 9.06
C GLU F 91 15.03 -12.76 7.67
N GLU F 92 16.30 -13.13 7.55
CA GLU F 92 17.02 -12.96 6.29
C GLU F 92 18.20 -13.91 6.20
N ILE F 93 18.36 -14.55 5.04
CA ILE F 93 19.49 -15.43 4.82
C ILE F 93 20.27 -15.01 3.56
N PHE F 94 21.56 -15.28 3.57
CA PHE F 94 22.42 -14.83 2.49
C PHE F 94 22.98 -16.01 1.72
N ILE F 95 22.66 -16.08 0.44
CA ILE F 95 23.26 -17.05 -0.47
C ILE F 95 24.63 -16.51 -0.92
N PHE F 96 25.69 -17.22 -0.53
CA PHE F 96 27.04 -16.70 -0.63
C PHE F 96 27.73 -17.28 -1.85
N GLY F 97 27.00 -18.13 -2.56
CA GLY F 97 27.49 -18.54 -3.86
C GLY F 97 28.13 -19.90 -3.98
N GLY F 98 28.89 -20.01 -5.06
CA GLY F 98 28.90 -21.16 -5.91
C GLY F 98 27.82 -20.74 -6.93
N ALA F 99 28.17 -20.69 -8.21
CA ALA F 99 27.20 -20.41 -9.25
C ALA F 99 26.00 -21.34 -9.10
N GLN F 100 26.28 -22.62 -8.90
CA GLN F 100 25.24 -23.64 -8.73
C GLN F 100 24.35 -23.32 -7.53
N ILE F 101 24.92 -22.75 -6.48
CA ILE F 101 24.11 -22.43 -5.33
C ILE F 101 23.13 -21.29 -5.65
N TYR F 102 23.61 -20.24 -6.32
CA TYR F 102 22.71 -19.19 -6.78
C TYR F 102 21.56 -19.76 -7.62
N ASP F 103 21.86 -20.70 -8.52
CA ASP F 103 20.81 -21.30 -9.34
C ASP F 103 19.74 -22.00 -8.52
N LEU F 104 20.16 -22.72 -7.48
CA LEU F 104 19.22 -23.42 -6.59
C LEU F 104 18.23 -22.47 -5.95
N PHE F 105 18.69 -21.28 -5.57
CA PHE F 105 17.85 -20.39 -4.77
C PHE F 105 17.20 -19.29 -5.61
N LEU F 106 17.56 -19.24 -6.88
CA LEU F 106 16.94 -18.30 -7.82
C LEU F 106 15.41 -18.23 -7.74
N PRO F 107 14.72 -19.39 -7.65
CA PRO F 107 13.26 -19.26 -7.65
C PRO F 107 12.71 -18.49 -6.43
N TYR F 108 13.55 -18.27 -5.42
CA TYR F 108 13.06 -17.76 -4.14
C TYR F 108 13.64 -16.40 -3.76
N VAL F 109 14.57 -15.90 -4.57
CA VAL F 109 15.34 -14.73 -4.19
C VAL F 109 14.51 -13.45 -4.11
N ASP F 110 14.74 -12.64 -3.08
CA ASP F 110 13.99 -11.40 -2.87
C ASP F 110 14.87 -10.16 -2.88
N LYS F 111 16.17 -10.34 -2.73
CA LYS F 111 17.08 -9.22 -2.56
C LYS F 111 18.43 -9.56 -3.14
N LEU F 112 19.05 -8.59 -3.81
CA LEU F 112 20.39 -8.79 -4.39
C LEU F 112 21.38 -7.75 -3.88
N TYR F 113 22.45 -8.22 -3.24
CA TYR F 113 23.52 -7.36 -2.78
C TYR F 113 24.69 -7.70 -3.70
N ILE F 114 24.89 -6.84 -4.69
CA ILE F 114 25.86 -7.11 -5.73
C ILE F 114 26.95 -6.08 -5.67
N THR F 115 28.17 -6.54 -5.45
CA THR F 115 29.34 -5.68 -5.57
C THR F 115 29.85 -5.79 -7.00
N LYS F 116 29.89 -4.65 -7.71
CA LYS F 116 30.35 -4.63 -9.09
C LYS F 116 31.72 -3.99 -9.19
N ILE F 117 32.70 -4.81 -9.57
CA ILE F 117 34.07 -4.37 -9.69
C ILE F 117 34.36 -3.90 -11.11
N HIS F 118 34.79 -2.64 -11.24
CA HIS F 118 35.03 -2.04 -12.57
C HIS F 118 36.35 -2.47 -13.20
N HIS F 119 36.50 -3.76 -13.42
CA HIS F 119 37.71 -4.28 -14.02
C HIS F 119 37.37 -5.61 -14.69
N ALA F 120 38.20 -6.01 -15.65
CA ALA F 120 38.03 -7.30 -16.31
C ALA F 120 39.13 -8.25 -15.85
N PHE F 121 38.76 -9.30 -15.12
CA PHE F 121 39.73 -10.30 -14.68
C PHE F 121 39.67 -11.57 -15.51
N GLU F 122 40.66 -12.43 -15.31
CA GLU F 122 40.60 -13.79 -15.82
C GLU F 122 39.77 -14.66 -14.87
N GLY F 123 38.73 -15.28 -15.38
CA GLY F 123 37.83 -16.03 -14.52
C GLY F 123 37.37 -17.32 -15.15
N ASP F 124 36.86 -18.23 -14.32
CA ASP F 124 36.34 -19.49 -14.82
C ASP F 124 34.94 -19.79 -14.29
N THR F 125 34.40 -18.88 -13.47
CA THR F 125 33.03 -19.04 -13.00
C THR F 125 32.32 -17.70 -12.95
N PHE F 126 31.02 -17.70 -13.26
CA PHE F 126 30.30 -16.47 -13.52
C PHE F 126 28.99 -16.40 -12.75
N PHE F 127 28.56 -15.17 -12.47
CA PHE F 127 27.26 -14.95 -11.87
C PHE F 127 26.25 -15.04 -13.00
N PRO F 128 25.32 -16.00 -12.89
CA PRO F 128 24.29 -16.18 -13.94
C PRO F 128 23.61 -14.85 -14.29
N GLU F 129 23.36 -14.64 -15.56
CA GLU F 129 22.62 -13.46 -16.01
C GLU F 129 21.23 -13.41 -15.36
N MET F 130 20.74 -12.21 -15.08
CA MET F 130 19.43 -12.03 -14.48
C MET F 130 18.71 -10.91 -15.18
N ASP F 131 17.42 -11.11 -15.44
CA ASP F 131 16.59 -10.07 -16.01
C ASP F 131 16.35 -9.03 -14.93
N MET F 132 17.09 -7.93 -15.01
CA MET F 132 17.06 -6.88 -14.00
C MET F 132 15.89 -5.91 -14.16
N THR F 133 15.09 -6.09 -15.21
CA THR F 133 13.91 -5.27 -15.39
C THR F 133 12.91 -5.62 -14.29
N ASN F 134 13.06 -6.81 -13.73
CA ASN F 134 12.26 -7.25 -12.58
C ASN F 134 12.75 -6.70 -11.25
N TRP F 135 13.90 -6.03 -11.28
CA TRP F 135 14.54 -5.59 -10.06
C TRP F 135 14.62 -4.07 -9.95
N LYS F 136 14.77 -3.60 -8.71
CA LYS F 136 14.72 -2.18 -8.44
C LYS F 136 15.83 -1.81 -7.46
N GLU F 137 16.75 -0.93 -7.87
CA GLU F 137 17.82 -0.52 -6.95
C GLU F 137 17.31 0.27 -5.75
N VAL F 138 17.71 -0.13 -4.56
CA VAL F 138 17.30 0.61 -3.39
C VAL F 138 18.48 1.25 -2.65
N PHE F 139 19.70 0.89 -3.03
CA PHE F 139 20.88 1.47 -2.41
C PHE F 139 22.11 1.35 -3.31
N VAL F 140 22.99 2.35 -3.23
CA VAL F 140 24.26 2.29 -3.90
C VAL F 140 25.30 3.04 -3.08
N GLU F 141 26.55 2.59 -3.16
CA GLU F 141 27.66 3.27 -2.51
C GLU F 141 28.96 2.88 -3.17
N LYS F 142 29.79 3.87 -3.48
CA LYS F 142 31.11 3.62 -4.06
C LYS F 142 32.02 3.00 -3.00
N GLY F 143 32.66 1.89 -3.35
CA GLY F 143 33.55 1.19 -2.45
C GLY F 143 34.83 1.97 -2.16
N LEU F 144 35.52 1.59 -1.10
CA LEU F 144 36.79 2.23 -0.74
C LEU F 144 37.91 1.76 -1.67
N THR F 145 38.45 2.70 -2.44
CA THR F 145 39.61 2.42 -3.27
C THR F 145 40.85 3.10 -2.68
N ASP F 146 41.88 2.31 -2.39
CA ASP F 146 43.10 2.81 -1.76
C ASP F 146 44.23 1.80 -1.96
N GLU F 147 45.28 1.91 -1.16
CA GLU F 147 46.47 1.09 -1.37
C GLU F 147 46.20 -0.40 -1.20
N LYS F 148 45.33 -0.74 -0.26
CA LYS F 148 44.95 -2.14 -0.02
C LYS F 148 43.79 -2.60 -0.91
N ASN F 149 43.09 -1.66 -1.53
CA ASN F 149 41.95 -1.99 -2.38
C ASN F 149 42.07 -1.29 -3.74
N PRO F 150 42.88 -1.87 -4.63
CA PRO F 150 43.36 -1.15 -5.82
C PRO F 150 42.48 -1.24 -7.06
N TYR F 151 41.17 -1.41 -6.87
CA TYR F 151 40.25 -1.32 -8.00
C TYR F 151 39.10 -0.41 -7.63
N THR F 152 38.38 0.06 -8.63
CA THR F 152 37.18 0.83 -8.38
C THR F 152 35.98 -0.13 -8.36
N TYR F 153 35.09 0.03 -7.39
CA TYR F 153 33.97 -0.91 -7.24
C TYR F 153 32.81 -0.29 -6.47
N TYR F 154 31.60 -0.75 -6.73
CA TYR F 154 30.45 -0.20 -6.05
C TYR F 154 29.56 -1.28 -5.45
N TYR F 155 28.99 -1.00 -4.29
CA TYR F 155 27.95 -1.86 -3.71
C TYR F 155 26.63 -1.41 -4.28
N HIS F 156 25.83 -2.37 -4.74
CA HIS F 156 24.44 -2.15 -5.17
C HIS F 156 23.51 -3.11 -4.39
N VAL F 157 22.35 -2.60 -3.97
CA VAL F 157 21.32 -3.46 -3.39
C VAL F 157 20.01 -3.31 -4.17
N TYR F 158 19.44 -4.45 -4.60
CA TYR F 158 18.19 -4.44 -5.37
C TYR F 158 17.10 -5.23 -4.67
N GLU F 159 15.87 -4.73 -4.75
CA GLU F 159 14.69 -5.48 -4.33
C GLU F 159 13.76 -5.74 -5.51
N LYS F 160 12.81 -6.66 -5.34
CA LYS F 160 11.83 -6.92 -6.39
C LYS F 160 10.98 -5.69 -6.64
N GLN F 161 10.81 -5.37 -7.91
CA GLN F 161 9.99 -4.26 -8.32
C GLN F 161 8.54 -4.72 -8.16
N GLN F 162 7.69 -3.85 -7.64
CA GLN F 162 6.32 -4.26 -7.41
C GLN F 162 5.61 -4.29 -8.75
N LEU F 163 4.68 -5.22 -8.92
CA LEU F 163 3.87 -5.23 -10.13
C LEU F 163 2.69 -4.29 -10.01
N VAL F 164 2.52 -3.43 -11.00
CA VAL F 164 1.35 -2.57 -11.06
C VAL F 164 0.33 -3.26 -11.98
N PRO F 165 -0.88 -3.52 -11.48
CA PRO F 165 -1.89 -4.29 -12.23
C PRO F 165 -2.39 -3.55 -13.49
N ARG F 166 -2.69 -4.32 -14.52
CA ARG F 166 -3.38 -3.77 -15.68
C ARG F 166 -4.86 -3.57 -15.33
N MET G 1 -39.26 -2.91 34.48
CA MET G 1 -38.15 -2.12 35.03
C MET G 1 -36.80 -2.69 34.59
N ILE G 2 -35.99 -1.86 33.94
CA ILE G 2 -34.65 -2.29 33.53
C ILE G 2 -33.66 -2.14 34.68
N VAL G 3 -33.05 -3.23 35.08
CA VAL G 3 -32.10 -3.23 36.16
C VAL G 3 -30.69 -3.21 35.57
N SER G 4 -29.99 -2.09 35.71
CA SER G 4 -28.70 -1.90 35.03
C SER G 4 -27.49 -1.82 35.98
N PHE G 5 -26.47 -2.61 35.70
CA PHE G 5 -25.19 -2.48 36.39
C PHE G 5 -24.38 -1.37 35.72
N MET G 6 -23.90 -0.42 36.52
CA MET G 6 -22.95 0.58 36.04
C MET G 6 -21.64 0.37 36.78
N VAL G 7 -20.56 0.10 36.05
CA VAL G 7 -19.29 -0.24 36.66
C VAL G 7 -18.08 0.22 35.84
N ALA G 8 -16.98 0.48 36.53
CA ALA G 8 -15.70 0.68 35.88
C ALA G 8 -14.70 -0.25 36.54
N MET G 9 -14.07 -1.11 35.76
CA MET G 9 -13.13 -2.08 36.33
C MET G 9 -11.87 -2.17 35.46
N ASP G 10 -10.80 -2.70 36.04
CA ASP G 10 -9.58 -2.86 35.27
C ASP G 10 -9.48 -4.24 34.68
N GLU G 11 -8.32 -4.60 34.18
CA GLU G 11 -8.13 -5.86 33.48
C GLU G 11 -8.35 -7.07 34.39
N ASN G 12 -8.26 -6.86 35.70
CA ASN G 12 -8.52 -7.94 36.66
C ASN G 12 -9.84 -7.78 37.39
N ARG G 13 -10.72 -6.94 36.85
CA ARG G 13 -12.03 -6.69 37.44
C ARG G 13 -11.92 -5.98 38.79
N VAL G 14 -10.80 -5.32 39.03
CA VAL G 14 -10.68 -4.49 40.22
C VAL G 14 -11.63 -3.32 40.07
N ILE G 15 -12.40 -3.02 41.11
CA ILE G 15 -13.31 -1.87 41.08
C ILE G 15 -13.06 -0.90 42.22
N GLY G 16 -12.10 -1.24 43.08
CA GLY G 16 -11.79 -0.42 44.24
C GLY G 16 -10.50 -0.78 44.95
N LYS G 17 -9.99 0.21 45.69
CA LYS G 17 -8.87 0.04 46.58
C LYS G 17 -9.12 0.93 47.79
N ASP G 18 -9.23 0.34 48.97
CA ASP G 18 -9.50 1.13 50.17
C ASP G 18 -10.67 2.08 49.97
N ASN G 19 -11.79 1.59 49.47
CA ASN G 19 -12.97 2.43 49.24
C ASN G 19 -12.75 3.53 48.20
N ASN G 20 -11.64 3.46 47.49
CA ASN G 20 -11.35 4.46 46.46
C ASN G 20 -11.02 3.81 45.13
N LEU G 21 -11.20 4.56 44.05
CA LEU G 21 -10.79 4.11 42.73
C LEU G 21 -9.28 4.24 42.64
N PRO G 22 -8.60 3.22 42.10
CA PRO G 22 -7.15 3.32 41.91
C PRO G 22 -6.79 4.25 40.75
N TRP G 23 -7.77 4.64 39.93
CA TRP G 23 -7.52 5.55 38.82
C TRP G 23 -8.26 6.87 39.03
N ARG G 24 -7.76 7.94 38.41
CA ARG G 24 -8.52 9.18 38.38
C ARG G 24 -8.85 9.54 36.93
N LEU G 25 -10.08 9.26 36.55
CA LEU G 25 -10.52 9.47 35.18
C LEU G 25 -11.76 10.35 35.16
N PRO G 26 -11.56 11.67 35.27
CA PRO G 26 -12.65 12.66 35.30
C PRO G 26 -13.64 12.46 34.15
N SER G 27 -13.11 12.15 32.97
CA SER G 27 -13.95 11.95 31.81
C SER G 27 -14.89 10.76 31.99
N GLU G 28 -14.38 9.68 32.58
CA GLU G 28 -15.18 8.50 32.88
C GLU G 28 -16.37 8.85 33.79
N LEU G 29 -16.14 9.71 34.78
CA LEU G 29 -17.19 10.12 35.68
C LEU G 29 -18.21 11.04 34.99
N GLN G 30 -17.76 11.78 33.99
CA GLN G 30 -18.66 12.57 33.17
C GLN G 30 -19.59 11.63 32.39
N TYR G 31 -19.05 10.49 31.99
CA TYR G 31 -19.84 9.48 31.28
C TYR G 31 -20.89 8.91 32.23
N VAL G 32 -20.48 8.62 33.46
CA VAL G 32 -21.41 8.13 34.47
C VAL G 32 -22.52 9.13 34.73
N LYS G 33 -22.15 10.40 34.92
CA LYS G 33 -23.15 11.42 35.22
C LYS G 33 -24.14 11.53 34.09
N LYS G 34 -23.60 11.58 32.87
CA LYS G 34 -24.43 11.66 31.68
C LYS G 34 -25.41 10.47 31.55
N THR G 35 -24.89 9.26 31.67
CA THR G 35 -25.67 8.05 31.40
C THR G 35 -26.79 7.85 32.42
N THR G 36 -26.51 8.14 33.70
CA THR G 36 -27.44 7.85 34.78
C THR G 36 -28.39 9.00 35.09
N MET G 37 -28.37 10.02 34.24
CA MET G 37 -29.24 11.18 34.42
C MET G 37 -30.74 10.86 34.40
N GLY G 38 -31.44 11.26 35.45
CA GLY G 38 -32.88 11.08 35.53
C GLY G 38 -33.27 9.66 35.91
N HIS G 39 -32.29 8.90 36.38
CA HIS G 39 -32.53 7.53 36.83
C HIS G 39 -32.02 7.33 38.25
N PRO G 40 -32.68 6.44 39.00
CA PRO G 40 -32.19 6.14 40.34
C PRO G 40 -30.78 5.57 40.26
N LEU G 41 -29.95 5.96 41.23
CA LEU G 41 -28.65 5.34 41.40
C LEU G 41 -28.76 4.54 42.68
N ILE G 42 -28.46 3.25 42.61
CA ILE G 42 -28.48 2.40 43.80
C ILE G 42 -27.05 2.08 44.21
N MET G 43 -26.68 2.45 45.43
CA MET G 43 -25.34 2.14 45.92
C MET G 43 -25.29 1.73 47.40
N GLY G 44 -24.28 0.92 47.74
CA GLY G 44 -24.07 0.54 49.12
C GLY G 44 -23.60 1.76 49.90
N ARG G 45 -23.66 1.68 51.22
CA ARG G 45 -23.29 2.79 52.09
C ARG G 45 -21.82 3.17 51.91
N LYS G 46 -20.92 2.19 51.98
CA LYS G 46 -19.50 2.43 51.79
C LYS G 46 -19.21 3.20 50.51
N ASN G 47 -19.79 2.73 49.41
CA ASN G 47 -19.59 3.38 48.12
C ASN G 47 -20.05 4.83 48.17
N TYR G 48 -21.19 5.07 48.81
CA TYR G 48 -21.72 6.42 48.87
C TYR G 48 -20.83 7.32 49.70
N GLU G 49 -20.39 6.80 50.85
CA GLU G 49 -19.59 7.59 51.77
C GLU G 49 -18.23 7.93 51.17
N ALA G 50 -17.78 7.16 50.20
CA ALA G 50 -16.55 7.47 49.50
C ALA G 50 -16.73 8.59 48.47
N ILE G 51 -17.97 8.81 48.02
CA ILE G 51 -18.26 9.87 47.05
C ILE G 51 -18.49 11.23 47.71
N GLY G 52 -19.07 11.23 48.92
CA GLY G 52 -19.17 12.44 49.71
C GLY G 52 -20.51 13.16 49.73
N ARG G 53 -21.28 13.05 48.65
CA ARG G 53 -22.54 13.80 48.56
C ARG G 53 -23.49 13.20 47.54
N PRO G 54 -24.76 13.59 47.60
CA PRO G 54 -25.76 13.12 46.64
C PRO G 54 -25.47 13.64 45.24
N LEU G 55 -25.14 12.71 44.34
CA LEU G 55 -25.05 13.03 42.93
C LEU G 55 -26.38 13.64 42.53
N PRO G 56 -26.38 14.93 42.17
CA PRO G 56 -27.62 15.64 41.88
C PRO G 56 -28.27 15.18 40.58
N GLY G 57 -29.55 15.49 40.42
CA GLY G 57 -30.26 15.11 39.21
C GLY G 57 -30.60 13.63 39.16
N ARG G 58 -30.59 12.98 40.32
CA ARG G 58 -30.95 11.57 40.41
C ARG G 58 -31.70 11.28 41.69
N ARG G 59 -32.41 10.15 41.71
CA ARG G 59 -32.80 9.54 42.95
C ARG G 59 -31.58 8.77 43.45
N ASN G 60 -30.96 9.26 44.53
CA ASN G 60 -29.89 8.52 45.17
C ASN G 60 -30.49 7.59 46.21
N ILE G 61 -30.31 6.28 46.03
CA ILE G 61 -30.81 5.31 46.99
C ILE G 61 -29.63 4.56 47.61
N ILE G 62 -29.48 4.67 48.92
CA ILE G 62 -28.39 4.03 49.62
C ILE G 62 -28.88 2.71 50.21
N VAL G 63 -28.06 1.67 50.07
CA VAL G 63 -28.47 0.35 50.51
C VAL G 63 -27.65 -0.10 51.70
N THR G 64 -28.32 -0.34 52.81
CA THR G 64 -27.66 -0.75 54.05
C THR G 64 -28.61 -1.51 54.97
N ARG G 65 -28.04 -2.44 55.73
CA ARG G 65 -28.79 -3.22 56.72
C ARG G 65 -29.24 -2.29 57.85
N ASN G 66 -28.59 -1.15 57.96
CA ASN G 66 -28.77 -0.26 59.11
C ASN G 66 -30.08 0.54 59.11
N GLU G 67 -31.06 0.06 59.87
CA GLU G 67 -32.40 0.65 59.89
C GLU G 67 -32.39 2.09 60.41
N GLY G 68 -31.35 2.47 61.12
CA GLY G 68 -31.25 3.81 61.64
C GLY G 68 -30.36 4.73 60.82
N TYR G 69 -29.91 4.26 59.65
CA TYR G 69 -29.06 5.06 58.80
C TYR G 69 -29.86 6.03 57.93
N HIS G 70 -29.50 7.32 58.00
CA HIS G 70 -30.21 8.36 57.24
C HIS G 70 -29.24 9.41 56.70
N VAL G 71 -29.54 9.91 55.50
CA VAL G 71 -28.70 10.90 54.85
C VAL G 71 -29.55 11.92 54.08
N GLU G 72 -29.35 13.20 54.38
CA GLU G 72 -30.10 14.28 53.74
C GLU G 72 -30.01 14.20 52.22
N GLY G 73 -31.17 14.22 51.56
CA GLY G 73 -31.21 14.24 50.11
C GLY G 73 -31.11 12.87 49.45
N CYS G 74 -31.07 11.82 50.26
CA CYS G 74 -31.00 10.45 49.76
C CYS G 74 -32.08 9.60 50.42
N GLU G 75 -32.54 8.58 49.70
CA GLU G 75 -33.47 7.64 50.29
C GLU G 75 -32.66 6.43 50.69
N VAL G 76 -33.09 5.73 51.73
CA VAL G 76 -32.34 4.60 52.25
C VAL G 76 -33.20 3.34 52.20
N ALA G 77 -32.75 2.34 51.45
CA ALA G 77 -33.42 1.03 51.42
C ALA G 77 -32.55 0.01 52.12
N HIS G 78 -33.16 -1.04 52.66
CA HIS G 78 -32.45 -1.97 53.51
C HIS G 78 -32.39 -3.38 52.95
N SER G 79 -32.94 -3.55 51.73
CA SER G 79 -33.10 -4.86 51.10
C SER G 79 -33.34 -4.73 49.61
N VAL G 80 -33.11 -5.81 48.88
CA VAL G 80 -33.45 -5.84 47.46
C VAL G 80 -34.94 -5.54 47.32
N GLU G 81 -35.73 -6.19 48.17
CA GLU G 81 -37.18 -6.03 48.16
C GLU G 81 -37.54 -4.55 48.28
N GLU G 82 -36.90 -3.85 49.21
CA GLU G 82 -37.21 -2.45 49.43
C GLU G 82 -36.80 -1.55 48.24
N VAL G 83 -35.66 -1.85 47.62
CA VAL G 83 -35.28 -1.14 46.40
C VAL G 83 -36.32 -1.33 45.29
N PHE G 84 -36.86 -2.55 45.18
CA PHE G 84 -37.85 -2.79 44.14
C PHE G 84 -39.19 -2.10 44.41
N GLU G 85 -39.61 -2.03 45.68
CA GLU G 85 -40.77 -1.21 46.06
C GLU G 85 -40.55 0.30 45.77
N LEU G 86 -39.43 0.85 46.24
CA LEU G 86 -39.03 2.22 45.93
C LEU G 86 -39.02 2.58 44.43
N CYS G 87 -38.54 1.66 43.60
CA CYS G 87 -38.45 1.91 42.18
C CYS G 87 -39.55 1.25 41.35
N LYS G 88 -40.65 0.88 41.98
CA LYS G 88 -41.70 0.14 41.27
C LYS G 88 -42.20 0.84 40.02
N ASN G 89 -42.12 2.16 39.98
CA ASN G 89 -42.59 2.93 38.83
C ASN G 89 -41.47 3.40 37.91
N GLU G 90 -40.26 2.85 38.10
CA GLU G 90 -39.09 3.32 37.35
C GLU G 90 -38.85 2.57 36.06
N GLU G 91 -38.31 3.30 35.10
CA GLU G 91 -37.99 2.79 33.78
C GLU G 91 -36.72 1.96 33.84
N GLU G 92 -35.71 2.48 34.51
CA GLU G 92 -34.40 1.85 34.55
C GLU G 92 -33.71 2.35 35.81
N ILE G 93 -33.08 1.45 36.55
CA ILE G 93 -32.27 1.84 37.69
C ILE G 93 -30.85 1.40 37.45
N PHE G 94 -29.91 2.14 38.05
CA PHE G 94 -28.50 1.84 37.91
C PHE G 94 -27.90 1.32 39.21
N ILE G 95 -27.49 0.07 39.20
CA ILE G 95 -26.77 -0.51 40.33
C ILE G 95 -25.36 0.02 40.23
N PHE G 96 -24.97 0.82 41.22
CA PHE G 96 -23.77 1.63 41.12
C PHE G 96 -22.62 1.07 41.94
N GLY G 97 -22.83 -0.06 42.60
CA GLY G 97 -21.70 -0.76 43.14
C GLY G 97 -21.43 -0.81 44.63
N GLY G 98 -20.20 -1.26 44.88
CA GLY G 98 -19.91 -2.10 46.00
C GLY G 98 -20.11 -3.48 45.40
N ALA G 99 -19.08 -4.32 45.47
CA ALA G 99 -19.17 -5.72 45.06
C ALA G 99 -20.44 -6.39 45.60
N GLN G 100 -20.71 -6.19 46.89
CA GLN G 100 -21.80 -6.90 47.55
C GLN G 100 -23.15 -6.46 47.04
N ILE G 101 -23.25 -5.20 46.63
CA ILE G 101 -24.48 -4.67 46.05
C ILE G 101 -24.68 -5.27 44.68
N TYR G 102 -23.60 -5.39 43.89
CA TYR G 102 -23.69 -6.07 42.61
C TYR G 102 -24.20 -7.49 42.83
N ASP G 103 -23.60 -8.22 43.78
CA ASP G 103 -24.04 -9.58 44.07
C ASP G 103 -25.53 -9.67 44.39
N LEU G 104 -26.02 -8.78 45.23
CA LEU G 104 -27.44 -8.81 45.60
C LEU G 104 -28.36 -8.67 44.39
N PHE G 105 -27.95 -7.88 43.39
CA PHE G 105 -28.82 -7.61 42.25
C PHE G 105 -28.56 -8.47 41.02
N LEU G 106 -27.58 -9.35 41.13
CA LEU G 106 -27.18 -10.24 40.04
C LEU G 106 -28.32 -11.04 39.40
N PRO G 107 -29.24 -11.58 40.23
CA PRO G 107 -30.33 -12.40 39.69
C PRO G 107 -31.30 -11.61 38.84
N TYR G 108 -31.19 -10.28 38.88
CA TYR G 108 -32.15 -9.41 38.23
C TYR G 108 -31.58 -8.53 37.10
N VAL G 109 -30.27 -8.58 36.91
CA VAL G 109 -29.64 -7.62 35.99
C VAL G 109 -30.06 -7.88 34.53
N ASP G 110 -30.40 -6.80 33.82
CA ASP G 110 -30.89 -6.87 32.45
C ASP G 110 -29.97 -6.23 31.44
N LYS G 111 -29.08 -5.36 31.93
CA LYS G 111 -28.26 -4.52 31.07
C LYS G 111 -26.96 -4.17 31.79
N LEU G 112 -25.84 -4.19 31.09
CA LEU G 112 -24.52 -3.91 31.68
C LEU G 112 -23.81 -2.70 31.04
N TYR G 113 -23.49 -1.70 31.85
CA TYR G 113 -22.67 -0.58 31.40
C TYR G 113 -21.32 -0.72 32.07
N ILE G 114 -20.38 -1.29 31.34
CA ILE G 114 -19.07 -1.61 31.89
C ILE G 114 -17.99 -0.76 31.24
N THR G 115 -17.29 0.05 32.04
CA THR G 115 -16.07 0.71 31.56
C THR G 115 -14.88 -0.22 31.82
N LYS G 116 -14.17 -0.59 30.76
CA LYS G 116 -13.05 -1.50 30.89
C LYS G 116 -11.76 -0.71 30.77
N ILE G 117 -11.01 -0.65 31.87
CA ILE G 117 -9.75 0.10 31.86
C ILE G 117 -8.58 -0.82 31.54
N HIS G 118 -7.81 -0.47 30.52
CA HIS G 118 -6.72 -1.34 30.06
C HIS G 118 -5.42 -1.23 30.89
N HIS G 119 -5.50 -1.57 32.17
CA HIS G 119 -4.35 -1.51 33.09
C HIS G 119 -4.64 -2.46 34.26
N ALA G 120 -3.61 -2.80 35.02
CA ALA G 120 -3.79 -3.58 36.25
C ALA G 120 -3.42 -2.71 37.45
N PHE G 121 -4.37 -2.49 38.35
CA PHE G 121 -4.11 -1.67 39.53
C PHE G 121 -4.01 -2.52 40.76
N GLU G 122 -3.57 -1.93 41.87
CA GLU G 122 -3.68 -2.58 43.17
C GLU G 122 -5.13 -2.46 43.64
N GLY G 123 -5.78 -3.59 43.81
CA GLY G 123 -7.17 -3.61 44.21
C GLY G 123 -7.42 -4.50 45.40
N ASP G 124 -8.53 -4.25 46.10
CA ASP G 124 -8.91 -5.07 47.23
C ASP G 124 -10.38 -5.46 47.11
N THR G 125 -10.99 -5.14 45.98
CA THR G 125 -12.39 -5.47 45.74
C THR G 125 -12.64 -5.62 44.25
N PHE G 126 -13.56 -6.49 43.88
CA PHE G 126 -13.69 -6.89 42.49
C PHE G 126 -15.14 -6.95 42.00
N PHE G 127 -15.30 -6.79 40.69
CA PHE G 127 -16.59 -6.98 40.03
C PHE G 127 -16.83 -8.48 39.84
N PRO G 128 -17.98 -8.97 40.33
CA PRO G 128 -18.29 -10.40 40.24
C PRO G 128 -18.09 -10.94 38.83
N GLU G 129 -17.60 -12.17 38.74
CA GLU G 129 -17.53 -12.85 37.45
C GLU G 129 -18.92 -12.96 36.82
N MET G 130 -18.97 -12.91 35.48
CA MET G 130 -20.22 -13.09 34.74
C MET G 130 -20.00 -13.86 33.44
N ASP G 131 -20.92 -14.77 33.14
CA ASP G 131 -20.88 -15.52 31.90
C ASP G 131 -21.38 -14.65 30.74
N MET G 132 -20.45 -14.07 29.98
CA MET G 132 -20.82 -13.10 28.94
C MET G 132 -21.40 -13.74 27.67
N THR G 133 -21.48 -15.06 27.64
CA THR G 133 -22.09 -15.74 26.51
C THR G 133 -23.60 -15.49 26.48
N ASN G 134 -24.13 -15.03 27.61
CA ASN G 134 -25.55 -14.64 27.69
C ASN G 134 -25.82 -13.21 27.21
N TRP G 135 -24.75 -12.46 26.95
CA TRP G 135 -24.90 -11.03 26.73
C TRP G 135 -24.47 -10.64 25.31
N LYS G 136 -25.08 -9.59 24.79
CA LYS G 136 -24.72 -9.07 23.47
C LYS G 136 -24.28 -7.62 23.63
N GLU G 137 -23.15 -7.27 23.02
CA GLU G 137 -22.73 -5.88 23.05
C GLU G 137 -23.59 -5.06 22.10
N VAL G 138 -24.08 -3.92 22.57
CA VAL G 138 -24.91 -3.06 21.73
C VAL G 138 -24.28 -1.70 21.53
N PHE G 139 -23.24 -1.40 22.31
CA PHE G 139 -22.53 -0.12 22.11
C PHE G 139 -21.12 -0.19 22.67
N VAL G 140 -20.17 0.38 21.94
CA VAL G 140 -18.81 0.50 22.40
C VAL G 140 -18.28 1.89 22.02
N GLU G 141 -17.39 2.42 22.84
CA GLU G 141 -16.73 3.69 22.57
C GLU G 141 -15.44 3.77 23.39
N LYS G 142 -14.37 4.20 22.73
CA LYS G 142 -13.08 4.36 23.37
C LYS G 142 -13.12 5.63 24.22
N GLY G 143 -12.73 5.51 25.47
CA GLY G 143 -12.70 6.67 26.34
C GLY G 143 -11.61 7.65 25.96
N LEU G 144 -11.77 8.88 26.44
CA LEU G 144 -10.82 9.96 26.19
C LEU G 144 -9.56 9.77 27.02
N THR G 145 -8.42 9.55 26.35
CA THR G 145 -7.14 9.43 27.04
C THR G 145 -6.33 10.70 26.78
N ASP G 146 -5.93 11.37 27.85
CA ASP G 146 -5.20 12.62 27.77
C ASP G 146 -4.47 12.88 29.09
N GLU G 147 -3.98 14.11 29.28
CA GLU G 147 -3.22 14.45 30.49
C GLU G 147 -4.00 14.14 31.78
N LYS G 148 -5.30 14.44 31.77
CA LYS G 148 -6.12 14.28 32.97
C LYS G 148 -6.66 12.86 33.11
N ASN G 149 -6.65 12.12 32.01
CA ASN G 149 -7.16 10.75 31.99
C ASN G 149 -6.09 9.86 31.40
N PRO G 150 -5.10 9.49 32.20
CA PRO G 150 -3.88 8.90 31.63
C PRO G 150 -4.08 7.53 30.98
N TYR G 151 -5.03 6.74 31.48
CA TYR G 151 -5.17 5.36 31.02
C TYR G 151 -6.04 5.21 29.78
N THR G 152 -5.88 4.08 29.12
CA THR G 152 -6.70 3.71 27.98
C THR G 152 -7.88 2.89 28.50
N TYR G 153 -9.08 3.34 28.17
CA TYR G 153 -10.30 2.64 28.61
C TYR G 153 -11.40 2.75 27.55
N TYR G 154 -12.36 1.84 27.62
CA TYR G 154 -13.48 1.77 26.69
C TYR G 154 -14.81 1.59 27.44
N TYR G 155 -15.81 2.37 27.07
CA TYR G 155 -17.18 2.13 27.50
C TYR G 155 -17.79 1.01 26.69
N HIS G 156 -18.40 0.04 27.37
CA HIS G 156 -19.16 -1.04 26.74
C HIS G 156 -20.57 -1.11 27.32
N VAL G 157 -21.53 -1.39 26.46
CA VAL G 157 -22.90 -1.60 26.91
C VAL G 157 -23.41 -2.94 26.36
N TYR G 158 -23.89 -3.78 27.26
CA TYR G 158 -24.42 -5.11 26.90
C TYR G 158 -25.89 -5.27 27.33
N GLU G 159 -26.68 -5.90 26.48
CA GLU G 159 -28.03 -6.36 26.82
C GLU G 159 -28.05 -7.86 26.67
N LYS G 160 -29.10 -8.51 27.16
CA LYS G 160 -29.14 -9.96 27.14
C LYS G 160 -29.29 -10.51 25.72
N GLN G 161 -28.55 -11.58 25.43
CA GLN G 161 -28.60 -12.20 24.12
C GLN G 161 -29.98 -12.82 23.92
N GLN G 162 -30.67 -12.40 22.86
CA GLN G 162 -31.97 -12.97 22.55
C GLN G 162 -31.83 -14.35 21.93
N LEU G 163 -32.48 -15.34 22.53
CA LEU G 163 -32.45 -16.69 21.97
C LEU G 163 -33.60 -16.88 21.01
N VAL G 164 -33.29 -17.56 19.90
CA VAL G 164 -34.29 -17.93 18.92
C VAL G 164 -34.83 -19.30 19.31
N PRO G 165 -36.15 -19.38 19.54
CA PRO G 165 -36.76 -20.63 20.01
C PRO G 165 -36.46 -21.82 19.09
N ARG G 166 -36.32 -23.00 19.70
CA ARG G 166 -36.15 -24.23 18.94
C ARG G 166 -37.52 -24.70 18.45
N MET H 1 -2.43 20.17 34.07
CA MET H 1 -0.98 20.37 34.07
C MET H 1 -0.57 21.06 32.80
N ILE H 2 0.46 21.90 32.91
CA ILE H 2 1.05 22.55 31.75
C ILE H 2 2.17 21.66 31.24
N VAL H 3 2.00 21.13 30.03
CA VAL H 3 3.06 20.37 29.40
C VAL H 3 3.94 21.34 28.62
N SER H 4 5.16 21.56 29.11
CA SER H 4 6.09 22.50 28.49
C SER H 4 7.30 21.85 27.84
N PHE H 5 7.67 22.34 26.66
CA PHE H 5 8.94 21.98 26.04
C PHE H 5 10.05 22.92 26.49
N MET H 6 11.15 22.33 26.94
CA MET H 6 12.36 23.09 27.22
C MET H 6 13.39 22.60 26.22
N VAL H 7 13.85 23.50 25.36
CA VAL H 7 14.79 23.15 24.31
C VAL H 7 15.82 24.26 24.05
N ALA H 8 17.00 23.85 23.62
CA ALA H 8 17.99 24.78 23.10
C ALA H 8 18.45 24.27 21.73
N MET H 9 18.34 25.10 20.70
CA MET H 9 18.68 24.64 19.36
C MET H 9 19.36 25.71 18.57
N ASP H 10 20.06 25.32 17.52
CA ASP H 10 20.77 26.28 16.70
C ASP H 10 19.90 26.71 15.51
N GLU H 11 20.45 27.47 14.59
CA GLU H 11 19.66 28.06 13.51
C GLU H 11 19.02 27.02 12.56
N ASN H 12 19.50 25.78 12.62
CA ASN H 12 18.96 24.68 11.84
C ASN H 12 18.29 23.58 12.70
N ARG H 13 17.90 23.94 13.93
CA ARG H 13 17.24 23.03 14.87
C ARG H 13 18.11 21.92 15.47
N VAL H 14 19.43 22.02 15.35
CA VAL H 14 20.28 21.04 16.03
C VAL H 14 20.11 21.12 17.55
N ILE H 15 19.98 19.98 18.20
CA ILE H 15 19.86 19.95 19.65
C ILE H 15 20.89 19.03 20.28
N GLY H 16 21.67 18.35 19.45
CA GLY H 16 22.69 17.46 19.94
C GLY H 16 23.67 17.01 18.86
N LYS H 17 24.86 16.62 19.31
CA LYS H 17 25.86 15.94 18.48
C LYS H 17 26.51 14.88 19.36
N ASP H 18 26.46 13.63 18.93
CA ASP H 18 27.04 12.54 19.72
C ASP H 18 26.53 12.58 21.16
N ASN H 19 25.24 12.87 21.32
CA ASN H 19 24.61 12.90 22.64
C ASN H 19 25.08 14.02 23.55
N ASN H 20 25.81 14.98 22.99
CA ASN H 20 26.22 16.15 23.75
C ASN H 20 25.84 17.46 23.05
N LEU H 21 26.04 18.56 23.76
CA LEU H 21 25.73 19.87 23.19
C LEU H 21 26.92 20.36 22.40
N PRO H 22 26.70 20.74 21.14
CA PRO H 22 27.81 21.25 20.32
C PRO H 22 28.38 22.55 20.90
N TRP H 23 27.59 23.24 21.73
CA TRP H 23 27.98 24.52 22.31
C TRP H 23 28.16 24.40 23.82
N ARG H 24 28.93 25.31 24.39
CA ARG H 24 29.05 25.41 25.84
C ARG H 24 28.55 26.77 26.28
N LEU H 25 27.33 26.81 26.82
CA LEU H 25 26.73 28.04 27.31
C LEU H 25 26.27 27.88 28.76
N PRO H 26 27.18 28.13 29.73
CA PRO H 26 26.78 27.90 31.14
C PRO H 26 25.61 28.79 31.57
N SER H 27 25.56 30.02 31.07
CA SER H 27 24.44 30.91 31.37
C SER H 27 23.10 30.31 30.92
N GLU H 28 23.07 29.72 29.72
CA GLU H 28 21.88 29.07 29.19
C GLU H 28 21.39 28.01 30.18
N LEU H 29 22.33 27.22 30.68
CA LEU H 29 22.02 26.14 31.62
C LEU H 29 21.54 26.71 32.95
N GLN H 30 22.06 27.86 33.36
CA GLN H 30 21.53 28.52 34.55
C GLN H 30 20.09 28.95 34.31
N TYR H 31 19.77 29.35 33.08
CA TYR H 31 18.39 29.70 32.76
C TYR H 31 17.50 28.46 32.87
N VAL H 32 18.00 27.31 32.38
CA VAL H 32 17.26 26.06 32.53
C VAL H 32 17.03 25.71 34.00
N LYS H 33 18.09 25.79 34.82
CA LYS H 33 18.00 25.45 36.24
C LYS H 33 16.96 26.29 36.95
N LYS H 34 17.04 27.59 36.68
CA LYS H 34 16.13 28.56 37.27
C LYS H 34 14.68 28.30 36.86
N THR H 35 14.46 28.19 35.56
CA THR H 35 13.13 27.99 35.01
C THR H 35 12.44 26.72 35.51
N THR H 36 13.20 25.63 35.63
CA THR H 36 12.61 24.36 35.98
C THR H 36 12.60 24.04 37.47
N MET H 37 13.15 24.94 38.29
CA MET H 37 13.20 24.73 39.72
C MET H 37 11.83 24.35 40.28
N GLY H 38 11.77 23.24 41.00
CA GLY H 38 10.53 22.77 41.60
C GLY H 38 9.55 22.09 40.66
N HIS H 39 9.98 21.77 39.44
CA HIS H 39 9.11 21.09 38.49
C HIS H 39 9.75 19.85 37.89
N PRO H 40 8.94 18.82 37.58
CA PRO H 40 9.44 17.61 36.92
C PRO H 40 10.21 17.93 35.64
N LEU H 41 11.36 17.27 35.47
CA LEU H 41 12.14 17.29 34.24
C LEU H 41 11.96 15.93 33.62
N ILE H 42 11.36 15.87 32.44
CA ILE H 42 11.13 14.59 31.79
C ILE H 42 12.12 14.45 30.64
N MET H 43 12.86 13.35 30.61
CA MET H 43 13.86 13.16 29.56
C MET H 43 14.12 11.69 29.25
N GLY H 44 14.60 11.41 28.05
CA GLY H 44 14.94 10.06 27.67
C GLY H 44 16.24 9.59 28.29
N ARG H 45 16.41 8.27 28.37
CA ARG H 45 17.60 7.68 28.96
C ARG H 45 18.91 8.25 28.37
N LYS H 46 19.01 8.30 27.05
CA LYS H 46 20.21 8.85 26.39
C LYS H 46 20.57 10.25 26.90
N ASN H 47 19.59 11.14 26.90
CA ASN H 47 19.73 12.49 27.44
C ASN H 47 20.19 12.46 28.90
N TYR H 48 19.59 11.61 29.72
CA TYR H 48 19.99 11.55 31.11
C TYR H 48 21.41 11.03 31.26
N GLU H 49 21.75 10.01 30.49
CA GLU H 49 23.08 9.41 30.59
C GLU H 49 24.16 10.39 30.16
N ALA H 50 23.79 11.31 29.29
CA ALA H 50 24.73 12.32 28.80
C ALA H 50 25.04 13.37 29.88
N ILE H 51 23.99 13.82 30.57
CA ILE H 51 24.18 14.74 31.70
C ILE H 51 24.91 14.04 32.84
N GLY H 52 24.60 12.76 33.04
CA GLY H 52 25.39 11.92 33.93
C GLY H 52 24.93 11.83 35.38
N ARG H 53 24.05 12.73 35.79
CA ARG H 53 23.54 12.70 37.15
C ARG H 53 22.26 13.55 37.29
N PRO H 54 21.45 13.25 38.31
CA PRO H 54 20.22 14.01 38.47
C PRO H 54 20.49 15.49 38.64
N LEU H 55 19.62 16.34 38.09
CA LEU H 55 19.64 17.76 38.41
C LEU H 55 18.89 17.90 39.72
N PRO H 56 19.58 18.32 40.78
CA PRO H 56 19.02 18.32 42.13
C PRO H 56 17.93 19.39 42.27
N GLY H 57 16.96 19.16 43.15
CA GLY H 57 15.91 20.12 43.40
C GLY H 57 14.83 20.13 42.34
N ARG H 58 14.70 19.02 41.62
CA ARG H 58 13.63 18.78 40.65
C ARG H 58 13.33 17.28 40.67
N ARG H 59 12.09 16.90 40.37
CA ARG H 59 11.78 15.51 40.05
C ARG H 59 12.37 15.21 38.68
N ASN H 60 13.33 14.30 38.63
CA ASN H 60 13.90 13.87 37.37
C ASN H 60 13.18 12.62 36.93
N ILE H 61 12.54 12.66 35.76
CA ILE H 61 11.83 11.48 35.27
C ILE H 61 12.42 11.02 33.94
N ILE H 62 12.92 9.80 33.93
CA ILE H 62 13.55 9.22 32.76
C ILE H 62 12.56 8.36 31.97
N VAL H 63 12.48 8.61 30.68
CA VAL H 63 11.54 7.90 29.82
C VAL H 63 12.26 6.84 29.00
N THR H 64 11.89 5.58 29.22
CA THR H 64 12.49 4.47 28.47
C THR H 64 11.54 3.30 28.30
N ARG H 65 11.67 2.62 27.17
CA ARG H 65 10.91 1.42 26.88
C ARG H 65 11.42 0.25 27.73
N ASN H 66 12.73 0.22 27.93
CA ASN H 66 13.38 -0.84 28.70
C ASN H 66 12.75 -0.99 30.08
N GLU H 67 11.99 -2.08 30.26
CA GLU H 67 11.24 -2.31 31.49
C GLU H 67 12.16 -2.67 32.66
N GLY H 68 13.39 -3.04 32.35
CA GLY H 68 14.34 -3.42 33.37
C GLY H 68 15.31 -2.31 33.68
N TYR H 69 14.91 -1.07 33.41
CA TYR H 69 15.80 0.07 33.65
C TYR H 69 15.45 0.80 34.94
N HIS H 70 16.48 1.06 35.75
CA HIS H 70 16.35 1.83 36.98
C HIS H 70 17.67 2.53 37.28
N VAL H 71 17.60 3.76 37.80
CA VAL H 71 18.79 4.48 38.25
C VAL H 71 18.47 5.33 39.48
N GLU H 72 19.40 5.37 40.43
CA GLU H 72 19.14 6.05 41.70
C GLU H 72 18.93 7.55 41.54
N GLY H 73 17.96 8.07 42.26
CA GLY H 73 17.70 9.50 42.29
C GLY H 73 16.76 10.01 41.21
N CYS H 74 16.28 9.10 40.36
CA CYS H 74 15.33 9.46 39.31
C CYS H 74 14.15 8.49 39.33
N GLU H 75 12.96 8.97 38.97
CA GLU H 75 11.82 8.08 38.72
C GLU H 75 11.81 7.71 37.25
N VAL H 76 11.35 6.49 36.96
CA VAL H 76 11.38 6.01 35.58
C VAL H 76 9.96 5.80 35.07
N ALA H 77 9.67 6.29 33.88
CA ALA H 77 8.40 6.01 33.21
C ALA H 77 8.67 5.33 31.88
N HIS H 78 7.73 4.50 31.44
CA HIS H 78 7.91 3.74 30.20
C HIS H 78 6.95 4.14 29.09
N SER H 79 6.18 5.20 29.33
CA SER H 79 5.17 5.63 28.36
C SER H 79 4.64 7.02 28.69
N VAL H 80 3.98 7.64 27.72
CA VAL H 80 3.39 8.95 27.95
C VAL H 80 2.34 8.81 29.06
N GLU H 81 1.66 7.68 29.05
CA GLU H 81 0.63 7.36 30.03
C GLU H 81 1.19 7.37 31.45
N GLU H 82 2.33 6.71 31.65
CA GLU H 82 2.94 6.64 32.97
C GLU H 82 3.41 8.02 33.44
N VAL H 83 3.87 8.84 32.51
CA VAL H 83 4.30 10.20 32.85
C VAL H 83 3.16 11.07 33.37
N PHE H 84 2.03 11.04 32.67
CA PHE H 84 0.86 11.83 33.08
C PHE H 84 0.27 11.31 34.39
N GLU H 85 0.43 10.01 34.64
CA GLU H 85 0.05 9.44 35.93
C GLU H 85 0.96 9.96 37.05
N LEU H 86 2.27 9.86 36.84
CA LEU H 86 3.26 10.35 37.81
C LEU H 86 3.14 11.85 38.12
N CYS H 87 2.82 12.65 37.12
CA CYS H 87 2.69 14.10 37.27
C CYS H 87 1.22 14.49 37.34
N LYS H 88 0.40 13.49 37.63
CA LYS H 88 -1.02 13.64 37.84
C LYS H 88 -1.39 14.97 38.53
N ASN H 89 -0.63 15.36 39.53
CA ASN H 89 -0.96 16.55 40.31
C ASN H 89 -0.08 17.78 40.05
N GLU H 90 0.87 17.65 39.12
CA GLU H 90 1.85 18.70 38.85
C GLU H 90 1.25 19.91 38.14
N GLU H 91 1.70 21.09 38.52
CA GLU H 91 1.29 22.34 37.90
C GLU H 91 1.90 22.48 36.51
N GLU H 92 3.19 22.20 36.39
CA GLU H 92 3.84 22.30 35.09
C GLU H 92 4.98 21.30 34.99
N ILE H 93 5.13 20.66 33.85
CA ILE H 93 6.22 19.71 33.69
C ILE H 93 7.04 20.11 32.46
N PHE H 94 8.32 19.78 32.48
CA PHE H 94 9.21 20.16 31.39
C PHE H 94 9.78 18.96 30.67
N ILE H 95 9.38 18.81 29.41
CA ILE H 95 9.94 17.79 28.52
C ILE H 95 11.34 18.25 28.09
N PHE H 96 12.37 17.53 28.53
CA PHE H 96 13.74 17.99 28.40
C PHE H 96 14.45 17.38 27.19
N GLY H 97 13.78 16.44 26.54
CA GLY H 97 14.27 16.00 25.26
C GLY H 97 14.91 14.64 25.13
N GLY H 98 15.68 14.55 24.06
CA GLY H 98 15.69 13.42 23.17
C GLY H 98 14.63 13.89 22.16
N ALA H 99 15.00 13.99 20.88
CA ALA H 99 14.02 14.34 19.84
C ALA H 99 12.81 13.40 19.89
N GLN H 100 13.05 12.14 20.16
CA GLN H 100 11.97 11.16 20.23
C GLN H 100 11.04 11.46 21.42
N ILE H 101 11.60 12.00 22.49
CA ILE H 101 10.75 12.42 23.63
C ILE H 101 9.82 13.59 23.25
N TYR H 102 10.37 14.63 22.63
CA TYR H 102 9.53 15.72 22.12
C TYR H 102 8.43 15.14 21.22
N ASP H 103 8.81 14.25 20.30
CA ASP H 103 7.80 13.65 19.41
C ASP H 103 6.68 13.01 20.22
N LEU H 104 7.04 12.30 21.29
CA LEU H 104 6.06 11.62 22.12
C LEU H 104 5.04 12.57 22.78
N PHE H 105 5.49 13.77 23.18
CA PHE H 105 4.61 14.68 23.92
C PHE H 105 4.04 15.80 23.08
N LEU H 106 4.34 15.79 21.78
CA LEU H 106 3.84 16.79 20.84
C LEU H 106 2.30 16.95 20.84
N PRO H 107 1.54 15.86 21.02
CA PRO H 107 0.09 16.02 21.03
C PRO H 107 -0.41 16.77 22.26
N TYR H 108 0.44 16.92 23.27
CA TYR H 108 -0.01 17.45 24.56
C TYR H 108 0.63 18.79 24.93
N VAL H 109 1.56 19.27 24.11
CA VAL H 109 2.36 20.44 24.50
C VAL H 109 1.54 21.73 24.57
N ASP H 110 1.70 22.49 25.65
CA ASP H 110 0.96 23.74 25.85
C ASP H 110 1.82 24.98 25.85
N LYS H 111 3.13 24.81 26.01
CA LYS H 111 4.04 25.93 26.23
C LYS H 111 5.45 25.58 25.74
N LEU H 112 6.10 26.54 25.06
CA LEU H 112 7.40 26.30 24.45
C LEU H 112 8.42 27.28 25.00
N TYR H 113 9.45 26.74 25.65
CA TYR H 113 10.60 27.52 26.11
C TYR H 113 11.76 27.13 25.21
N ILE H 114 12.04 27.97 24.22
CA ILE H 114 13.03 27.63 23.21
C ILE H 114 14.15 28.64 23.22
N THR H 115 15.38 28.18 23.41
CA THR H 115 16.53 29.04 23.28
C THR H 115 17.02 28.90 21.84
N LYS H 116 17.13 30.00 21.11
CA LYS H 116 17.59 29.99 19.71
C LYS H 116 19.01 30.51 19.63
N ILE H 117 19.93 29.63 19.27
CA ILE H 117 21.33 30.02 19.17
C ILE H 117 21.59 30.41 17.72
N HIS H 118 22.11 31.63 17.53
CA HIS H 118 22.35 32.17 16.19
C HIS H 118 23.71 31.71 15.63
N HIS H 119 23.81 30.42 15.34
CA HIS H 119 25.01 29.82 14.76
C HIS H 119 24.60 28.48 14.20
N ALA H 120 25.43 27.92 13.33
CA ALA H 120 25.14 26.63 12.72
C ALA H 120 26.24 25.66 13.13
N PHE H 121 25.89 24.69 13.97
CA PHE H 121 26.88 23.74 14.45
C PHE H 121 26.79 22.45 13.65
N GLU H 122 27.73 21.54 13.89
CA GLU H 122 27.58 20.16 13.43
C GLU H 122 26.70 19.42 14.41
N GLY H 123 25.67 18.76 13.91
CA GLY H 123 24.76 18.01 14.76
C GLY H 123 24.26 16.75 14.09
N ASP H 124 23.59 15.90 14.86
CA ASP H 124 23.10 14.61 14.34
C ASP H 124 21.71 14.30 14.87
N THR H 125 21.15 15.23 15.63
CA THR H 125 19.79 15.10 16.13
C THR H 125 19.13 16.48 16.16
N PHE H 126 17.82 16.52 15.96
CA PHE H 126 17.13 17.79 15.65
C PHE H 126 15.80 18.00 16.38
N PHE H 127 15.57 19.24 16.81
CA PHE H 127 14.26 19.58 17.36
C PHE H 127 13.19 19.43 16.28
N PRO H 128 12.19 18.58 16.52
CA PRO H 128 11.15 18.33 15.51
C PRO H 128 10.54 19.62 14.99
N GLU H 129 10.06 19.58 13.75
CA GLU H 129 9.41 20.75 13.16
C GLU H 129 8.07 21.04 13.83
N MET H 130 7.67 22.32 13.84
CA MET H 130 6.39 22.74 14.41
C MET H 130 5.80 23.89 13.63
N ASP H 131 4.47 23.90 13.50
CA ASP H 131 3.79 25.03 12.88
C ASP H 131 3.60 26.12 13.94
N MET H 132 4.38 27.18 13.84
CA MET H 132 4.38 28.23 14.86
C MET H 132 3.24 29.24 14.73
N THR H 133 2.47 29.14 13.65
CA THR H 133 1.29 30.00 13.50
C THR H 133 0.21 29.66 14.55
N ASN H 134 0.41 28.54 15.24
CA ASN H 134 -0.46 28.14 16.33
C ASN H 134 -0.03 28.75 17.66
N TRP H 135 1.10 29.44 17.66
CA TRP H 135 1.73 29.87 18.89
C TRP H 135 1.96 31.37 18.94
N LYS H 136 1.85 31.94 20.14
CA LYS H 136 2.17 33.34 20.35
C LYS H 136 3.36 33.49 21.28
N GLU H 137 4.30 34.35 20.90
CA GLU H 137 5.41 34.64 21.78
C GLU H 137 4.92 35.47 22.95
N VAL H 138 5.18 35.02 24.16
CA VAL H 138 4.80 35.82 25.33
C VAL H 138 5.98 36.49 26.03
N PHE H 139 7.19 36.05 25.71
CA PHE H 139 8.39 36.63 26.32
C PHE H 139 9.62 36.37 25.43
N VAL H 140 10.59 37.28 25.48
CA VAL H 140 11.84 37.16 24.75
C VAL H 140 12.93 37.93 25.51
N GLU H 141 14.14 37.38 25.52
CA GLU H 141 15.27 38.04 26.14
C GLU H 141 16.56 37.57 25.49
N LYS H 142 17.44 38.52 25.19
CA LYS H 142 18.71 38.20 24.59
C LYS H 142 19.61 37.62 25.68
N GLY H 143 20.17 36.45 25.43
CA GLY H 143 21.02 35.80 26.40
C GLY H 143 22.39 36.46 26.52
N LEU H 144 23.06 36.21 27.63
CA LEU H 144 24.37 36.78 27.88
C LEU H 144 25.43 36.19 26.96
N THR H 145 26.05 37.03 26.13
CA THR H 145 27.20 36.65 25.32
C THR H 145 28.46 37.25 25.91
N ASP H 146 29.38 36.40 26.34
CA ASP H 146 30.65 36.84 26.89
C ASP H 146 31.75 35.80 26.66
N GLU H 147 32.81 35.88 27.45
CA GLU H 147 33.95 34.97 27.37
C GLU H 147 33.55 33.51 27.55
N LYS H 148 32.65 33.25 28.50
CA LYS H 148 32.27 31.87 28.75
C LYS H 148 31.04 31.43 27.96
N ASN H 149 30.28 32.37 27.40
CA ASN H 149 29.11 32.05 26.56
C ASN H 149 29.24 32.75 25.21
N PRO H 150 30.07 32.17 24.31
CA PRO H 150 30.61 32.96 23.19
C PRO H 150 29.60 33.28 22.08
N TYR H 151 28.59 32.43 21.90
CA TYR H 151 27.60 32.64 20.85
C TYR H 151 26.52 33.66 21.22
N THR H 152 25.80 34.10 20.20
CA THR H 152 24.64 34.96 20.38
C THR H 152 23.40 34.06 20.44
N TYR H 153 22.55 34.26 21.44
CA TYR H 153 21.36 33.42 21.59
C TYR H 153 20.24 34.16 22.31
N TYR H 154 19.02 33.70 22.08
CA TYR H 154 17.85 34.34 22.65
C TYR H 154 16.97 33.34 23.37
N TYR H 155 16.40 33.74 24.51
CA TYR H 155 15.37 32.94 25.15
C TYR H 155 14.01 33.33 24.57
N HIS H 156 13.25 32.33 24.13
CA HIS H 156 11.88 32.56 23.65
C HIS H 156 10.88 31.73 24.42
N VAL H 157 9.75 32.33 24.77
CA VAL H 157 8.67 31.59 25.40
C VAL H 157 7.38 31.78 24.62
N TYR H 158 6.72 30.68 24.28
CA TYR H 158 5.50 30.72 23.48
C TYR H 158 4.35 29.99 24.20
N GLU H 159 3.13 30.51 24.07
CA GLU H 159 1.93 29.80 24.49
C GLU H 159 0.97 29.69 23.30
N LYS H 160 -0.04 28.83 23.43
CA LYS H 160 -1.01 28.64 22.35
C LYS H 160 -1.65 29.96 21.95
N GLN H 161 -1.79 30.15 20.64
CA GLN H 161 -2.54 31.26 20.10
C GLN H 161 -4.02 31.03 20.38
N GLN H 162 -4.69 31.99 21.00
CA GLN H 162 -6.12 31.89 21.23
C GLN H 162 -6.87 32.33 19.99
N LEU H 163 -7.69 31.42 19.45
CA LEU H 163 -8.49 31.76 18.28
C LEU H 163 -9.70 32.59 18.73
N VAL H 164 -10.00 33.65 17.98
CA VAL H 164 -11.23 34.40 18.19
C VAL H 164 -12.33 33.72 17.35
N PRO H 165 -13.48 33.41 17.97
CA PRO H 165 -14.53 32.69 17.22
C PRO H 165 -15.01 33.44 15.99
N ARG H 166 -15.23 32.72 14.89
CA ARG H 166 -15.81 33.32 13.71
C ARG H 166 -17.33 33.30 13.82
#